data_6ONA
#
_entry.id   6ONA
#
_cell.length_a   108.560
_cell.length_b   102.250
_cell.length_c   160.950
_cell.angle_alpha   90.000
_cell.angle_beta   91.070
_cell.angle_gamma   90.000
#
_symmetry.space_group_name_H-M   'C 1 2 1'
#
loop_
_entity.id
_entity.type
_entity.pdbx_description
1 polymer Hemagglutinin
2 branched beta-D-mannopyranose-(1-4)-2-acetamido-2-deoxy-beta-D-glucopyranose-(1-4)-2-acetamido-2-deoxy-beta-D-glucopyranose
3 branched 2-acetamido-2-deoxy-beta-D-glucopyranose-(1-4)-2-acetamido-2-deoxy-beta-D-glucopyranose
4 non-polymer 2-acetamido-2-deoxy-beta-D-glucopyranose
5 non-polymer DI(HYDROXYETHYL)ETHER
6 non-polymer 'CHLORIDE ION'
7 water water
#
_entity_poly.entity_id   1
_entity_poly.type   'polypeptide(L)'
_entity_poly.pdbx_seq_one_letter_code
;GSDTICIGYHANNSTDTVDTVLEKNVTVTHSVNLLEDSHNGKLCRLKGIAPLQLGKCNIAGWILGNPECESLLSKRSWSY
IAETPNSENGTCYPGDFADYEELREQLSSVSSFERFEIFPKERSWPNHNINIGVTAACSHAGKSSFYKNLLWLTEKDGSY
PNLNKSYVNKKEKEVLVLWGVHHPSNIENQKTLYRKENAYVSVVSSNYNRRFTPEIAERPKVRGQAGRMNYYWTLLEPGD
TIIFEANGNLIAPWYAFALSRGLGSGIITSNASMDECDTKCQTPQGAINSSLPFQNIHPFTIGECPKYVRSTKLRMVTGL
RNIPSIQSRGLFGAIAGFIEGGWAGMIDGWYGYHHQNEQGSGYAADQKSTQNAINGITNKVNSVIEKMNTQFTAVGKEFN
KLEKRMENLNKKVDDGFLDIWTYNAELLVLLENERTLDFHDSNVKNLYEKVKNQLRNNAKEIGNGCFEFYHKCNNECMES
VKNGTYDYPKYSEEFLVPRGSPGSGYIPEAPRDGQAYVRKDGEWVLLSTFLGHHHHHH
;
_entity_poly.pdbx_strand_id   A,B,C
#
# COMPACT_ATOMS: atom_id res chain seq x y z
N SER A 2 -32.44 47.88 -36.75
CA SER A 2 -31.06 48.16 -36.38
C SER A 2 -30.23 46.89 -36.36
N ASP A 3 -28.95 47.00 -36.72
CA ASP A 3 -28.04 45.88 -36.84
C ASP A 3 -27.55 45.42 -35.47
N THR A 4 -27.17 44.15 -35.39
CA THR A 4 -26.92 43.47 -34.13
C THR A 4 -25.76 42.50 -34.30
N ILE A 5 -24.95 42.36 -33.24
CA ILE A 5 -24.04 41.22 -33.11
C ILE A 5 -24.20 40.68 -31.68
N CYS A 6 -24.25 39.36 -31.56
CA CYS A 6 -24.39 38.70 -30.27
C CYS A 6 -23.21 37.77 -30.03
N ILE A 7 -22.88 37.57 -28.76
CA ILE A 7 -21.87 36.60 -28.32
C ILE A 7 -22.61 35.41 -27.76
N GLY A 8 -22.15 34.20 -28.08
CA GLY A 8 -22.85 33.04 -27.61
C GLY A 8 -21.93 31.85 -27.63
N TYR A 9 -22.51 30.68 -27.36
CA TYR A 9 -21.74 29.45 -27.21
C TYR A 9 -22.51 28.28 -27.81
N HIS A 10 -21.77 27.20 -28.05
CA HIS A 10 -22.24 26.04 -28.80
C HIS A 10 -23.25 25.20 -28.00
N ALA A 11 -24.20 24.61 -28.72
CA ALA A 11 -25.07 23.59 -28.15
C ALA A 11 -25.29 22.51 -29.20
N ASN A 12 -25.62 21.31 -28.75
CA ASN A 12 -25.94 20.27 -29.73
C ASN A 12 -27.02 19.35 -29.15
N ASN A 13 -27.16 18.17 -29.74
CA ASN A 13 -28.14 17.19 -29.31
C ASN A 13 -27.51 16.12 -28.41
N SER A 14 -26.41 16.45 -27.74
CA SER A 14 -25.76 15.47 -26.88
C SER A 14 -26.60 15.25 -25.63
N THR A 15 -26.71 13.99 -25.24
CA THR A 15 -27.33 13.57 -24.00
C THR A 15 -26.31 13.07 -22.96
N ASP A 16 -25.01 13.22 -23.23
CA ASP A 16 -24.00 12.86 -22.23
C ASP A 16 -24.21 13.65 -20.95
N THR A 17 -24.01 13.00 -19.81
CA THR A 17 -23.99 13.70 -18.53
C THR A 17 -22.69 13.44 -17.80
N VAL A 18 -22.31 14.38 -16.92
CA VAL A 18 -21.16 14.21 -16.04
C VAL A 18 -21.56 14.71 -14.66
N ASP A 19 -20.73 14.39 -13.66
CA ASP A 19 -20.89 14.91 -12.32
C ASP A 19 -19.85 16.01 -12.07
N THR A 20 -20.24 17.03 -11.32
CA THR A 20 -19.36 18.12 -10.95
C THR A 20 -19.38 18.25 -9.44
N VAL A 21 -18.49 19.11 -8.92
CA VAL A 21 -18.46 19.35 -7.48
C VAL A 21 -19.81 19.82 -6.98
N LEU A 22 -20.42 20.77 -7.68
CA LEU A 22 -21.63 21.41 -7.19
C LEU A 22 -22.92 20.76 -7.68
N GLU A 23 -22.88 19.90 -8.70
CA GLU A 23 -24.15 19.30 -9.08
C GLU A 23 -23.94 18.01 -9.89
N LYS A 24 -24.87 17.09 -9.69
CA LYS A 24 -24.83 15.81 -10.37
C LYS A 24 -25.58 15.88 -11.69
N ASN A 25 -25.16 15.04 -12.64
CA ASN A 25 -25.95 14.74 -13.82
C ASN A 25 -26.14 15.97 -14.73
N VAL A 26 -25.04 16.66 -15.01
CA VAL A 26 -25.05 17.82 -15.92
C VAL A 26 -24.94 17.33 -17.36
N THR A 27 -25.95 17.65 -18.16
CA THR A 27 -25.89 17.35 -19.59
C THR A 27 -24.87 18.25 -20.28
N VAL A 28 -23.95 17.64 -21.06
CA VAL A 28 -22.85 18.38 -21.68
C VAL A 28 -22.73 18.02 -23.16
N THR A 29 -22.09 18.90 -23.94
CA THR A 29 -22.03 18.68 -25.38
C THR A 29 -21.06 17.58 -25.79
N HIS A 30 -20.03 17.33 -24.98
CA HIS A 30 -19.11 16.22 -25.26
C HIS A 30 -18.36 15.87 -24.00
N SER A 31 -18.04 14.59 -23.87
CA SER A 31 -17.29 14.10 -22.71
C SER A 31 -16.44 12.92 -23.15
N VAL A 32 -15.47 12.58 -22.31
CA VAL A 32 -14.55 11.46 -22.56
C VAL A 32 -14.54 10.53 -21.35
N ASN A 33 -14.46 9.24 -21.61
CA ASN A 33 -14.47 8.24 -20.54
C ASN A 33 -13.05 7.99 -20.05
N LEU A 34 -12.89 7.87 -18.72
CA LEU A 34 -11.61 7.54 -18.09
C LEU A 34 -11.61 6.16 -17.45
N LEU A 35 -12.66 5.38 -17.61
CA LEU A 35 -12.83 4.13 -16.89
C LEU A 35 -13.00 3.01 -17.90
N GLU A 36 -12.08 2.03 -17.86
CA GLU A 36 -12.26 0.80 -18.60
C GLU A 36 -13.30 -0.05 -17.89
N ASP A 37 -14.43 -0.29 -18.54
CA ASP A 37 -15.52 -1.04 -17.94
C ASP A 37 -15.87 -2.28 -18.75
N SER A 38 -15.11 -2.58 -19.80
CA SER A 38 -15.38 -3.75 -20.62
C SER A 38 -14.09 -4.49 -20.92
N HIS A 39 -14.25 -5.75 -21.31
CA HIS A 39 -13.16 -6.66 -21.66
C HIS A 39 -13.55 -7.38 -22.94
N ASN A 40 -12.65 -8.19 -23.49
CA ASN A 40 -12.95 -8.88 -24.72
C ASN A 40 -13.27 -10.36 -24.50
N GLY A 41 -13.48 -10.79 -23.26
CA GLY A 41 -13.81 -12.19 -22.99
C GLY A 41 -12.78 -13.19 -23.46
N LYS A 42 -11.52 -12.75 -23.62
CA LYS A 42 -10.49 -13.55 -24.24
C LYS A 42 -9.22 -13.56 -23.39
N LEU A 43 -8.48 -14.65 -23.51
CA LEU A 43 -7.11 -14.76 -23.01
C LEU A 43 -6.16 -14.34 -24.11
N CYS A 44 -5.40 -13.28 -23.89
CA CYS A 44 -4.52 -12.76 -24.93
C CYS A 44 -3.06 -12.93 -24.54
N ARG A 45 -2.19 -12.72 -25.52
CA ARG A 45 -0.75 -12.67 -25.28
C ARG A 45 -0.35 -11.43 -24.50
N LEU A 46 0.53 -11.63 -23.52
CA LEU A 46 1.25 -10.58 -22.82
C LEU A 46 2.71 -10.60 -23.26
N LYS A 47 3.28 -9.42 -23.50
CA LYS A 47 4.65 -9.31 -24.00
C LYS A 47 4.84 -10.12 -25.28
N GLY A 48 3.75 -10.30 -26.03
CA GLY A 48 3.79 -11.03 -27.28
C GLY A 48 3.84 -12.54 -27.14
N ILE A 49 3.66 -13.08 -25.95
CA ILE A 49 3.77 -14.51 -25.71
C ILE A 49 2.44 -15.02 -25.15
N ALA A 50 1.93 -16.09 -25.74
CA ALA A 50 0.71 -16.72 -25.28
C ALA A 50 0.87 -17.22 -23.84
N PRO A 51 -0.23 -17.38 -23.10
CA PRO A 51 -0.17 -18.04 -21.80
C PRO A 51 -0.11 -19.56 -21.95
N LEU A 52 0.19 -20.20 -20.82
CA LEU A 52 0.11 -21.65 -20.67
C LEU A 52 -1.28 -21.97 -20.13
N GLN A 53 -2.08 -22.67 -20.93
CA GLN A 53 -3.44 -23.04 -20.53
C GLN A 53 -3.44 -24.46 -20.00
N LEU A 54 -3.95 -24.66 -18.79
CA LEU A 54 -3.90 -25.98 -18.18
C LEU A 54 -5.21 -26.75 -18.25
N GLY A 55 -6.36 -26.07 -18.36
CA GLY A 55 -7.61 -26.77 -18.55
C GLY A 55 -8.06 -27.65 -17.39
N LYS A 56 -8.19 -28.96 -17.63
CA LYS A 56 -8.61 -29.89 -16.58
C LYS A 56 -7.57 -30.06 -15.49
N CYS A 57 -6.32 -29.69 -15.75
CA CYS A 57 -5.22 -29.91 -14.83
C CYS A 57 -4.86 -28.63 -14.09
N ASN A 58 -4.32 -28.78 -12.88
CA ASN A 58 -3.65 -27.67 -12.23
C ASN A 58 -2.14 -27.83 -12.41
N ILE A 59 -1.37 -26.95 -11.78
CA ILE A 59 0.07 -26.93 -11.99
C ILE A 59 0.73 -28.20 -11.43
N ALA A 60 0.26 -28.69 -10.29
CA ALA A 60 0.81 -29.94 -9.75
C ALA A 60 0.59 -31.12 -10.71
N GLY A 61 -0.63 -31.26 -11.22
CA GLY A 61 -0.91 -32.35 -12.13
C GLY A 61 -0.11 -32.26 -13.41
N TRP A 62 0.10 -31.05 -13.91
CA TRP A 62 0.86 -30.87 -15.15
C TRP A 62 2.35 -31.06 -14.92
N ILE A 63 2.89 -30.50 -13.84
CA ILE A 63 4.34 -30.57 -13.65
C ILE A 63 4.77 -31.98 -13.25
N LEU A 64 3.95 -32.67 -12.45
CA LEU A 64 4.28 -34.05 -12.10
C LEU A 64 3.96 -35.00 -13.23
N GLY A 65 3.08 -34.61 -14.15
CA GLY A 65 2.68 -35.47 -15.25
C GLY A 65 1.55 -36.41 -14.92
N ASN A 66 0.53 -35.92 -14.18
CA ASN A 66 -0.72 -36.66 -13.98
C ASN A 66 -1.17 -37.24 -15.33
N PRO A 67 -1.50 -38.54 -15.40
CA PRO A 67 -1.72 -39.13 -16.73
C PRO A 67 -2.93 -38.57 -17.45
N GLU A 68 -3.85 -37.89 -16.77
CA GLU A 68 -4.93 -37.14 -17.41
C GLU A 68 -4.48 -35.77 -17.91
N CYS A 69 -3.21 -35.43 -17.74
CA CYS A 69 -2.65 -34.15 -18.15
C CYS A 69 -1.76 -34.33 -19.37
N GLU A 70 -1.80 -33.37 -20.28
CA GLU A 70 -1.00 -33.42 -21.49
C GLU A 70 0.38 -32.81 -21.25
N SER A 71 1.39 -33.39 -21.88
CA SER A 71 2.75 -32.85 -21.84
C SER A 71 2.95 -31.89 -23.01
N LEU A 72 3.64 -30.78 -22.73
CA LEU A 72 3.92 -29.80 -23.76
C LEU A 72 5.04 -30.29 -24.67
N ARG A 76 9.43 -23.83 -25.93
CA ARG A 76 8.17 -23.40 -25.33
C ARG A 76 8.40 -22.31 -24.29
N SER A 77 7.58 -21.27 -24.33
CA SER A 77 7.60 -20.21 -23.34
C SER A 77 6.17 -19.76 -23.09
N TRP A 78 5.98 -18.99 -22.02
CA TRP A 78 4.69 -18.38 -21.73
C TRP A 78 4.89 -17.15 -20.85
N SER A 79 3.90 -16.25 -20.88
CA SER A 79 3.95 -15.01 -20.12
C SER A 79 3.16 -15.05 -18.81
N TYR A 80 2.25 -16.01 -18.67
CA TYR A 80 1.46 -16.21 -17.46
C TYR A 80 0.76 -17.54 -17.65
N ILE A 81 0.14 -18.03 -16.59
CA ILE A 81 -0.55 -19.32 -16.61
C ILE A 81 -2.02 -19.10 -16.37
N ALA A 82 -2.85 -19.82 -17.13
CA ALA A 82 -4.30 -19.80 -16.98
C ALA A 82 -4.78 -21.17 -16.53
N GLU A 83 -5.45 -21.22 -15.38
CA GLU A 83 -6.15 -22.41 -14.93
C GLU A 83 -7.65 -22.18 -15.10
N THR A 84 -8.40 -23.26 -15.25
CA THR A 84 -9.85 -23.13 -15.27
C THR A 84 -10.41 -23.43 -13.88
N PRO A 85 -11.65 -23.04 -13.59
CA PRO A 85 -12.28 -23.48 -12.33
C PRO A 85 -12.41 -24.99 -12.23
N ASN A 86 -12.39 -25.71 -13.36
CA ASN A 86 -12.47 -27.16 -13.39
C ASN A 86 -11.11 -27.84 -13.37
N SER A 87 -10.07 -27.13 -12.90
CA SER A 87 -8.72 -27.71 -12.81
C SER A 87 -8.64 -28.57 -11.56
N GLU A 88 -9.00 -29.86 -11.70
CA GLU A 88 -9.10 -30.77 -10.57
C GLU A 88 -8.27 -32.04 -10.72
N ASN A 89 -7.35 -32.10 -11.69
CA ASN A 89 -6.35 -33.18 -11.77
C ASN A 89 -5.02 -32.62 -11.30
N GLY A 90 -4.60 -33.04 -10.10
CA GLY A 90 -3.34 -32.66 -9.52
C GLY A 90 -2.54 -33.86 -9.06
N THR A 91 -2.36 -34.01 -7.75
CA THR A 91 -1.63 -35.17 -7.21
C THR A 91 -2.61 -36.32 -7.06
N CYS A 92 -2.67 -37.20 -8.07
CA CYS A 92 -3.63 -38.29 -8.02
C CYS A 92 -3.27 -39.32 -6.95
N TYR A 93 -2.00 -39.39 -6.54
CA TYR A 93 -1.65 -40.16 -5.35
C TYR A 93 -1.50 -39.20 -4.19
N PRO A 94 -2.27 -39.37 -3.12
CA PRO A 94 -2.38 -38.30 -2.11
C PRO A 94 -1.09 -38.07 -1.36
N GLY A 95 -0.83 -36.80 -1.04
CA GLY A 95 0.33 -36.45 -0.25
C GLY A 95 0.52 -34.94 -0.22
N ASP A 96 1.67 -34.53 0.34
CA ASP A 96 2.00 -33.12 0.48
C ASP A 96 3.01 -32.70 -0.60
N PHE A 97 2.77 -31.52 -1.17
CA PHE A 97 3.60 -30.95 -2.22
C PHE A 97 4.37 -29.79 -1.60
N ALA A 98 5.66 -30.00 -1.34
CA ALA A 98 6.48 -29.01 -0.65
C ALA A 98 6.52 -27.69 -1.42
N ASP A 99 6.30 -26.60 -0.69
CA ASP A 99 6.44 -25.24 -1.20
C ASP A 99 5.73 -25.11 -2.54
N TYR A 100 4.49 -25.60 -2.57
CA TYR A 100 3.73 -25.68 -3.82
C TYR A 100 3.42 -24.30 -4.35
N GLU A 101 3.00 -23.39 -3.46
CA GLU A 101 2.67 -22.03 -3.91
C GLU A 101 3.90 -21.31 -4.45
N GLU A 102 5.07 -21.53 -3.81
CA GLU A 102 6.32 -20.96 -4.32
C GLU A 102 6.59 -21.44 -5.72
N LEU A 103 6.48 -22.76 -5.95
CA LEU A 103 6.71 -23.31 -7.27
C LEU A 103 5.74 -22.70 -8.28
N ARG A 104 4.45 -22.67 -7.95
CA ARG A 104 3.48 -22.09 -8.88
C ARG A 104 3.89 -20.68 -9.29
N GLU A 105 4.40 -19.89 -8.34
CA GLU A 105 4.81 -18.52 -8.64
C GLU A 105 6.05 -18.49 -9.52
N GLN A 106 7.03 -19.37 -9.21
CA GLN A 106 8.27 -19.35 -9.97
C GLN A 106 8.11 -19.94 -11.37
N LEU A 107 7.07 -20.75 -11.62
CA LEU A 107 6.79 -21.23 -12.96
C LEU A 107 5.90 -20.29 -13.78
N SER A 108 5.40 -19.20 -13.19
CA SER A 108 4.34 -18.44 -13.86
C SER A 108 4.80 -17.74 -15.13
N SER A 109 6.09 -17.46 -15.26
CA SER A 109 6.64 -16.86 -16.47
C SER A 109 7.97 -17.52 -16.76
N VAL A 110 8.13 -18.08 -17.96
CA VAL A 110 9.38 -18.65 -18.40
C VAL A 110 9.65 -18.19 -19.82
N SER A 111 10.93 -17.97 -20.14
CA SER A 111 11.32 -17.54 -21.47
C SER A 111 11.79 -18.69 -22.34
N SER A 112 12.25 -19.78 -21.73
CA SER A 112 12.42 -21.03 -22.44
C SER A 112 12.11 -22.14 -21.45
N PHE A 113 11.73 -23.31 -21.98
CA PHE A 113 11.23 -24.37 -21.12
C PHE A 113 11.22 -25.66 -21.92
N GLU A 114 11.85 -26.72 -21.40
CA GLU A 114 11.87 -27.98 -22.14
C GLU A 114 11.93 -29.16 -21.18
N ARG A 115 11.10 -30.15 -21.46
CA ARG A 115 11.06 -31.38 -20.69
C ARG A 115 12.10 -32.35 -21.25
N PHE A 116 12.96 -32.89 -20.38
CA PHE A 116 13.97 -33.84 -20.83
C PHE A 116 14.14 -34.96 -19.82
N GLU A 117 14.63 -36.10 -20.32
CA GLU A 117 14.82 -37.29 -19.51
C GLU A 117 16.11 -37.16 -18.70
N ILE A 118 15.95 -36.89 -17.40
CA ILE A 118 17.13 -36.65 -16.57
C ILE A 118 17.77 -37.97 -16.18
N PHE A 119 16.96 -38.97 -15.86
CA PHE A 119 17.45 -40.31 -15.56
C PHE A 119 16.69 -41.25 -16.48
N PRO A 120 17.28 -41.63 -17.61
CA PRO A 120 16.62 -42.58 -18.53
C PRO A 120 16.07 -43.77 -17.77
N LYS A 121 14.79 -44.07 -17.98
CA LYS A 121 14.15 -45.17 -17.27
C LYS A 121 14.86 -46.50 -17.51
N GLU A 122 15.23 -46.79 -18.76
CA GLU A 122 15.56 -48.16 -19.12
C GLU A 122 16.89 -48.63 -18.54
N ARG A 123 17.81 -47.73 -18.22
CA ARG A 123 19.15 -48.16 -17.86
C ARG A 123 19.70 -47.50 -16.60
N SER A 124 18.94 -46.61 -15.96
CA SER A 124 19.46 -45.92 -14.79
C SER A 124 19.34 -46.75 -13.52
N TRP A 125 18.51 -47.80 -13.51
CA TRP A 125 18.14 -48.49 -12.27
C TRP A 125 18.29 -49.99 -12.44
N PRO A 126 19.51 -50.47 -12.70
CA PRO A 126 19.70 -51.85 -13.19
C PRO A 126 19.10 -52.97 -12.36
N ASN A 127 19.02 -52.85 -11.04
CA ASN A 127 18.61 -54.01 -10.23
C ASN A 127 17.39 -53.69 -9.39
N HIS A 128 16.47 -52.94 -9.99
CA HIS A 128 15.16 -52.64 -9.44
C HIS A 128 14.14 -52.94 -10.53
N ASN A 129 12.90 -53.22 -10.11
CA ASN A 129 11.82 -53.31 -11.07
C ASN A 129 11.34 -51.91 -11.39
N ILE A 130 11.41 -51.53 -12.68
CA ILE A 130 11.05 -50.18 -13.12
C ILE A 130 9.70 -50.10 -13.82
N ASN A 131 9.03 -51.24 -14.04
CA ASN A 131 7.84 -51.17 -14.88
C ASN A 131 6.57 -51.71 -14.21
N ILE A 132 6.51 -51.74 -12.87
CA ILE A 132 5.25 -52.13 -12.25
C ILE A 132 4.76 -51.08 -11.27
N GLY A 133 5.41 -49.91 -11.25
CA GLY A 133 5.02 -48.85 -10.34
C GLY A 133 3.80 -48.08 -10.83
N VAL A 134 2.61 -48.70 -10.76
CA VAL A 134 1.37 -48.07 -11.19
C VAL A 134 0.32 -48.25 -10.10
N THR A 135 -0.78 -47.50 -10.21
CA THR A 135 -1.75 -47.50 -9.14
C THR A 135 -3.12 -47.09 -9.67
N ALA A 136 -4.17 -47.64 -9.07
CA ALA A 136 -5.52 -47.26 -9.46
C ALA A 136 -5.82 -45.81 -9.11
N ALA A 137 -5.11 -45.23 -8.15
CA ALA A 137 -5.31 -43.83 -7.84
C ALA A 137 -4.87 -42.92 -8.99
N CYS A 138 -4.01 -43.41 -9.88
CA CYS A 138 -3.60 -42.64 -11.06
C CYS A 138 -3.96 -43.39 -12.33
N SER A 139 -5.24 -43.73 -12.49
CA SER A 139 -5.69 -44.50 -13.64
C SER A 139 -5.85 -43.61 -14.86
N HIS A 140 -5.70 -44.23 -16.03
CA HIS A 140 -5.91 -43.54 -17.31
C HIS A 140 -6.31 -44.58 -18.34
N ALA A 141 -7.42 -44.33 -19.05
CA ALA A 141 -7.94 -45.22 -20.08
C ALA A 141 -8.34 -46.58 -19.51
N GLY A 142 -8.82 -46.61 -18.27
CA GLY A 142 -9.25 -47.87 -17.68
C GLY A 142 -8.15 -48.72 -17.09
N LYS A 143 -6.90 -48.24 -17.07
CA LYS A 143 -5.76 -49.00 -16.56
C LYS A 143 -5.06 -48.21 -15.46
N SER A 144 -4.54 -48.93 -14.46
CA SER A 144 -3.67 -48.32 -13.48
C SER A 144 -2.47 -47.69 -14.18
N SER A 145 -2.06 -46.52 -13.72
CA SER A 145 -0.95 -45.83 -14.34
C SER A 145 -0.22 -45.03 -13.25
N PHE A 146 0.53 -44.02 -13.65
CA PHE A 146 1.32 -43.24 -12.72
C PHE A 146 1.74 -41.95 -13.40
N TYR A 147 2.30 -41.03 -12.61
CA TYR A 147 2.90 -39.82 -13.16
C TYR A 147 3.87 -40.15 -14.28
N LYS A 148 3.83 -39.33 -15.34
CA LYS A 148 4.67 -39.49 -16.52
C LYS A 148 6.08 -38.91 -16.33
N ASN A 149 6.30 -38.15 -15.26
CA ASN A 149 7.58 -37.52 -15.02
C ASN A 149 8.35 -38.15 -13.87
N LEU A 150 7.75 -39.11 -13.17
CA LEU A 150 8.35 -39.78 -12.02
C LEU A 150 8.32 -41.29 -12.27
N LEU A 151 9.16 -42.03 -11.55
CA LEU A 151 9.29 -43.47 -11.76
C LEU A 151 9.27 -44.15 -10.41
N TRP A 152 8.28 -45.01 -10.20
CA TRP A 152 8.11 -45.71 -8.93
C TRP A 152 8.94 -46.99 -8.98
N LEU A 153 10.17 -46.93 -8.46
CA LEU A 153 11.02 -48.12 -8.40
C LEU A 153 10.53 -49.07 -7.33
N THR A 154 10.63 -50.38 -7.59
CA THR A 154 10.30 -51.39 -6.59
C THR A 154 11.37 -52.50 -6.62
N GLU A 155 11.33 -53.36 -5.61
CA GLU A 155 12.30 -54.45 -5.48
C GLU A 155 12.28 -55.37 -6.69
N LYS A 156 13.41 -56.01 -6.96
CA LYS A 156 13.54 -57.03 -7.98
C LYS A 156 14.23 -58.26 -7.39
N ASP A 157 13.67 -59.45 -7.64
CA ASP A 157 14.23 -60.73 -7.18
C ASP A 157 14.50 -60.73 -5.68
N GLY A 158 13.71 -60.00 -4.91
CA GLY A 158 13.74 -60.07 -3.47
C GLY A 158 14.61 -59.04 -2.77
N SER A 159 15.07 -58.01 -3.47
CA SER A 159 15.84 -56.98 -2.80
C SER A 159 15.73 -55.67 -3.57
N TYR A 160 16.01 -54.59 -2.85
CA TYR A 160 16.00 -53.23 -3.38
C TYR A 160 17.39 -52.70 -3.00
N PRO A 161 18.37 -52.89 -3.87
CA PRO A 161 19.74 -52.44 -3.55
C PRO A 161 19.80 -50.94 -3.34
N ASN A 162 20.91 -50.50 -2.72
CA ASN A 162 21.12 -49.06 -2.58
C ASN A 162 21.36 -48.47 -3.96
N LEU A 163 20.87 -47.26 -4.17
CA LEU A 163 21.16 -46.57 -5.41
C LEU A 163 21.85 -45.26 -5.10
N ASN A 164 22.50 -44.73 -6.13
CA ASN A 164 23.48 -43.65 -5.96
C ASN A 164 23.65 -43.06 -7.36
N LYS A 165 22.80 -42.07 -7.69
CA LYS A 165 22.73 -41.47 -9.01
C LYS A 165 22.92 -39.97 -8.90
N SER A 166 23.73 -39.43 -9.79
CA SER A 166 23.96 -37.98 -9.86
C SER A 166 23.64 -37.49 -11.27
N TYR A 167 23.24 -36.22 -11.36
CA TYR A 167 23.07 -35.55 -12.63
C TYR A 167 23.77 -34.19 -12.57
N VAL A 168 24.56 -33.88 -13.59
CA VAL A 168 25.25 -32.61 -13.71
C VAL A 168 24.49 -31.72 -14.67
N ASN A 169 24.17 -30.51 -14.22
CA ASN A 169 23.42 -29.55 -15.05
C ASN A 169 24.38 -28.93 -16.05
N LYS A 170 24.38 -29.45 -17.28
CA LYS A 170 25.14 -28.88 -18.38
C LYS A 170 24.27 -28.04 -19.31
N LYS A 171 23.05 -27.68 -18.89
CA LYS A 171 22.04 -27.12 -19.78
C LYS A 171 22.20 -25.63 -20.04
N GLU A 172 23.15 -24.96 -19.39
CA GLU A 172 23.32 -23.52 -19.45
C GLU A 172 22.07 -22.77 -19.00
N LYS A 173 21.21 -23.44 -18.24
CA LYS A 173 19.99 -22.87 -17.67
C LYS A 173 19.74 -23.56 -16.33
N GLU A 174 18.77 -23.04 -15.59
CA GLU A 174 18.27 -23.77 -14.44
C GLU A 174 17.56 -25.05 -14.90
N VAL A 175 17.62 -26.08 -14.05
CA VAL A 175 16.88 -27.31 -14.27
C VAL A 175 16.00 -27.54 -13.07
N LEU A 176 14.70 -27.70 -13.31
CA LEU A 176 13.75 -28.04 -12.26
C LEU A 176 13.70 -29.56 -12.10
N VAL A 177 14.04 -30.05 -10.91
CA VAL A 177 14.06 -31.49 -10.60
C VAL A 177 12.97 -31.75 -9.57
N LEU A 178 12.07 -32.68 -9.87
CA LEU A 178 11.03 -33.11 -8.94
C LEU A 178 11.22 -34.57 -8.56
N TRP A 179 10.81 -34.93 -7.35
CA TRP A 179 10.83 -36.31 -6.93
C TRP A 179 9.79 -36.49 -5.83
N GLY A 180 9.58 -37.76 -5.44
CA GLY A 180 8.70 -38.07 -4.34
C GLY A 180 9.32 -39.06 -3.38
N VAL A 181 8.66 -39.19 -2.24
CA VAL A 181 8.99 -40.19 -1.23
C VAL A 181 7.70 -40.91 -0.87
N HIS A 182 7.72 -42.24 -0.92
CA HIS A 182 6.52 -43.01 -0.63
C HIS A 182 6.48 -43.37 0.84
N HIS A 183 5.32 -43.17 1.47
CA HIS A 183 5.09 -43.53 2.87
C HIS A 183 3.98 -44.57 2.93
N PRO A 184 4.30 -45.87 3.02
CA PRO A 184 3.26 -46.90 2.90
C PRO A 184 2.31 -46.94 4.10
N SER A 185 1.17 -47.60 3.87
CA SER A 185 0.11 -47.71 4.87
C SER A 185 0.38 -48.73 5.96
N ASN A 186 1.24 -49.72 5.71
CA ASN A 186 1.56 -50.75 6.71
C ASN A 186 2.90 -51.37 6.38
N ILE A 187 3.43 -52.17 7.32
CA ILE A 187 4.77 -52.69 7.12
C ILE A 187 4.79 -53.80 6.08
N GLU A 188 3.68 -54.53 5.92
CA GLU A 188 3.64 -55.54 4.88
C GLU A 188 3.87 -54.92 3.51
N ASN A 189 3.25 -53.75 3.25
CA ASN A 189 3.46 -53.08 1.98
C ASN A 189 4.87 -52.53 1.86
N GLN A 190 5.41 -52.00 2.96
CA GLN A 190 6.80 -51.53 2.98
C GLN A 190 7.76 -52.65 2.58
N LYS A 191 7.61 -53.83 3.18
CA LYS A 191 8.50 -54.94 2.86
C LYS A 191 8.26 -55.45 1.45
N THR A 192 6.99 -55.54 1.03
CA THR A 192 6.70 -56.06 -0.31
C THR A 192 7.32 -55.19 -1.38
N LEU A 193 7.23 -53.87 -1.23
CA LEU A 193 7.74 -52.98 -2.26
C LEU A 193 9.25 -52.87 -2.20
N TYR A 194 9.82 -52.76 -1.00
CA TYR A 194 11.20 -52.31 -0.83
C TYR A 194 12.08 -53.26 -0.04
N ARG A 195 11.53 -54.37 0.46
CA ARG A 195 12.29 -55.45 1.12
C ARG A 195 13.15 -54.91 2.26
N LYS A 196 12.52 -54.10 3.12
CA LYS A 196 13.24 -53.27 4.07
C LYS A 196 12.27 -52.53 4.98
N GLU A 197 12.39 -52.69 6.30
CA GLU A 197 11.49 -51.98 7.21
C GLU A 197 11.85 -50.51 7.32
N ASN A 198 13.14 -50.20 7.41
CA ASN A 198 13.59 -48.81 7.60
C ASN A 198 14.49 -48.42 6.44
N ALA A 199 14.05 -47.45 5.66
CA ALA A 199 14.77 -46.97 4.48
C ALA A 199 15.09 -45.49 4.65
N TYR A 200 15.85 -44.96 3.70
CA TYR A 200 16.21 -43.55 3.69
C TYR A 200 16.24 -43.08 2.24
N VAL A 201 16.04 -41.78 2.07
CA VAL A 201 16.23 -41.09 0.80
C VAL A 201 17.05 -39.82 1.06
N SER A 202 18.09 -39.61 0.28
CA SER A 202 18.98 -38.46 0.40
C SER A 202 19.07 -37.75 -0.94
N VAL A 203 18.96 -36.42 -0.91
CA VAL A 203 19.08 -35.58 -2.09
C VAL A 203 19.94 -34.37 -1.73
N VAL A 204 21.01 -34.14 -2.51
CA VAL A 204 21.97 -33.10 -2.21
C VAL A 204 22.43 -32.42 -3.51
N SER A 205 22.70 -31.13 -3.43
CA SER A 205 23.38 -30.41 -4.51
C SER A 205 24.40 -29.45 -3.88
N SER A 206 24.77 -28.38 -4.60
CA SER A 206 25.59 -27.34 -3.98
C SER A 206 24.77 -26.44 -3.06
N ASN A 207 23.48 -26.26 -3.35
CA ASN A 207 22.57 -25.49 -2.51
C ASN A 207 21.71 -26.38 -1.62
N TYR A 208 21.15 -27.43 -2.19
CA TYR A 208 20.14 -28.25 -1.53
C TYR A 208 20.82 -29.38 -0.75
N ASN A 209 20.17 -29.81 0.32
CA ASN A 209 20.73 -30.80 1.22
C ASN A 209 19.65 -31.34 2.15
N ARG A 210 19.05 -32.48 1.83
CA ARG A 210 17.94 -32.97 2.63
C ARG A 210 17.90 -34.49 2.63
N ARG A 211 17.45 -35.04 3.75
CA ARG A 211 17.35 -36.47 3.97
C ARG A 211 15.92 -36.81 4.37
N PHE A 212 15.36 -37.84 3.76
CA PHE A 212 13.96 -38.18 3.94
C PHE A 212 13.84 -39.56 4.57
N THR A 213 12.97 -39.67 5.57
CA THR A 213 12.72 -40.94 6.27
C THR A 213 11.28 -41.35 6.10
N PRO A 214 11.00 -42.46 5.42
CA PRO A 214 9.62 -42.92 5.29
C PRO A 214 9.00 -43.20 6.65
N GLU A 215 7.74 -42.83 6.79
CA GLU A 215 6.96 -43.05 8.00
C GLU A 215 5.79 -43.95 7.66
N ILE A 216 5.67 -45.06 8.38
CA ILE A 216 4.59 -46.03 8.16
C ILE A 216 3.49 -45.75 9.16
N ALA A 217 2.26 -45.62 8.68
CA ALA A 217 1.14 -45.33 9.57
C ALA A 217 -0.18 -45.63 8.86
N GLU A 218 -1.20 -45.92 9.66
CA GLU A 218 -2.57 -46.05 9.16
C GLU A 218 -3.16 -44.66 8.98
N ARG A 219 -3.61 -44.35 7.78
CA ARG A 219 -4.16 -43.05 7.45
C ARG A 219 -5.49 -43.23 6.75
N PRO A 220 -6.43 -42.29 6.92
CA PRO A 220 -7.69 -42.38 6.17
C PRO A 220 -7.43 -42.39 4.68
N LYS A 221 -8.23 -43.19 3.97
CA LYS A 221 -8.01 -43.37 2.55
C LYS A 221 -8.40 -42.12 1.77
N VAL A 222 -7.57 -41.76 0.80
CA VAL A 222 -7.82 -40.68 -0.13
C VAL A 222 -7.57 -41.23 -1.52
N ARG A 223 -8.56 -41.12 -2.41
CA ARG A 223 -8.55 -41.80 -3.71
C ARG A 223 -8.19 -43.27 -3.56
N GLY A 224 -8.70 -43.89 -2.49
CA GLY A 224 -8.50 -45.30 -2.24
C GLY A 224 -7.19 -45.68 -1.59
N GLN A 225 -6.33 -44.73 -1.26
CA GLN A 225 -4.98 -45.01 -0.78
C GLN A 225 -4.83 -44.59 0.66
N ALA A 226 -4.39 -45.52 1.50
CA ALA A 226 -4.00 -45.19 2.87
C ALA A 226 -2.53 -44.84 2.98
N GLY A 227 -1.74 -45.06 1.92
CA GLY A 227 -0.38 -44.54 1.86
C GLY A 227 -0.38 -43.09 1.38
N ARG A 228 0.81 -42.50 1.39
CA ARG A 228 1.00 -41.14 0.89
C ARG A 228 2.30 -41.07 0.11
N MET A 229 2.36 -40.13 -0.83
CA MET A 229 3.62 -39.73 -1.43
C MET A 229 3.78 -38.22 -1.23
N ASN A 230 4.89 -37.82 -0.64
CA ASN A 230 5.24 -36.40 -0.57
C ASN A 230 6.12 -36.04 -1.75
N TYR A 231 5.87 -34.86 -2.31
CA TYR A 231 6.52 -34.38 -3.53
C TYR A 231 7.46 -33.23 -3.19
N TYR A 232 8.60 -33.18 -3.89
CA TYR A 232 9.68 -32.26 -3.56
C TYR A 232 10.29 -31.75 -4.86
N TRP A 233 10.92 -30.59 -4.78
CA TRP A 233 11.51 -30.00 -5.97
C TRP A 233 12.66 -29.09 -5.54
N THR A 234 13.58 -28.88 -6.47
CA THR A 234 14.59 -27.85 -6.31
C THR A 234 14.99 -27.35 -7.69
N LEU A 235 15.56 -26.15 -7.72
CA LEU A 235 16.12 -25.57 -8.95
C LEU A 235 17.63 -25.78 -8.96
N LEU A 236 18.10 -26.53 -9.94
CA LEU A 236 19.51 -26.81 -10.12
C LEU A 236 20.13 -25.74 -10.99
N GLU A 237 21.08 -24.98 -10.43
CA GLU A 237 21.73 -23.89 -11.14
C GLU A 237 22.73 -24.43 -12.16
N PRO A 238 23.05 -23.63 -13.18
CA PRO A 238 23.94 -24.12 -14.24
C PRO A 238 25.28 -24.59 -13.70
N GLY A 239 25.69 -25.78 -14.13
CA GLY A 239 26.95 -26.35 -13.73
C GLY A 239 26.94 -27.12 -12.42
N ASP A 240 25.84 -27.11 -11.68
CA ASP A 240 25.75 -27.80 -10.40
C ASP A 240 25.29 -29.25 -10.60
N THR A 241 25.49 -30.06 -9.57
CA THR A 241 25.19 -31.49 -9.58
C THR A 241 24.21 -31.81 -8.47
N ILE A 242 23.21 -32.63 -8.77
CA ILE A 242 22.30 -33.16 -7.77
C ILE A 242 22.60 -34.65 -7.60
N ILE A 243 22.51 -35.15 -6.37
CA ILE A 243 22.83 -36.54 -6.07
C ILE A 243 21.69 -37.15 -5.25
N PHE A 244 21.12 -38.25 -5.76
CA PHE A 244 20.11 -39.05 -5.08
C PHE A 244 20.72 -40.35 -4.54
N GLU A 245 20.46 -40.63 -3.26
CA GLU A 245 20.86 -41.87 -2.62
C GLU A 245 19.65 -42.44 -1.87
N ALA A 246 19.43 -43.75 -2.00
CA ALA A 246 18.28 -44.37 -1.35
C ALA A 246 18.44 -45.87 -1.28
N ASN A 247 17.77 -46.48 -0.31
CA ASN A 247 17.58 -47.93 -0.31
C ASN A 247 16.10 -48.31 -0.24
N GLY A 248 15.20 -47.36 -0.47
CA GLY A 248 13.77 -47.65 -0.54
C GLY A 248 12.99 -46.36 -0.74
N ASN A 249 11.71 -46.54 -1.10
CA ASN A 249 10.67 -45.51 -1.03
C ASN A 249 10.90 -44.29 -1.92
N LEU A 250 11.83 -44.36 -2.87
CA LEU A 250 12.09 -43.22 -3.74
C LEU A 250 11.15 -43.26 -4.94
N ILE A 251 10.43 -42.15 -5.16
CA ILE A 251 9.72 -41.91 -6.41
C ILE A 251 10.68 -41.04 -7.23
N ALA A 252 11.44 -41.68 -8.07
CA ALA A 252 12.62 -41.09 -8.65
C ALA A 252 12.27 -40.13 -9.77
N PRO A 253 13.11 -39.13 -10.00
CA PRO A 253 12.97 -38.34 -11.23
C PRO A 253 13.10 -39.22 -12.45
N TRP A 254 12.20 -39.00 -13.40
CA TRP A 254 12.35 -39.53 -14.74
C TRP A 254 12.51 -38.40 -15.75
N TYR A 255 11.60 -37.45 -15.77
CA TYR A 255 11.77 -36.26 -16.57
C TYR A 255 11.96 -35.03 -15.68
N ALA A 256 12.78 -34.09 -16.14
CA ALA A 256 12.96 -32.81 -15.45
C ALA A 256 12.84 -31.68 -16.47
N PHE A 257 13.07 -30.44 -16.06
CA PHE A 257 12.81 -29.31 -16.96
C PHE A 257 13.96 -28.32 -16.93
N ALA A 258 14.53 -28.05 -18.11
CA ALA A 258 15.47 -26.96 -18.28
C ALA A 258 14.69 -25.70 -18.65
N LEU A 259 14.92 -24.61 -17.91
CA LEU A 259 14.08 -23.43 -18.06
C LEU A 259 14.85 -22.17 -17.71
N SER A 260 14.42 -21.06 -18.30
CA SER A 260 14.83 -19.72 -17.91
C SER A 260 13.58 -18.99 -17.44
N ARG A 261 13.57 -18.58 -16.18
CA ARG A 261 12.41 -17.88 -15.65
C ARG A 261 12.35 -16.45 -16.18
N GLY A 262 11.11 -15.93 -16.28
CA GLY A 262 10.88 -14.52 -16.51
C GLY A 262 10.54 -13.81 -15.21
N LEU A 263 10.44 -12.50 -15.28
CA LEU A 263 10.21 -11.72 -14.07
C LEU A 263 8.73 -11.71 -13.73
N GLY A 264 8.46 -11.81 -12.42
CA GLY A 264 7.14 -11.70 -11.81
C GLY A 264 5.90 -11.74 -12.69
N SER A 265 5.39 -12.94 -12.99
CA SER A 265 4.05 -13.04 -13.52
C SER A 265 3.18 -13.74 -12.48
N GLY A 266 2.10 -14.35 -12.92
CA GLY A 266 1.19 -15.01 -12.00
C GLY A 266 0.24 -15.94 -12.70
N ILE A 267 -0.78 -16.37 -11.96
CA ILE A 267 -1.74 -17.36 -12.44
C ILE A 267 -3.12 -16.72 -12.47
N ILE A 268 -3.85 -16.95 -13.56
CA ILE A 268 -5.22 -16.49 -13.71
C ILE A 268 -6.14 -17.71 -13.70
N THR A 269 -7.25 -17.63 -12.97
CA THR A 269 -8.30 -18.64 -13.05
C THR A 269 -9.45 -18.07 -13.86
N SER A 270 -9.74 -18.68 -15.00
CA SER A 270 -10.58 -18.03 -15.99
C SER A 270 -11.44 -19.04 -16.75
N ASN A 271 -12.69 -18.63 -17.00
CA ASN A 271 -13.60 -19.24 -17.96
C ASN A 271 -13.34 -18.80 -19.38
N ALA A 272 -12.47 -17.82 -19.60
CA ALA A 272 -12.21 -17.30 -20.93
C ALA A 272 -11.42 -18.29 -21.76
N SER A 273 -11.35 -18.00 -23.07
CA SER A 273 -10.69 -18.85 -24.04
C SER A 273 -9.63 -18.07 -24.79
N MET A 274 -8.53 -18.74 -25.11
CA MET A 274 -7.44 -18.14 -25.87
C MET A 274 -7.90 -17.68 -27.24
N ASP A 275 -7.44 -16.50 -27.65
CA ASP A 275 -7.60 -16.01 -29.02
C ASP A 275 -6.28 -15.43 -29.50
N GLU A 276 -6.24 -15.06 -30.79
CA GLU A 276 -5.04 -14.49 -31.39
C GLU A 276 -5.06 -12.97 -31.23
N CYS A 277 -4.80 -12.53 -30.00
CA CYS A 277 -4.85 -11.13 -29.65
C CYS A 277 -3.69 -10.80 -28.72
N ASP A 278 -3.22 -9.57 -28.81
CA ASP A 278 -2.24 -9.02 -27.89
C ASP A 278 -2.91 -8.04 -26.94
N THR A 279 -2.39 -7.96 -25.72
CA THR A 279 -2.88 -7.00 -24.74
C THR A 279 -1.71 -6.57 -23.87
N LYS A 280 -1.91 -5.48 -23.14
CA LYS A 280 -0.95 -5.14 -22.09
C LYS A 280 -1.47 -5.47 -20.71
N CYS A 281 -2.75 -5.80 -20.58
CA CYS A 281 -3.35 -6.13 -19.29
C CYS A 281 -4.37 -7.23 -19.47
N GLN A 282 -4.24 -8.30 -18.67
CA GLN A 282 -5.11 -9.46 -18.71
C GLN A 282 -5.83 -9.57 -17.36
N THR A 283 -7.14 -9.72 -17.41
CA THR A 283 -7.99 -9.96 -16.25
C THR A 283 -8.59 -11.35 -16.41
N PRO A 284 -9.12 -11.95 -15.33
CA PRO A 284 -9.74 -13.27 -15.47
C PRO A 284 -10.99 -13.26 -16.33
N GLN A 285 -11.60 -12.10 -16.56
CA GLN A 285 -12.76 -12.03 -17.45
C GLN A 285 -12.33 -11.95 -18.91
N GLY A 286 -11.25 -11.23 -19.18
CA GLY A 286 -10.81 -11.00 -20.54
C GLY A 286 -9.74 -9.93 -20.52
N ALA A 287 -9.15 -9.71 -21.69
CA ALA A 287 -8.12 -8.68 -21.80
C ALA A 287 -8.79 -7.32 -21.80
N ILE A 288 -8.08 -6.32 -21.30
CA ILE A 288 -8.62 -4.97 -21.34
C ILE A 288 -7.62 -4.03 -21.99
N ASN A 289 -8.17 -3.00 -22.64
CA ASN A 289 -7.36 -1.89 -23.10
C ASN A 289 -6.67 -1.22 -21.92
N SER A 290 -5.41 -0.82 -22.12
CA SER A 290 -4.63 -0.21 -21.05
C SER A 290 -4.35 1.28 -21.30
N SER A 291 -5.14 1.93 -22.16
CA SER A 291 -4.86 3.34 -22.44
C SER A 291 -5.34 4.25 -21.30
N LEU A 292 -6.43 3.88 -20.62
CA LEU A 292 -7.09 4.70 -19.60
C LEU A 292 -6.53 4.40 -18.21
N PRO A 293 -6.62 5.36 -17.28
CA PRO A 293 -5.96 5.17 -15.97
C PRO A 293 -6.68 4.24 -15.02
N PHE A 294 -7.99 4.00 -15.19
CA PHE A 294 -8.78 3.26 -14.22
C PHE A 294 -9.58 2.14 -14.89
N GLN A 295 -9.85 1.07 -14.12
CA GLN A 295 -10.66 -0.03 -14.59
C GLN A 295 -11.45 -0.59 -13.40
N ASN A 296 -12.65 -1.10 -13.68
CA ASN A 296 -13.51 -1.67 -12.65
C ASN A 296 -13.88 -3.12 -12.97
N ILE A 297 -13.11 -3.76 -13.84
CA ILE A 297 -13.41 -5.13 -14.26
C ILE A 297 -13.03 -6.13 -13.18
N HIS A 298 -11.81 -6.02 -12.61
CA HIS A 298 -11.36 -7.06 -11.68
C HIS A 298 -10.11 -6.63 -10.93
N PRO A 299 -9.98 -6.92 -9.63
CA PRO A 299 -8.74 -6.56 -8.94
C PRO A 299 -7.50 -7.34 -9.36
N PHE A 300 -7.64 -8.58 -9.83
CA PHE A 300 -6.47 -9.48 -9.93
C PHE A 300 -6.02 -9.54 -11.39
N THR A 301 -5.37 -8.47 -11.83
CA THR A 301 -4.90 -8.38 -13.21
C THR A 301 -3.44 -8.79 -13.31
N ILE A 302 -3.00 -9.01 -14.55
CA ILE A 302 -1.60 -9.28 -14.83
C ILE A 302 -1.19 -8.43 -16.03
N GLY A 303 -0.09 -7.70 -15.88
CA GLY A 303 0.43 -6.89 -16.97
C GLY A 303 0.69 -5.46 -16.53
N GLU A 304 0.64 -4.52 -17.46
CA GLU A 304 0.73 -3.09 -17.14
C GLU A 304 -0.68 -2.54 -17.19
N CYS A 305 -1.31 -2.46 -16.04
CA CYS A 305 -2.76 -2.35 -15.96
C CYS A 305 -3.24 -1.00 -15.45
N PRO A 306 -4.45 -0.58 -15.86
CA PRO A 306 -5.11 0.53 -15.15
C PRO A 306 -5.39 0.14 -13.70
N LYS A 307 -5.48 1.14 -12.84
CA LYS A 307 -5.72 0.92 -11.43
C LYS A 307 -7.15 0.48 -11.20
N TYR A 308 -7.34 -0.48 -10.30
CA TYR A 308 -8.66 -1.03 -10.06
C TYR A 308 -9.45 -0.08 -9.15
N VAL A 309 -10.70 0.24 -9.54
CA VAL A 309 -11.56 1.10 -8.75
C VAL A 309 -12.95 0.48 -8.65
N ARG A 310 -13.68 0.90 -7.60
CA ARG A 310 -15.09 0.55 -7.45
C ARG A 310 -16.04 1.35 -8.35
N SER A 311 -15.56 2.42 -9.00
CA SER A 311 -16.46 3.36 -9.66
C SER A 311 -17.25 2.70 -10.79
N THR A 312 -18.44 3.23 -11.06
CA THR A 312 -19.21 2.78 -12.21
C THR A 312 -19.22 3.81 -13.33
N LYS A 313 -18.78 5.04 -13.06
CA LYS A 313 -18.76 6.10 -14.07
C LYS A 313 -17.66 7.10 -13.71
N LEU A 314 -16.75 7.32 -14.65
CA LEU A 314 -15.75 8.38 -14.51
C LEU A 314 -15.66 9.04 -15.89
N ARG A 315 -16.53 10.02 -16.12
CA ARG A 315 -16.56 10.76 -17.38
C ARG A 315 -16.11 12.19 -17.12
N MET A 316 -15.16 12.64 -17.92
CA MET A 316 -14.70 14.03 -17.91
C MET A 316 -15.45 14.81 -18.98
N VAL A 317 -16.00 15.97 -18.64
CA VAL A 317 -16.53 16.84 -19.69
C VAL A 317 -15.35 17.45 -20.45
N THR A 318 -15.44 17.47 -21.77
CA THR A 318 -14.57 18.29 -22.58
C THR A 318 -15.30 19.49 -23.16
N GLY A 319 -16.55 19.28 -23.57
CA GLY A 319 -17.37 20.32 -24.13
C GLY A 319 -18.03 21.20 -23.09
N LEU A 320 -19.09 21.84 -23.52
CA LEU A 320 -19.79 22.84 -22.72
C LEU A 320 -21.01 22.20 -22.10
N ARG A 321 -21.54 22.84 -21.06
CA ARG A 321 -22.84 22.36 -20.60
C ARG A 321 -23.86 22.70 -21.68
N ASN A 322 -24.76 21.77 -21.94
CA ASN A 322 -25.56 21.75 -23.18
C ASN A 322 -26.93 22.34 -22.87
N ILE A 323 -27.20 23.51 -23.41
CA ILE A 323 -28.45 24.25 -23.16
C ILE A 323 -29.13 24.53 -24.49
N PRO A 324 -29.82 23.56 -25.09
CA PRO A 324 -30.48 23.89 -26.36
C PRO A 324 -31.80 24.61 -26.15
N GLY A 330 -20.08 28.34 -14.09
CA GLY A 330 -21.07 29.21 -13.48
C GLY A 330 -20.47 30.38 -12.72
N LEU A 331 -19.18 30.30 -12.41
CA LEU A 331 -18.53 31.33 -11.60
C LEU A 331 -18.53 32.68 -12.30
N PHE A 332 -18.60 32.71 -13.62
CA PHE A 332 -18.45 33.94 -14.38
C PHE A 332 -19.76 34.49 -14.92
N GLY A 333 -20.88 33.81 -14.66
CA GLY A 333 -22.17 34.44 -14.88
C GLY A 333 -22.60 34.61 -16.32
N ALA A 334 -21.89 34.02 -17.28
CA ALA A 334 -22.27 34.13 -18.69
C ALA A 334 -23.12 32.94 -19.14
N ILE A 335 -22.53 31.75 -19.16
CA ILE A 335 -23.23 30.55 -19.61
C ILE A 335 -24.37 30.23 -18.65
N ALA A 336 -25.57 30.04 -19.21
CA ALA A 336 -26.79 29.89 -18.41
C ALA A 336 -26.91 31.03 -17.40
N GLY A 337 -26.38 32.19 -17.77
CA GLY A 337 -26.42 33.38 -16.95
C GLY A 337 -27.01 34.51 -17.77
N PHE A 338 -26.25 35.58 -18.05
CA PHE A 338 -26.85 36.61 -18.89
C PHE A 338 -26.93 36.20 -20.35
N ILE A 339 -26.27 35.10 -20.73
CA ILE A 339 -26.52 34.47 -22.02
C ILE A 339 -27.27 33.16 -21.74
N GLU A 340 -28.60 33.21 -21.85
CA GLU A 340 -29.45 32.24 -21.17
C GLU A 340 -29.31 30.83 -21.75
N GLY A 341 -29.13 30.71 -23.06
CA GLY A 341 -29.00 29.40 -23.68
C GLY A 341 -27.94 29.37 -24.75
N GLY A 342 -27.74 28.17 -25.30
CA GLY A 342 -26.76 27.94 -26.32
C GLY A 342 -27.37 27.92 -27.73
N TRP A 343 -26.48 27.99 -28.71
CA TRP A 343 -26.85 28.04 -30.12
C TRP A 343 -26.54 26.69 -30.76
N ALA A 344 -27.57 25.91 -31.08
CA ALA A 344 -27.32 24.71 -31.87
C ALA A 344 -26.99 25.05 -33.32
N GLY A 345 -27.24 26.30 -33.75
CA GLY A 345 -26.89 26.75 -35.08
C GLY A 345 -25.42 27.10 -35.27
N MET A 346 -24.65 27.24 -34.20
CA MET A 346 -23.22 27.48 -34.34
C MET A 346 -22.53 26.13 -34.33
N ILE A 347 -22.18 25.62 -35.52
CA ILE A 347 -21.66 24.27 -35.66
C ILE A 347 -20.14 24.22 -35.80
N ASP A 348 -19.47 25.35 -35.92
CA ASP A 348 -18.06 25.37 -36.28
C ASP A 348 -17.14 25.65 -35.10
N GLY A 349 -17.63 25.62 -33.87
CA GLY A 349 -16.78 25.91 -32.73
C GLY A 349 -17.58 26.07 -31.45
N TRP A 350 -16.86 26.47 -30.41
CA TRP A 350 -17.40 26.51 -29.05
C TRP A 350 -17.97 27.86 -28.65
N TYR A 351 -17.30 28.95 -29.02
CA TYR A 351 -17.75 30.31 -28.70
C TYR A 351 -17.69 31.11 -29.99
N GLY A 352 -18.55 32.11 -30.11
CA GLY A 352 -18.57 32.87 -31.34
C GLY A 352 -19.72 33.86 -31.38
N TYR A 353 -20.12 34.19 -32.59
CA TYR A 353 -20.94 35.36 -32.84
C TYR A 353 -22.17 34.96 -33.63
N HIS A 354 -23.24 35.73 -33.44
CA HIS A 354 -24.36 35.78 -34.37
C HIS A 354 -24.58 37.25 -34.69
N HIS A 355 -24.60 37.58 -35.98
CA HIS A 355 -24.81 38.95 -36.45
C HIS A 355 -26.10 39.02 -37.27
N GLN A 356 -26.58 40.23 -37.45
CA GLN A 356 -27.64 40.48 -38.42
C GLN A 356 -27.51 41.93 -38.89
N ASN A 357 -27.51 42.11 -40.21
CA ASN A 357 -27.56 43.43 -40.81
C ASN A 357 -28.41 43.32 -42.07
N GLU A 358 -28.37 44.36 -42.90
CA GLU A 358 -29.19 44.38 -44.12
C GLU A 358 -28.76 43.31 -45.11
N GLN A 359 -27.54 42.78 -44.98
CA GLN A 359 -27.02 41.74 -45.86
C GLN A 359 -27.32 40.33 -45.36
N GLY A 360 -27.94 40.18 -44.18
CA GLY A 360 -28.33 38.88 -43.70
C GLY A 360 -27.78 38.60 -42.32
N SER A 361 -27.91 37.32 -41.92
CA SER A 361 -27.58 36.86 -40.59
C SER A 361 -26.72 35.60 -40.68
N GLY A 362 -26.10 35.26 -39.56
CA GLY A 362 -25.34 34.02 -39.51
C GLY A 362 -24.49 33.86 -38.27
N TYR A 363 -24.14 32.62 -37.97
CA TYR A 363 -23.27 32.26 -36.86
C TYR A 363 -21.84 32.04 -37.36
N ALA A 364 -20.88 32.41 -36.53
CA ALA A 364 -19.48 32.16 -36.84
C ALA A 364 -18.75 31.96 -35.52
N ALA A 365 -18.09 30.81 -35.36
CA ALA A 365 -17.27 30.64 -34.17
C ALA A 365 -16.15 31.66 -34.16
N ASP A 366 -15.72 32.06 -32.96
CA ASP A 366 -14.45 32.75 -32.81
C ASP A 366 -13.36 31.70 -32.78
N GLN A 367 -12.54 31.64 -33.84
CA GLN A 367 -11.60 30.53 -33.97
C GLN A 367 -10.45 30.66 -32.98
N LYS A 368 -9.98 31.88 -32.70
CA LYS A 368 -8.88 32.04 -31.75
C LYS A 368 -9.28 31.56 -30.36
N SER A 369 -10.46 31.98 -29.89
CA SER A 369 -10.97 31.54 -28.59
C SER A 369 -11.18 30.03 -28.56
N THR A 370 -11.82 29.49 -29.60
CA THR A 370 -12.14 28.07 -29.61
C THR A 370 -10.88 27.20 -29.65
N GLN A 371 -9.90 27.59 -30.47
CA GLN A 371 -8.70 26.76 -30.60
C GLN A 371 -7.88 26.76 -29.32
N ASN A 372 -7.74 27.92 -28.67
CA ASN A 372 -7.02 27.95 -27.40
C ASN A 372 -7.71 27.07 -26.37
N ALA A 373 -9.04 27.09 -26.34
CA ALA A 373 -9.79 26.25 -25.40
C ALA A 373 -9.62 24.77 -25.75
N ILE A 374 -9.66 24.41 -27.03
CA ILE A 374 -9.48 23.02 -27.42
C ILE A 374 -8.10 22.52 -27.00
N ASN A 375 -7.08 23.34 -27.21
CA ASN A 375 -5.72 22.95 -26.83
C ASN A 375 -5.60 22.77 -25.32
N GLY A 376 -6.21 23.68 -24.55
CA GLY A 376 -6.19 23.55 -23.11
C GLY A 376 -6.89 22.31 -22.62
N ILE A 377 -8.09 22.04 -23.15
CA ILE A 377 -8.86 20.88 -22.70
C ILE A 377 -8.17 19.58 -23.11
N THR A 378 -7.56 19.57 -24.31
CA THR A 378 -6.79 18.39 -24.70
C THR A 378 -5.64 18.16 -23.72
N ASN A 379 -4.92 19.22 -23.36
CA ASN A 379 -3.81 19.07 -22.43
C ASN A 379 -4.31 18.59 -21.08
N LYS A 380 -5.50 19.03 -20.68
CA LYS A 380 -6.07 18.60 -19.41
C LYS A 380 -6.37 17.10 -19.43
N VAL A 381 -7.03 16.63 -20.49
CA VAL A 381 -7.37 15.21 -20.57
C VAL A 381 -6.10 14.37 -20.65
N ASN A 382 -5.11 14.83 -21.42
CA ASN A 382 -3.87 14.06 -21.57
C ASN A 382 -3.12 13.94 -20.24
N SER A 383 -3.12 15.00 -19.43
CA SER A 383 -2.44 14.92 -18.15
C SER A 383 -3.09 13.89 -17.24
N VAL A 384 -4.42 13.85 -17.18
CA VAL A 384 -5.11 12.88 -16.34
C VAL A 384 -4.82 11.45 -16.80
N ILE A 385 -4.59 11.25 -18.09
CA ILE A 385 -4.31 9.91 -18.61
C ILE A 385 -2.82 9.60 -18.56
N GLU A 386 -1.98 10.51 -19.04
CA GLU A 386 -0.59 10.16 -19.25
C GLU A 386 0.25 10.26 -17.97
N LYS A 387 -0.17 11.01 -16.95
CA LYS A 387 0.63 11.02 -15.73
C LYS A 387 0.51 9.71 -14.93
N MET A 388 -0.31 8.76 -15.36
CA MET A 388 -0.45 7.49 -14.63
C MET A 388 0.80 6.62 -14.88
N ASN A 389 1.59 6.42 -13.83
CA ASN A 389 2.77 5.55 -13.87
C ASN A 389 2.32 4.11 -13.63
N THR A 390 2.78 3.19 -14.47
CA THR A 390 2.43 1.79 -14.25
C THR A 390 3.63 0.89 -14.56
N GLN A 391 3.57 -0.32 -14.04
CA GLN A 391 4.63 -1.30 -14.18
C GLN A 391 3.99 -2.67 -14.35
N PHE A 392 4.77 -3.62 -14.87
CA PHE A 392 4.26 -4.98 -15.06
C PHE A 392 4.11 -5.64 -13.69
N THR A 393 2.88 -5.99 -13.34
CA THR A 393 2.55 -6.44 -11.99
C THR A 393 1.53 -7.56 -12.11
N ALA A 394 1.75 -8.67 -11.41
CA ALA A 394 0.75 -9.71 -11.20
C ALA A 394 0.16 -9.49 -9.82
N VAL A 395 -1.08 -9.01 -9.76
CA VAL A 395 -1.66 -8.62 -8.48
C VAL A 395 -1.95 -9.84 -7.61
N GLY A 396 -2.48 -10.90 -8.22
CA GLY A 396 -2.98 -12.02 -7.43
C GLY A 396 -1.85 -12.77 -6.74
N LYS A 397 -2.12 -13.23 -5.52
CA LYS A 397 -1.20 -14.10 -4.78
C LYS A 397 -1.98 -15.26 -4.18
N GLU A 398 -1.32 -16.40 -4.00
CA GLU A 398 -1.91 -17.59 -3.42
C GLU A 398 -1.17 -17.95 -2.13
N PHE A 399 -1.94 -18.22 -1.07
CA PHE A 399 -1.40 -18.60 0.22
C PHE A 399 -2.05 -19.89 0.68
N ASN A 400 -1.28 -20.74 1.37
CA ASN A 400 -1.84 -22.02 1.81
C ASN A 400 -2.53 -21.80 3.14
N LYS A 401 -2.97 -22.87 3.76
CA LYS A 401 -3.86 -22.77 4.90
C LYS A 401 -3.16 -22.36 6.19
N LEU A 402 -1.82 -22.34 6.21
CA LEU A 402 -1.06 -21.86 7.35
C LEU A 402 -0.42 -20.48 7.07
N GLU A 403 -0.93 -19.77 6.07
CA GLU A 403 -0.43 -18.43 5.75
C GLU A 403 -1.57 -17.43 5.72
N LYS A 404 -2.53 -17.57 6.64
CA LYS A 404 -3.69 -16.68 6.62
C LYS A 404 -3.30 -15.26 6.97
N ARG A 405 -2.30 -15.07 7.82
CA ARG A 405 -1.84 -13.73 8.17
C ARG A 405 -1.28 -13.02 6.93
N MET A 406 -0.45 -13.72 6.17
CA MET A 406 0.02 -13.20 4.89
C MET A 406 -1.13 -12.98 3.92
N GLU A 407 -2.10 -13.90 3.89
CA GLU A 407 -3.25 -13.68 3.02
C GLU A 407 -3.99 -12.41 3.40
N ASN A 408 -4.19 -12.17 4.71
CA ASN A 408 -4.89 -10.96 5.14
C ASN A 408 -4.05 -9.71 4.95
N LEU A 409 -2.73 -9.80 5.06
CA LEU A 409 -1.91 -8.62 4.77
C LEU A 409 -1.98 -8.25 3.31
N ASN A 410 -1.95 -9.26 2.44
CA ASN A 410 -2.10 -9.02 1.01
C ASN A 410 -3.46 -8.40 0.71
N LYS A 411 -4.53 -8.86 1.39
CA LYS A 411 -5.84 -8.27 1.19
C LYS A 411 -5.89 -6.82 1.70
N LYS A 412 -5.21 -6.53 2.81
CA LYS A 412 -5.16 -5.15 3.28
C LYS A 412 -4.46 -4.25 2.26
N VAL A 413 -3.41 -4.75 1.60
CA VAL A 413 -2.74 -3.99 0.54
C VAL A 413 -3.71 -3.68 -0.60
N ASP A 414 -4.33 -4.72 -1.17
CA ASP A 414 -5.20 -4.50 -2.33
C ASP A 414 -6.41 -3.65 -1.99
N ASP A 415 -7.04 -3.89 -0.84
CA ASP A 415 -8.21 -3.08 -0.47
C ASP A 415 -7.82 -1.64 -0.19
N GLY A 416 -6.62 -1.46 0.39
CA GLY A 416 -6.16 -0.10 0.65
C GLY A 416 -5.95 0.67 -0.63
N PHE A 417 -5.25 0.07 -1.59
CA PHE A 417 -5.11 0.71 -2.90
C PHE A 417 -6.46 0.95 -3.55
N LEU A 418 -7.41 0.02 -3.38
CA LEU A 418 -8.72 0.18 -3.99
C LEU A 418 -9.43 1.41 -3.43
N ASP A 419 -9.38 1.60 -2.11
CA ASP A 419 -10.02 2.75 -1.50
C ASP A 419 -9.33 4.05 -1.90
N ILE A 420 -8.00 4.01 -2.01
CA ILE A 420 -7.25 5.22 -2.36
C ILE A 420 -7.57 5.67 -3.77
N TRP A 421 -7.48 4.73 -4.72
CA TRP A 421 -7.71 5.08 -6.13
C TRP A 421 -9.16 5.41 -6.40
N THR A 422 -10.10 4.76 -5.72
CA THR A 422 -11.52 5.08 -5.97
C THR A 422 -11.85 6.49 -5.50
N TYR A 423 -11.45 6.82 -4.28
CA TYR A 423 -11.70 8.15 -3.73
C TYR A 423 -11.03 9.24 -4.57
N ASN A 424 -9.76 9.05 -4.91
CA ASN A 424 -9.02 10.05 -5.68
C ASN A 424 -9.58 10.21 -7.09
N ALA A 425 -9.89 9.10 -7.77
CA ALA A 425 -10.43 9.20 -9.13
C ALA A 425 -11.79 9.89 -9.13
N GLU A 426 -12.67 9.54 -8.19
CA GLU A 426 -13.99 10.17 -8.15
C GLU A 426 -13.85 11.66 -7.91
N LEU A 427 -13.05 12.04 -6.91
CA LEU A 427 -12.97 13.45 -6.56
C LEU A 427 -12.18 14.24 -7.60
N LEU A 428 -11.16 13.63 -8.20
CA LEU A 428 -10.42 14.30 -9.28
C LEU A 428 -11.35 14.66 -10.44
N VAL A 429 -12.22 13.72 -10.83
CA VAL A 429 -13.12 13.96 -11.95
C VAL A 429 -14.13 15.04 -11.60
N LEU A 430 -14.68 15.01 -10.38
CA LEU A 430 -15.61 16.06 -9.95
C LEU A 430 -14.95 17.42 -10.04
N LEU A 431 -13.70 17.52 -9.57
CA LEU A 431 -13.03 18.83 -9.54
C LEU A 431 -12.64 19.26 -10.95
N GLU A 432 -12.14 18.34 -11.77
CA GLU A 432 -11.76 18.69 -13.14
C GLU A 432 -12.97 19.17 -13.93
N ASN A 433 -14.12 18.55 -13.71
CA ASN A 433 -15.33 18.88 -14.46
C ASN A 433 -15.86 20.26 -14.04
N GLU A 434 -15.78 20.59 -12.75
CA GLU A 434 -16.18 21.93 -12.32
C GLU A 434 -15.31 22.99 -12.97
N ARG A 435 -13.99 22.77 -12.98
CA ARG A 435 -13.05 23.71 -13.56
C ARG A 435 -13.23 23.82 -15.07
N THR A 436 -13.53 22.71 -15.73
CA THR A 436 -13.78 22.78 -17.17
C THR A 436 -14.99 23.63 -17.47
N LEU A 437 -16.08 23.44 -16.72
CA LEU A 437 -17.27 24.23 -16.99
C LEU A 437 -17.04 25.69 -16.65
N ASP A 438 -16.25 25.99 -15.62
CA ASP A 438 -15.92 27.39 -15.30
C ASP A 438 -14.99 28.01 -16.35
N PHE A 439 -14.10 27.19 -16.92
CA PHE A 439 -13.22 27.64 -17.99
C PHE A 439 -14.02 28.11 -19.20
N HIS A 440 -14.98 27.28 -19.64
CA HIS A 440 -15.83 27.67 -20.76
C HIS A 440 -16.62 28.94 -20.43
N ASP A 441 -17.14 29.03 -19.20
CA ASP A 441 -17.88 30.21 -18.75
C ASP A 441 -16.99 31.45 -18.83
N SER A 442 -15.78 31.35 -18.29
CA SER A 442 -14.79 32.43 -18.38
C SER A 442 -14.54 32.83 -19.82
N ASN A 443 -14.40 31.87 -20.72
CA ASN A 443 -14.05 32.18 -22.10
C ASN A 443 -15.18 32.95 -22.78
N VAL A 444 -16.44 32.62 -22.47
CA VAL A 444 -17.56 33.34 -23.07
C VAL A 444 -17.64 34.74 -22.49
N LYS A 445 -17.46 34.88 -21.18
CA LYS A 445 -17.49 36.23 -20.60
C LYS A 445 -16.39 37.10 -21.20
N ASN A 446 -15.16 36.59 -21.27
CA ASN A 446 -14.05 37.39 -21.78
C ASN A 446 -14.27 37.80 -23.24
N LEU A 447 -14.83 36.89 -24.05
CA LEU A 447 -15.18 37.25 -25.42
C LEU A 447 -16.24 38.35 -25.42
N TYR A 448 -17.24 38.23 -24.54
CA TYR A 448 -18.26 39.27 -24.47
C TYR A 448 -17.65 40.62 -24.13
N GLU A 449 -16.72 40.65 -23.15
CA GLU A 449 -16.12 41.94 -22.76
C GLU A 449 -15.22 42.50 -23.85
N LYS A 450 -14.53 41.62 -24.59
CA LYS A 450 -13.69 42.09 -25.68
C LYS A 450 -14.50 42.88 -26.71
N VAL A 451 -15.70 42.39 -27.04
CA VAL A 451 -16.56 43.10 -27.99
C VAL A 451 -17.11 44.38 -27.35
N LYS A 452 -17.54 44.31 -26.09
CA LYS A 452 -18.16 45.47 -25.47
C LYS A 452 -17.20 46.66 -25.41
N ASN A 453 -15.98 46.42 -24.96
CA ASN A 453 -15.01 47.50 -24.90
C ASN A 453 -14.57 47.95 -26.29
N GLN A 454 -14.68 47.06 -27.29
CA GLN A 454 -14.37 47.44 -28.66
C GLN A 454 -15.43 48.33 -29.29
N LEU A 455 -16.69 48.24 -28.85
CA LEU A 455 -17.75 49.06 -29.43
C LEU A 455 -18.06 50.31 -28.62
N ARG A 456 -17.87 50.26 -27.29
CA ARG A 456 -18.15 51.35 -26.36
C ARG A 456 -19.54 51.91 -26.69
N ASN A 457 -19.72 53.23 -26.77
CA ASN A 457 -21.04 53.84 -26.98
C ASN A 457 -21.50 53.86 -28.44
N ASN A 458 -20.82 53.15 -29.35
CA ASN A 458 -21.33 52.93 -30.69
C ASN A 458 -22.44 51.89 -30.75
N ALA A 459 -22.69 51.17 -29.66
CA ALA A 459 -23.78 50.21 -29.63
C ALA A 459 -24.37 50.18 -28.22
N LYS A 460 -25.63 49.74 -28.14
CA LYS A 460 -26.31 49.58 -26.86
C LYS A 460 -26.27 48.11 -26.44
N GLU A 461 -26.07 47.88 -25.13
CA GLU A 461 -26.13 46.53 -24.58
C GLU A 461 -27.57 46.15 -24.31
N ILE A 462 -28.03 45.06 -24.93
CA ILE A 462 -29.41 44.60 -24.76
C ILE A 462 -29.58 43.72 -23.51
N GLY A 463 -28.55 42.98 -23.11
CA GLY A 463 -28.59 42.20 -21.88
C GLY A 463 -28.49 40.69 -22.07
N ASN A 464 -28.68 40.19 -23.29
CA ASN A 464 -28.66 38.77 -23.58
C ASN A 464 -27.39 38.35 -24.31
N GLY A 465 -26.32 39.12 -24.17
CA GLY A 465 -25.13 38.93 -24.97
C GLY A 465 -25.14 39.59 -26.33
N CYS A 466 -26.14 40.41 -26.63
CA CYS A 466 -26.25 41.09 -27.91
C CYS A 466 -26.01 42.59 -27.74
N PHE A 467 -25.41 43.18 -28.77
CA PHE A 467 -25.28 44.62 -28.89
C PHE A 467 -26.11 45.09 -30.08
N GLU A 468 -26.73 46.26 -29.94
CA GLU A 468 -27.48 46.87 -31.03
C GLU A 468 -26.74 48.12 -31.49
N PHE A 469 -26.29 48.10 -32.74
CA PHE A 469 -25.51 49.22 -33.28
C PHE A 469 -26.39 50.46 -33.45
N TYR A 470 -25.79 51.63 -33.23
CA TYR A 470 -26.44 52.90 -33.53
C TYR A 470 -26.21 53.33 -34.98
N HIS A 471 -25.51 52.53 -35.77
CA HIS A 471 -25.15 52.87 -37.13
C HIS A 471 -25.22 51.61 -37.99
N LYS A 472 -25.13 51.80 -39.31
CA LYS A 472 -25.11 50.66 -40.22
C LYS A 472 -23.78 49.93 -40.11
N CYS A 473 -23.85 48.62 -39.88
CA CYS A 473 -22.66 47.79 -39.75
C CYS A 473 -22.76 46.69 -40.80
N ASN A 474 -22.19 46.95 -41.97
CA ASN A 474 -22.22 45.99 -43.08
C ASN A 474 -21.32 44.79 -42.75
N ASN A 475 -21.06 43.95 -43.76
CA ASN A 475 -20.27 42.74 -43.53
C ASN A 475 -18.83 43.04 -43.17
N GLU A 476 -18.24 44.09 -43.77
CA GLU A 476 -16.87 44.45 -43.43
C GLU A 476 -16.78 44.95 -41.98
N CYS A 477 -17.72 45.82 -41.59
CA CYS A 477 -17.79 46.28 -40.21
C CYS A 477 -17.89 45.10 -39.24
N MET A 478 -18.85 44.19 -39.47
CA MET A 478 -18.98 42.99 -38.63
C MET A 478 -17.68 42.20 -38.58
N GLU A 479 -16.99 42.07 -39.71
CA GLU A 479 -15.74 41.31 -39.74
C GLU A 479 -14.67 41.99 -38.90
N SER A 480 -14.66 43.33 -38.87
CA SER A 480 -13.66 44.04 -38.07
C SER A 480 -13.89 43.83 -36.57
N VAL A 481 -15.15 43.72 -36.15
CA VAL A 481 -15.43 43.42 -34.74
C VAL A 481 -14.94 42.02 -34.40
N LYS A 482 -15.31 41.03 -35.22
CA LYS A 482 -14.90 39.65 -34.97
C LYS A 482 -13.39 39.48 -35.08
N ASN A 483 -12.73 40.33 -35.87
CA ASN A 483 -11.28 40.28 -36.02
C ASN A 483 -10.54 41.14 -35.01
N GLY A 484 -11.25 41.95 -34.23
CA GLY A 484 -10.64 42.88 -33.32
C GLY A 484 -10.28 44.22 -33.92
N THR A 485 -10.40 44.38 -35.24
CA THR A 485 -9.92 45.55 -35.95
C THR A 485 -10.97 46.65 -36.11
N TYR A 486 -12.05 46.61 -35.32
CA TYR A 486 -13.09 47.62 -35.41
C TYR A 486 -12.55 48.97 -34.94
N ASP A 487 -12.71 50.00 -35.77
CA ASP A 487 -12.23 51.34 -35.45
C ASP A 487 -13.43 52.22 -35.10
N TYR A 488 -13.61 52.50 -33.81
CA TYR A 488 -14.71 53.33 -33.33
C TYR A 488 -14.68 54.72 -33.94
N SER B 2 -0.40 65.59 -17.05
CA SER B 2 -1.34 64.90 -16.19
C SER B 2 -2.40 64.25 -17.02
N ASP B 3 -1.95 63.36 -17.91
CA ASP B 3 -2.87 62.64 -18.76
C ASP B 3 -3.22 61.24 -18.25
N THR B 4 -2.25 60.41 -17.79
CA THR B 4 -2.56 58.98 -17.68
C THR B 4 -2.08 58.28 -16.41
N ILE B 5 -2.82 57.22 -16.05
CA ILE B 5 -2.41 56.21 -15.07
C ILE B 5 -2.80 54.84 -15.61
N CYS B 6 -1.92 53.86 -15.42
CA CYS B 6 -2.06 52.50 -15.97
C CYS B 6 -1.91 51.46 -14.87
N ILE B 7 -2.65 50.37 -15.01
CA ILE B 7 -2.48 49.20 -14.16
C ILE B 7 -1.65 48.18 -14.93
N GLY B 8 -0.73 47.51 -14.23
CA GLY B 8 0.10 46.54 -14.90
C GLY B 8 0.70 45.59 -13.88
N TYR B 9 1.58 44.73 -14.38
CA TYR B 9 2.15 43.67 -13.56
C TYR B 9 3.62 43.45 -13.91
N HIS B 10 4.28 42.74 -13.01
CA HIS B 10 5.73 42.59 -13.02
C HIS B 10 6.18 41.63 -14.13
N ALA B 11 7.33 41.93 -14.72
CA ALA B 11 8.01 41.00 -15.61
C ALA B 11 9.50 41.08 -15.33
N ASN B 12 10.23 40.01 -15.64
CA ASN B 12 11.66 40.02 -15.45
C ASN B 12 12.32 39.20 -16.56
N ASN B 13 13.60 38.86 -16.37
CA ASN B 13 14.36 38.12 -17.38
C ASN B 13 14.45 36.63 -17.06
N SER B 14 13.55 36.11 -16.23
CA SER B 14 13.56 34.69 -15.88
C SER B 14 13.13 33.84 -17.07
N THR B 15 13.79 32.69 -17.23
CA THR B 15 13.40 31.72 -18.24
C THR B 15 12.90 30.42 -17.61
N ASP B 16 12.56 30.44 -16.33
CA ASP B 16 11.95 29.29 -15.68
C ASP B 16 10.62 28.96 -16.34
N THR B 17 10.34 27.66 -16.45
CA THR B 17 9.05 27.21 -16.95
C THR B 17 8.40 26.25 -15.95
N VAL B 18 7.07 26.24 -15.95
CA VAL B 18 6.28 25.25 -15.22
C VAL B 18 5.21 24.73 -16.17
N ASP B 19 4.58 23.63 -15.78
CA ASP B 19 3.41 23.14 -16.50
C ASP B 19 2.17 23.45 -15.68
N THR B 20 1.05 23.67 -16.36
CA THR B 20 -0.26 23.87 -15.74
C THR B 20 -1.22 22.86 -16.33
N VAL B 21 -2.46 22.88 -15.82
CA VAL B 21 -3.49 22.00 -16.38
C VAL B 21 -3.65 22.23 -17.88
N LEU B 22 -3.70 23.51 -18.29
CA LEU B 22 -4.10 23.82 -19.66
C LEU B 22 -2.94 23.96 -20.63
N GLU B 23 -1.73 24.26 -20.16
CA GLU B 23 -0.64 24.43 -21.11
C GLU B 23 0.68 24.03 -20.46
N LYS B 24 1.56 23.50 -21.29
CA LYS B 24 2.90 23.10 -20.90
C LYS B 24 3.87 24.26 -21.10
N ASN B 25 4.94 24.26 -20.32
CA ASN B 25 6.12 25.11 -20.55
C ASN B 25 5.77 26.61 -20.52
N VAL B 26 5.11 27.04 -19.46
CA VAL B 26 4.75 28.45 -19.27
C VAL B 26 5.92 29.16 -18.58
N THR B 27 6.49 30.15 -19.24
CA THR B 27 7.56 30.93 -18.62
C THR B 27 6.99 31.82 -17.52
N VAL B 28 7.63 31.80 -16.35
CA VAL B 28 7.15 32.50 -15.16
C VAL B 28 8.31 33.27 -14.52
N THR B 29 7.95 34.29 -13.72
CA THR B 29 8.96 35.16 -13.13
C THR B 29 9.70 34.49 -11.97
N HIS B 30 9.08 33.50 -11.31
CA HIS B 30 9.76 32.76 -10.26
C HIS B 30 9.05 31.44 -10.02
N SER B 31 9.82 30.41 -9.66
CA SER B 31 9.23 29.12 -9.35
C SER B 31 10.03 28.47 -8.23
N VAL B 32 9.48 27.40 -7.67
CA VAL B 32 10.08 26.71 -6.55
C VAL B 32 9.98 25.21 -6.80
N ASN B 33 11.01 24.47 -6.40
CA ASN B 33 11.12 23.05 -6.66
C ASN B 33 10.50 22.27 -5.50
N LEU B 34 9.66 21.28 -5.82
CA LEU B 34 9.11 20.39 -4.81
C LEU B 34 9.76 19.01 -4.82
N LEU B 35 10.75 18.80 -5.67
CA LEU B 35 11.28 17.48 -5.95
C LEU B 35 12.76 17.49 -5.58
N GLU B 36 13.12 16.70 -4.59
CA GLU B 36 14.54 16.48 -4.30
C GLU B 36 15.10 15.59 -5.38
N ASP B 37 16.01 16.14 -6.20
CA ASP B 37 16.53 15.46 -7.38
C ASP B 37 18.04 15.31 -7.36
N SER B 38 18.68 15.58 -6.22
CA SER B 38 20.12 15.45 -6.13
C SER B 38 20.46 14.76 -4.83
N HIS B 39 21.66 14.20 -4.77
CA HIS B 39 22.18 13.56 -3.58
C HIS B 39 23.65 13.93 -3.44
N ASN B 40 24.21 13.70 -2.26
CA ASN B 40 25.58 14.15 -2.03
C ASN B 40 26.62 13.07 -2.29
N GLY B 41 26.21 11.88 -2.73
CA GLY B 41 27.16 10.85 -3.08
C GLY B 41 27.94 10.26 -1.93
N LYS B 42 27.45 10.38 -0.70
CA LYS B 42 28.19 9.96 0.47
C LYS B 42 27.30 9.14 1.38
N LEU B 43 27.92 8.33 2.24
CA LEU B 43 27.23 7.69 3.34
C LEU B 43 27.29 8.62 4.55
N CYS B 44 26.13 8.94 5.11
CA CYS B 44 26.07 9.91 6.20
C CYS B 44 25.55 9.26 7.48
N ARG B 45 25.72 9.99 8.59
CA ARG B 45 25.18 9.58 9.88
C ARG B 45 23.66 9.77 9.87
N LEU B 46 22.96 8.83 10.53
CA LEU B 46 21.52 8.87 10.73
C LEU B 46 21.30 8.86 12.23
N LYS B 47 20.42 9.72 12.72
CA LYS B 47 20.20 9.87 14.16
C LYS B 47 21.51 10.17 14.87
N GLY B 48 22.44 10.76 14.13
CA GLY B 48 23.71 11.19 14.70
C GLY B 48 24.75 10.11 14.82
N ILE B 49 24.48 8.92 14.27
CA ILE B 49 25.34 7.75 14.40
C ILE B 49 25.72 7.23 13.01
N ALA B 50 26.99 6.90 12.85
CA ALA B 50 27.50 6.43 11.56
C ALA B 50 27.03 5.00 11.28
N PRO B 51 27.00 4.60 10.00
CA PRO B 51 26.65 3.21 9.67
C PRO B 51 27.82 2.27 9.97
N LEU B 52 27.50 0.99 9.95
CA LEU B 52 28.51 -0.06 9.94
C LEU B 52 28.90 -0.31 8.49
N GLN B 53 30.13 0.03 8.12
CA GLN B 53 30.60 -0.26 6.76
C GLN B 53 31.30 -1.61 6.74
N LEU B 54 30.82 -2.50 5.88
CA LEU B 54 31.36 -3.84 5.81
C LEU B 54 32.35 -4.06 4.68
N GLY B 55 32.33 -3.22 3.64
CA GLY B 55 33.39 -3.26 2.65
C GLY B 55 33.43 -4.56 1.86
N LYS B 56 34.54 -5.29 1.95
CA LYS B 56 34.72 -6.53 1.20
C LYS B 56 33.89 -7.68 1.76
N CYS B 57 33.36 -7.54 2.97
CA CYS B 57 32.60 -8.59 3.63
C CYS B 57 31.12 -8.30 3.59
N ASN B 58 30.31 -9.36 3.74
CA ASN B 58 28.88 -9.25 3.98
C ASN B 58 28.63 -9.57 5.44
N ILE B 59 27.36 -9.52 5.84
CA ILE B 59 27.03 -9.66 7.26
C ILE B 59 27.43 -11.04 7.79
N ALA B 60 27.29 -12.08 6.95
CA ALA B 60 27.69 -13.42 7.36
C ALA B 60 29.19 -13.48 7.63
N GLY B 61 29.99 -12.95 6.70
CA GLY B 61 31.42 -12.97 6.88
C GLY B 61 31.84 -12.19 8.10
N TRP B 62 31.18 -11.06 8.34
CA TRP B 62 31.55 -10.22 9.47
C TRP B 62 31.17 -10.88 10.79
N ILE B 63 29.96 -11.43 10.86
CA ILE B 63 29.44 -11.89 12.14
C ILE B 63 30.06 -13.24 12.53
N LEU B 64 30.37 -14.11 11.55
CA LEU B 64 31.08 -15.35 11.83
C LEU B 64 32.56 -15.12 12.08
N GLY B 65 33.11 -14.02 11.56
CA GLY B 65 34.52 -13.75 11.69
C GLY B 65 35.36 -14.38 10.60
N ASN B 66 34.84 -14.42 9.37
CA ASN B 66 35.63 -14.77 8.19
C ASN B 66 37.00 -14.09 8.31
N PRO B 67 38.10 -14.83 8.14
CA PRO B 67 39.42 -14.24 8.42
C PRO B 67 39.78 -13.07 7.53
N GLU B 68 39.11 -12.90 6.40
CA GLU B 68 39.35 -11.73 5.57
C GLU B 68 38.59 -10.49 6.07
N CYS B 69 37.77 -10.63 7.11
CA CYS B 69 37.02 -9.48 7.67
C CYS B 69 37.65 -8.84 8.91
N LYS B 75 33.26 -0.71 16.22
CA LYS B 75 32.11 0.16 16.45
C LYS B 75 31.26 -0.36 17.60
N ARG B 76 30.89 0.53 18.52
CA ARG B 76 29.97 0.19 19.59
C ARG B 76 28.51 0.34 19.20
N SER B 77 28.20 1.14 18.18
CA SER B 77 26.81 1.34 17.80
C SER B 77 26.78 1.70 16.32
N TRP B 78 25.62 1.50 15.70
CA TRP B 78 25.43 1.93 14.33
C TRP B 78 23.96 2.11 14.03
N SER B 79 23.67 2.96 13.04
CA SER B 79 22.30 3.35 12.70
C SER B 79 21.74 2.62 11.51
N TYR B 80 22.61 2.05 10.67
CA TYR B 80 22.28 1.17 9.55
C TYR B 80 23.56 0.47 9.12
N ILE B 81 23.43 -0.50 8.22
CA ILE B 81 24.57 -1.23 7.70
C ILE B 81 24.73 -0.98 6.21
N ALA B 82 25.96 -0.76 5.78
CA ALA B 82 26.28 -0.51 4.40
C ALA B 82 27.19 -1.62 3.89
N GLU B 83 26.75 -2.30 2.84
CA GLU B 83 27.53 -3.30 2.13
C GLU B 83 27.88 -2.75 0.75
N THR B 84 28.94 -3.25 0.17
CA THR B 84 29.25 -2.85 -1.19
C THR B 84 28.82 -3.94 -2.17
N PRO B 85 28.70 -3.60 -3.46
CA PRO B 85 28.49 -4.66 -4.46
C PRO B 85 29.63 -5.67 -4.54
N ASN B 86 30.80 -5.38 -3.96
CA ASN B 86 31.91 -6.34 -3.88
C ASN B 86 32.03 -6.98 -2.49
N SER B 87 30.92 -7.06 -1.75
CA SER B 87 30.90 -7.69 -0.42
C SER B 87 30.76 -9.21 -0.60
N GLU B 88 31.88 -9.86 -0.95
CA GLU B 88 31.82 -11.31 -1.28
C GLU B 88 32.35 -12.20 -0.15
N ASN B 89 33.05 -11.64 0.83
CA ASN B 89 33.59 -12.47 1.93
C ASN B 89 32.46 -12.81 2.93
N GLY B 90 31.96 -14.05 2.86
CA GLY B 90 30.89 -14.51 3.75
C GLY B 90 31.21 -15.86 4.35
N THR B 91 30.45 -16.90 4.00
CA THR B 91 30.73 -18.25 4.51
C THR B 91 31.83 -18.86 3.67
N CYS B 92 33.08 -18.78 4.14
CA CYS B 92 34.19 -19.32 3.37
C CYS B 92 34.16 -20.85 3.33
N TYR B 93 33.62 -21.49 4.37
CA TYR B 93 33.36 -22.94 4.27
C TYR B 93 31.89 -23.15 3.94
N PRO B 94 31.58 -23.89 2.86
CA PRO B 94 30.20 -23.89 2.34
C PRO B 94 29.18 -24.57 3.25
N GLY B 95 27.95 -24.08 3.19
CA GLY B 95 26.83 -24.61 3.95
C GLY B 95 25.72 -23.59 4.05
N ASP B 96 24.65 -23.98 4.76
CA ASP B 96 23.45 -23.16 4.91
C ASP B 96 23.48 -22.35 6.20
N PHE B 97 23.08 -21.08 6.09
CA PHE B 97 23.02 -20.14 7.22
C PHE B 97 21.55 -19.99 7.59
N ALA B 98 21.15 -20.56 8.73
CA ALA B 98 19.74 -20.53 9.14
C ALA B 98 19.22 -19.10 9.36
N ASP B 99 18.02 -18.84 8.85
CA ASP B 99 17.33 -17.56 9.03
C ASP B 99 18.27 -16.39 8.84
N TYR B 100 19.04 -16.46 7.75
CA TYR B 100 20.06 -15.45 7.50
C TYR B 100 19.44 -14.07 7.29
N GLU B 101 18.40 -13.99 6.47
CA GLU B 101 17.78 -12.68 6.20
C GLU B 101 17.20 -12.06 7.46
N GLU B 102 16.58 -12.88 8.32
CA GLU B 102 16.11 -12.40 9.60
C GLU B 102 17.24 -11.88 10.47
N LEU B 103 18.39 -12.57 10.49
CA LEU B 103 19.52 -12.07 11.28
C LEU B 103 20.02 -10.73 10.76
N ARG B 104 20.15 -10.58 9.43
CA ARG B 104 20.57 -9.30 8.86
C ARG B 104 19.65 -8.19 9.30
N GLU B 105 18.34 -8.44 9.29
CA GLU B 105 17.37 -7.41 9.65
C GLU B 105 17.51 -7.02 11.11
N GLN B 106 17.75 -8.02 11.98
CA GLN B 106 17.80 -7.79 13.41
C GLN B 106 19.10 -7.12 13.83
N LEU B 107 20.16 -7.24 13.03
CA LEU B 107 21.43 -6.57 13.30
C LEU B 107 21.53 -5.18 12.67
N SER B 108 20.49 -4.69 12.00
CA SER B 108 20.66 -3.53 11.14
C SER B 108 20.90 -2.24 11.92
N SER B 109 20.41 -2.16 13.16
CA SER B 109 20.82 -1.05 14.01
C SER B 109 20.91 -1.55 15.44
N VAL B 110 21.99 -1.17 16.11
CA VAL B 110 22.25 -1.56 17.48
C VAL B 110 22.75 -0.33 18.22
N SER B 111 22.24 -0.13 19.43
CA SER B 111 22.63 0.99 20.27
C SER B 111 23.89 0.70 21.07
N SER B 112 24.17 -0.58 21.29
CA SER B 112 25.35 -1.01 22.01
C SER B 112 25.74 -2.36 21.44
N PHE B 113 27.04 -2.63 21.42
CA PHE B 113 27.53 -3.85 20.76
C PHE B 113 28.90 -4.20 21.32
N GLU B 114 29.06 -5.45 21.76
CA GLU B 114 30.29 -5.85 22.45
C GLU B 114 30.57 -7.31 22.12
N ARG B 115 31.66 -7.55 21.41
CA ARG B 115 32.15 -8.91 21.18
C ARG B 115 32.91 -9.38 22.40
N PHE B 116 32.62 -10.60 22.88
CA PHE B 116 33.29 -11.14 24.06
C PHE B 116 33.50 -12.64 23.90
N GLU B 117 34.47 -13.18 24.63
CA GLU B 117 34.86 -14.58 24.50
C GLU B 117 33.92 -15.42 25.32
N ILE B 118 32.88 -15.97 24.67
CA ILE B 118 31.84 -16.69 25.42
C ILE B 118 32.38 -18.00 25.98
N PHE B 119 33.16 -18.74 25.19
CA PHE B 119 33.80 -19.99 25.64
C PHE B 119 35.30 -19.85 25.39
N PRO B 120 36.07 -19.40 26.40
CA PRO B 120 37.52 -19.18 26.22
C PRO B 120 38.23 -20.38 25.64
N LYS B 121 38.93 -20.18 24.51
CA LYS B 121 39.46 -21.28 23.74
C LYS B 121 40.34 -22.22 24.56
N GLU B 122 41.22 -21.66 25.41
CA GLU B 122 42.25 -22.47 26.06
C GLU B 122 41.75 -23.22 27.27
N ARG B 123 40.57 -22.89 27.79
CA ARG B 123 40.10 -23.47 29.04
C ARG B 123 38.80 -24.27 28.91
N SER B 124 38.07 -24.13 27.83
CA SER B 124 36.73 -24.71 27.78
C SER B 124 36.69 -26.16 27.31
N TRP B 125 37.71 -26.64 26.60
CA TRP B 125 37.63 -27.92 25.88
C TRP B 125 38.82 -28.80 26.19
N PRO B 126 38.97 -29.22 27.45
CA PRO B 126 40.25 -29.84 27.87
C PRO B 126 40.61 -31.12 27.14
N ASN B 127 39.65 -31.85 26.61
CA ASN B 127 39.94 -33.17 26.07
C ASN B 127 39.75 -33.27 24.57
N HIS B 128 39.83 -32.13 23.88
CA HIS B 128 39.73 -32.08 22.43
C HIS B 128 40.92 -31.31 21.90
N ASN B 129 41.22 -31.48 20.63
CA ASN B 129 42.27 -30.72 19.97
C ASN B 129 41.64 -29.41 19.50
N ILE B 130 42.14 -28.27 20.01
CA ILE B 130 41.52 -26.99 19.74
C ILE B 130 42.27 -26.16 18.72
N ASN B 131 43.38 -26.65 18.17
CA ASN B 131 44.22 -25.76 17.38
C ASN B 131 44.53 -26.24 15.97
N ILE B 132 43.83 -27.24 15.44
CA ILE B 132 44.11 -27.66 14.07
C ILE B 132 42.87 -27.59 13.18
N GLY B 133 41.79 -27.00 13.68
CA GLY B 133 40.56 -26.87 12.91
C GLY B 133 40.62 -25.70 11.94
N VAL B 134 41.46 -25.85 10.91
CA VAL B 134 41.63 -24.84 9.87
C VAL B 134 41.40 -25.50 8.51
N THR B 135 41.25 -24.67 7.48
CA THR B 135 40.94 -25.22 6.17
C THR B 135 41.41 -24.24 5.12
N ALA B 136 41.80 -24.77 3.95
CA ALA B 136 42.19 -23.90 2.85
C ALA B 136 41.01 -23.10 2.29
N ALA B 137 39.77 -23.54 2.54
CA ALA B 137 38.60 -22.76 2.11
C ALA B 137 38.53 -21.43 2.84
N CYS B 138 39.11 -21.37 4.02
CA CYS B 138 39.09 -20.15 4.82
C CYS B 138 40.50 -19.63 5.03
N SER B 139 41.21 -19.39 3.94
CA SER B 139 42.61 -18.98 4.05
C SER B 139 42.74 -17.48 4.28
N HIS B 140 43.84 -17.11 4.93
CA HIS B 140 44.23 -15.72 5.11
C HIS B 140 45.75 -15.63 5.11
N ALA B 141 46.29 -14.68 4.33
CA ALA B 141 47.73 -14.42 4.28
C ALA B 141 48.53 -15.63 3.79
N GLY B 142 47.95 -16.43 2.89
CA GLY B 142 48.64 -17.57 2.33
C GLY B 142 48.61 -18.82 3.18
N LYS B 143 47.98 -18.79 4.36
CA LYS B 143 47.90 -19.94 5.25
C LYS B 143 46.44 -20.30 5.51
N SER B 144 46.19 -21.59 5.75
CA SER B 144 44.85 -22.02 6.07
C SER B 144 44.42 -21.42 7.40
N SER B 145 43.14 -21.06 7.49
CA SER B 145 42.62 -20.45 8.71
C SER B 145 41.17 -20.91 8.91
N PHE B 146 40.43 -20.20 9.77
CA PHE B 146 39.05 -20.51 10.09
C PHE B 146 38.39 -19.24 10.64
N TYR B 147 37.06 -19.29 10.78
CA TYR B 147 36.33 -18.18 11.40
C TYR B 147 36.93 -17.81 12.75
N LYS B 148 37.05 -16.50 12.99
CA LYS B 148 37.65 -16.03 14.24
C LYS B 148 36.68 -16.08 15.42
N ASN B 149 35.39 -16.27 15.18
CA ASN B 149 34.42 -16.32 16.26
C ASN B 149 33.92 -17.73 16.57
N LEU B 150 34.41 -18.74 15.85
CA LEU B 150 34.01 -20.13 16.07
C LEU B 150 35.26 -20.97 16.27
N LEU B 151 35.08 -22.20 16.78
CA LEU B 151 36.22 -23.05 17.07
C LEU B 151 35.91 -24.47 16.63
N TRP B 152 36.71 -24.97 15.70
CA TRP B 152 36.48 -26.29 15.09
C TRP B 152 37.21 -27.32 15.94
N LEU B 153 36.50 -27.89 16.91
CA LEU B 153 37.11 -28.90 17.77
C LEU B 153 37.30 -30.20 17.01
N THR B 154 38.40 -30.92 17.29
CA THR B 154 38.64 -32.22 16.66
C THR B 154 39.15 -33.20 17.70
N GLU B 155 39.26 -34.48 17.31
CA GLU B 155 39.67 -35.52 18.25
C GLU B 155 41.08 -35.28 18.79
N LYS B 156 41.33 -35.81 19.99
CA LYS B 156 42.64 -35.79 20.64
C LYS B 156 43.01 -37.20 21.11
N ASP B 157 44.20 -37.68 20.70
CA ASP B 157 44.70 -38.99 21.18
C ASP B 157 43.72 -40.12 20.86
N GLY B 158 43.07 -40.04 19.71
CA GLY B 158 42.21 -41.11 19.23
C GLY B 158 40.77 -41.08 19.72
N SER B 159 40.33 -40.02 20.40
CA SER B 159 38.95 -39.97 20.83
C SER B 159 38.45 -38.53 20.82
N TYR B 160 37.13 -38.41 20.73
CA TYR B 160 36.41 -37.14 20.81
C TYR B 160 35.37 -37.34 21.90
N PRO B 161 35.71 -37.03 23.15
CA PRO B 161 34.80 -37.28 24.27
C PRO B 161 33.53 -36.43 24.16
N ASN B 162 32.48 -36.90 24.84
CA ASN B 162 31.26 -36.11 24.89
C ASN B 162 31.52 -34.80 25.63
N LEU B 163 30.95 -33.72 25.11
CA LEU B 163 31.09 -32.41 25.75
C LEU B 163 29.71 -31.89 26.17
N ASN B 164 29.72 -31.08 27.23
CA ASN B 164 28.50 -30.58 27.88
C ASN B 164 28.87 -29.22 28.45
N LYS B 165 28.60 -28.15 27.69
CA LYS B 165 29.06 -26.80 28.03
C LYS B 165 27.89 -25.82 28.02
N SER B 166 27.75 -25.06 29.09
CA SER B 166 26.66 -24.11 29.16
C SER B 166 27.19 -22.69 29.41
N TYR B 167 26.38 -21.71 29.04
CA TYR B 167 26.68 -20.31 29.27
C TYR B 167 25.41 -19.61 29.72
N VAL B 168 25.46 -18.95 30.88
CA VAL B 168 24.33 -18.19 31.40
C VAL B 168 24.54 -16.72 31.08
N ASN B 169 23.56 -16.11 30.41
CA ASN B 169 23.69 -14.69 30.09
C ASN B 169 23.50 -13.91 31.38
N LYS B 170 24.61 -13.56 32.03
CA LYS B 170 24.58 -12.76 33.25
C LYS B 170 24.87 -11.29 32.97
N LYS B 171 24.68 -10.86 31.72
CA LYS B 171 24.75 -9.47 31.34
C LYS B 171 23.36 -8.84 31.45
N GLU B 172 23.29 -7.53 31.21
CA GLU B 172 22.00 -6.83 31.21
C GLU B 172 21.49 -6.62 29.78
N LYS B 173 22.04 -7.35 28.81
CA LYS B 173 21.68 -7.24 27.41
C LYS B 173 21.46 -8.62 26.81
N GLU B 174 20.86 -8.62 25.63
CA GLU B 174 20.77 -9.82 24.80
C GLU B 174 22.15 -10.23 24.33
N VAL B 175 22.35 -11.54 24.21
CA VAL B 175 23.58 -12.12 23.68
C VAL B 175 23.23 -12.91 22.43
N LEU B 176 23.85 -12.54 21.31
CA LEU B 176 23.75 -13.32 20.08
C LEU B 176 24.80 -14.43 20.10
N VAL B 177 24.36 -15.69 20.06
CA VAL B 177 25.25 -16.85 20.05
C VAL B 177 25.18 -17.50 18.68
N LEU B 178 26.34 -17.76 18.07
CA LEU B 178 26.42 -18.46 16.80
C LEU B 178 27.23 -19.75 16.92
N TRP B 179 26.87 -20.75 16.14
CA TRP B 179 27.65 -22.00 16.07
C TRP B 179 27.37 -22.66 14.73
N GLY B 180 28.09 -23.76 14.48
CA GLY B 180 27.88 -24.52 13.28
C GLY B 180 27.92 -26.00 13.57
N VAL B 181 27.48 -26.78 12.57
CA VAL B 181 27.54 -28.24 12.59
C VAL B 181 28.23 -28.68 11.32
N HIS B 182 29.27 -29.52 11.45
CA HIS B 182 30.02 -29.97 10.30
C HIS B 182 29.39 -31.25 9.74
N HIS B 183 29.27 -31.29 8.41
CA HIS B 183 28.76 -32.47 7.70
C HIS B 183 29.83 -32.98 6.76
N PRO B 184 30.60 -34.01 7.14
CA PRO B 184 31.72 -34.44 6.29
C PRO B 184 31.26 -35.05 4.98
N SER B 185 32.20 -35.05 4.03
CA SER B 185 31.96 -35.61 2.71
C SER B 185 31.95 -37.14 2.73
N ASN B 186 32.70 -37.77 3.62
CA ASN B 186 32.76 -39.22 3.62
C ASN B 186 32.90 -39.75 5.05
N ILE B 187 32.72 -41.06 5.20
CA ILE B 187 32.78 -41.68 6.51
C ILE B 187 34.20 -41.65 7.06
N GLU B 188 35.21 -41.70 6.19
CA GLU B 188 36.60 -41.66 6.65
C GLU B 188 36.94 -40.32 7.26
N ASN B 189 36.44 -39.21 6.69
CA ASN B 189 36.70 -37.89 7.29
C ASN B 189 36.00 -37.77 8.62
N GLN B 190 34.78 -38.29 8.73
CA GLN B 190 34.05 -38.30 9.99
C GLN B 190 34.86 -38.99 11.08
N LYS B 191 35.43 -40.16 10.79
CA LYS B 191 36.14 -40.91 11.82
C LYS B 191 37.49 -40.26 12.16
N THR B 192 38.20 -39.74 11.16
CA THR B 192 39.44 -39.01 11.43
C THR B 192 39.20 -37.82 12.36
N LEU B 193 38.14 -37.04 12.12
CA LEU B 193 37.94 -35.84 12.90
C LEU B 193 37.30 -36.15 14.25
N TYR B 194 36.32 -37.08 14.29
CA TYR B 194 35.47 -37.25 15.46
C TYR B 194 35.44 -38.67 16.02
N ARG B 195 36.09 -39.62 15.35
CA ARG B 195 36.39 -40.95 15.91
C ARG B 195 35.13 -41.76 16.21
N LYS B 196 34.06 -41.50 15.46
CA LYS B 196 32.81 -42.26 15.56
C LYS B 196 31.95 -41.90 14.36
N GLU B 197 31.17 -42.87 13.88
CA GLU B 197 30.39 -42.68 12.67
C GLU B 197 29.10 -41.90 12.94
N ASN B 198 28.39 -42.24 14.00
CA ASN B 198 27.11 -41.62 14.31
C ASN B 198 27.31 -40.71 15.51
N ALA B 199 27.27 -39.41 15.27
CA ALA B 199 27.44 -38.41 16.32
C ALA B 199 26.19 -37.53 16.38
N TYR B 200 26.13 -36.69 17.39
CA TYR B 200 25.01 -35.77 17.58
C TYR B 200 25.52 -34.45 18.13
N VAL B 201 24.76 -33.39 17.85
CA VAL B 201 24.94 -32.07 18.46
C VAL B 201 23.58 -31.64 18.98
N SER B 202 23.54 -31.13 20.22
CA SER B 202 22.30 -30.67 20.85
C SER B 202 22.51 -29.28 21.44
N VAL B 203 21.60 -28.35 21.11
CA VAL B 203 21.65 -26.97 21.59
C VAL B 203 20.27 -26.60 22.14
N VAL B 204 20.21 -26.26 23.42
CA VAL B 204 18.96 -25.93 24.09
C VAL B 204 19.12 -24.68 24.93
N SER B 205 18.06 -23.89 24.99
CA SER B 205 17.97 -22.76 25.93
C SER B 205 16.57 -22.82 26.54
N SER B 206 16.11 -21.70 27.10
CA SER B 206 14.74 -21.66 27.56
C SER B 206 13.76 -21.69 26.40
N ASN B 207 14.12 -21.10 25.26
CA ASN B 207 13.25 -21.05 24.09
C ASN B 207 13.72 -21.93 22.95
N TYR B 208 15.02 -22.12 22.81
CA TYR B 208 15.60 -22.84 21.70
C TYR B 208 15.77 -24.31 22.09
N ASN B 209 15.52 -25.21 21.14
CA ASN B 209 15.56 -26.64 21.43
C ASN B 209 15.81 -27.35 20.11
N ARG B 210 17.06 -27.76 19.86
CA ARG B 210 17.32 -28.44 18.60
C ARG B 210 18.41 -29.49 18.74
N ARG B 211 18.24 -30.58 17.99
CA ARG B 211 19.23 -31.65 17.91
C ARG B 211 19.64 -31.79 16.46
N PHE B 212 20.93 -31.86 16.21
CA PHE B 212 21.48 -31.94 14.87
C PHE B 212 22.23 -33.24 14.72
N THR B 213 22.06 -33.86 13.56
CA THR B 213 22.77 -35.07 13.25
C THR B 213 23.54 -34.87 11.96
N PRO B 214 24.85 -35.10 11.95
CA PRO B 214 25.60 -35.01 10.71
C PRO B 214 25.05 -35.95 9.67
N GLU B 215 24.95 -35.46 8.45
CA GLU B 215 24.57 -36.26 7.30
C GLU B 215 25.81 -36.31 6.42
N ILE B 216 26.43 -37.48 6.37
CA ILE B 216 27.62 -37.65 5.57
C ILE B 216 27.20 -37.96 4.14
N ALA B 217 27.76 -37.20 3.19
CA ALA B 217 27.48 -37.46 1.78
C ALA B 217 28.53 -36.75 0.93
N GLU B 218 28.86 -37.36 -0.21
CA GLU B 218 29.74 -36.71 -1.17
C GLU B 218 28.95 -35.63 -1.87
N ARG B 219 29.40 -34.39 -1.77
CA ARG B 219 28.70 -33.27 -2.36
C ARG B 219 29.57 -32.62 -3.42
N PRO B 220 28.96 -31.92 -4.38
CA PRO B 220 29.76 -31.13 -5.31
C PRO B 220 30.64 -30.16 -4.55
N LYS B 221 31.91 -30.08 -4.94
CA LYS B 221 32.86 -29.25 -4.22
C LYS B 221 32.51 -27.78 -4.40
N VAL B 222 32.43 -27.06 -3.28
CA VAL B 222 32.32 -25.61 -3.25
C VAL B 222 33.52 -25.09 -2.49
N ARG B 223 34.27 -24.16 -3.09
CA ARG B 223 35.54 -23.68 -2.54
C ARG B 223 36.43 -24.85 -2.14
N GLY B 224 36.44 -25.89 -2.98
CA GLY B 224 37.27 -27.05 -2.76
C GLY B 224 36.76 -28.05 -1.75
N GLN B 225 35.59 -27.81 -1.14
CA GLN B 225 35.10 -28.64 -0.04
C GLN B 225 33.90 -29.46 -0.48
N ALA B 226 34.01 -30.79 -0.36
CA ALA B 226 32.85 -31.64 -0.57
C ALA B 226 32.01 -31.78 0.69
N GLY B 227 32.54 -31.37 1.84
CA GLY B 227 31.77 -31.28 3.06
C GLY B 227 31.00 -29.98 3.18
N ARG B 228 30.20 -29.90 4.24
CA ARG B 228 29.36 -28.72 4.50
C ARG B 228 29.42 -28.40 5.98
N MET B 229 29.11 -27.13 6.28
CA MET B 229 29.00 -26.62 7.63
C MET B 229 27.76 -25.73 7.66
N ASN B 230 26.73 -26.14 8.41
CA ASN B 230 25.53 -25.30 8.55
C ASN B 230 25.68 -24.41 9.78
N TYR B 231 25.22 -23.16 9.66
CA TYR B 231 25.43 -22.15 10.70
C TYR B 231 24.11 -21.79 11.36
N TYR B 232 24.15 -21.58 12.67
CA TYR B 232 22.94 -21.42 13.45
C TYR B 232 23.16 -20.31 14.44
N TRP B 233 22.07 -19.70 14.90
CA TRP B 233 22.20 -18.62 15.88
C TRP B 233 20.96 -18.58 16.74
N THR B 234 21.09 -17.95 17.90
CA THR B 234 19.92 -17.61 18.70
C THR B 234 20.25 -16.41 19.57
N LEU B 235 19.20 -15.77 20.04
CA LEU B 235 19.31 -14.62 20.93
C LEU B 235 19.00 -15.05 22.35
N LEU B 236 19.99 -14.92 23.24
CA LEU B 236 19.81 -15.26 24.65
C LEU B 236 19.37 -14.02 25.41
N GLU B 237 18.19 -14.09 26.02
CA GLU B 237 17.72 -12.97 26.83
C GLU B 237 18.47 -12.95 28.15
N PRO B 238 18.57 -11.79 28.78
CA PRO B 238 19.28 -11.72 30.07
C PRO B 238 18.71 -12.76 31.03
N GLY B 239 19.61 -13.43 31.74
CA GLY B 239 19.22 -14.50 32.65
C GLY B 239 19.00 -15.85 32.01
N ASP B 240 18.97 -15.95 30.69
CA ASP B 240 18.75 -17.23 30.04
C ASP B 240 20.08 -18.01 29.97
N THR B 241 19.96 -19.32 29.77
CA THR B 241 21.10 -20.23 29.72
C THR B 241 21.07 -21.01 28.40
N ILE B 242 22.22 -21.15 27.74
CA ILE B 242 22.32 -21.99 26.55
C ILE B 242 23.23 -23.17 26.88
N ILE B 243 22.85 -24.38 26.43
CA ILE B 243 23.59 -25.60 26.75
C ILE B 243 23.94 -26.32 25.44
N PHE B 244 25.24 -26.58 25.25
CA PHE B 244 25.75 -27.32 24.11
C PHE B 244 26.14 -28.72 24.57
N GLU B 245 25.67 -29.74 23.83
CA GLU B 245 26.06 -31.12 24.09
C GLU B 245 26.39 -31.80 22.77
N ALA B 246 27.55 -32.44 22.69
CA ALA B 246 27.92 -33.08 21.44
C ALA B 246 28.97 -34.13 21.68
N ASN B 247 29.01 -35.11 20.78
CA ASN B 247 30.10 -36.07 20.74
C ASN B 247 30.80 -36.05 19.39
N GLY B 248 30.58 -34.98 18.62
CA GLY B 248 31.27 -34.78 17.36
C GLY B 248 30.66 -33.63 16.59
N ASN B 249 31.40 -33.17 15.58
CA ASN B 249 30.89 -32.32 14.50
C ASN B 249 30.47 -30.93 14.97
N LEU B 250 30.75 -30.55 16.21
CA LEU B 250 30.35 -29.23 16.68
C LEU B 250 31.37 -28.17 16.27
N ILE B 251 30.89 -27.11 15.64
CA ILE B 251 31.67 -25.90 15.40
C ILE B 251 31.25 -24.93 16.50
N ALA B 252 32.03 -24.93 17.58
CA ALA B 252 31.59 -24.34 18.84
C ALA B 252 31.70 -22.83 18.82
N PRO B 253 30.85 -22.15 19.58
CA PRO B 253 31.07 -20.72 19.79
C PRO B 253 32.42 -20.47 20.43
N TRP B 254 33.13 -19.46 19.94
CA TRP B 254 34.30 -18.91 20.61
C TRP B 254 34.03 -17.51 21.11
N TYR B 255 33.60 -16.61 20.22
CA TYR B 255 33.16 -15.30 20.62
C TYR B 255 31.67 -15.16 20.32
N ALA B 256 30.96 -14.43 21.18
CA ALA B 256 29.55 -14.08 20.96
C ALA B 256 29.42 -12.56 21.10
N PHE B 257 28.18 -12.06 21.03
CA PHE B 257 27.96 -10.61 21.00
C PHE B 257 26.84 -10.22 21.96
N ALA B 258 27.17 -9.37 22.93
CA ALA B 258 26.16 -8.69 23.73
C ALA B 258 25.73 -7.41 23.01
N LEU B 259 24.42 -7.16 22.94
CA LEU B 259 23.96 -6.09 22.08
C LEU B 259 22.59 -5.61 22.54
N SER B 260 22.29 -4.35 22.21
CA SER B 260 20.94 -3.77 22.35
C SER B 260 20.47 -3.43 20.95
N ARG B 261 19.40 -4.10 20.50
CA ARG B 261 18.94 -3.88 19.14
C ARG B 261 18.14 -2.58 19.05
N GLY B 262 18.38 -1.85 17.97
CA GLY B 262 17.61 -0.67 17.68
C GLY B 262 16.36 -1.02 16.95
N LEU B 263 15.44 -0.05 16.91
CA LEU B 263 14.16 -0.29 16.26
C LEU B 263 14.31 -0.04 14.77
N GLY B 264 14.03 -1.06 13.97
CA GLY B 264 13.72 -0.88 12.57
C GLY B 264 14.65 -0.06 11.68
N SER B 265 15.86 -0.53 11.42
CA SER B 265 16.63 0.06 10.33
C SER B 265 16.78 -0.97 9.21
N GLY B 266 17.85 -0.87 8.43
CA GLY B 266 18.01 -1.71 7.28
C GLY B 266 19.44 -1.68 6.76
N ILE B 267 19.61 -2.23 5.57
CA ILE B 267 20.91 -2.43 4.95
C ILE B 267 20.90 -1.75 3.58
N ILE B 268 21.98 -1.05 3.27
CA ILE B 268 22.15 -0.40 1.98
C ILE B 268 23.29 -1.08 1.25
N THR B 269 23.14 -1.28 -0.07
CA THR B 269 24.23 -1.72 -0.92
C THR B 269 24.68 -0.52 -1.76
N SER B 270 25.95 -0.14 -1.65
CA SER B 270 26.35 1.16 -2.14
C SER B 270 27.82 1.22 -2.53
N ASN B 271 28.10 2.03 -3.57
CA ASN B 271 29.45 2.45 -3.93
C ASN B 271 29.93 3.64 -3.11
N ALA B 272 29.04 4.32 -2.39
CA ALA B 272 29.42 5.53 -1.68
C ALA B 272 30.23 5.20 -0.43
N SER B 273 31.09 6.14 -0.03
CA SER B 273 31.91 6.01 1.17
C SER B 273 31.43 6.98 2.24
N MET B 274 31.77 6.65 3.49
CA MET B 274 31.41 7.50 4.62
C MET B 274 32.12 8.85 4.57
N ASP B 275 31.41 9.89 5.01
CA ASP B 275 32.00 11.22 5.18
C ASP B 275 31.44 11.82 6.45
N GLU B 276 32.01 12.97 6.85
CA GLU B 276 31.53 13.73 7.99
C GLU B 276 30.29 14.51 7.60
N CYS B 277 29.17 13.81 7.53
CA CYS B 277 27.92 14.44 7.18
C CYS B 277 26.83 13.78 7.99
N ASP B 278 25.78 14.54 8.28
CA ASP B 278 24.62 14.02 8.95
C ASP B 278 23.42 14.20 8.01
N THR B 279 22.51 13.24 8.03
CA THR B 279 21.33 13.33 7.20
C THR B 279 20.14 12.83 8.01
N LYS B 280 18.94 13.18 7.53
CA LYS B 280 17.74 12.50 7.97
C LYS B 280 17.32 11.38 7.03
N CYS B 281 17.86 11.33 5.81
CA CYS B 281 17.45 10.36 4.82
C CYS B 281 18.66 9.90 4.00
N GLN B 282 18.95 8.61 4.06
CA GLN B 282 20.05 8.01 3.30
C GLN B 282 19.48 7.18 2.16
N THR B 283 20.04 7.33 0.97
CA THR B 283 19.73 6.44 -0.15
C THR B 283 20.99 5.68 -0.54
N PRO B 284 20.86 4.61 -1.35
CA PRO B 284 22.06 3.90 -1.80
C PRO B 284 23.00 4.74 -2.64
N GLN B 285 22.48 5.79 -3.29
CA GLN B 285 23.34 6.70 -4.05
C GLN B 285 24.07 7.69 -3.15
N GLY B 286 23.44 8.06 -2.05
CA GLY B 286 23.96 9.10 -1.20
C GLY B 286 22.83 9.69 -0.39
N ALA B 287 23.21 10.60 0.51
CA ALA B 287 22.22 11.25 1.37
C ALA B 287 21.51 12.34 0.60
N ILE B 288 20.24 12.57 0.94
CA ILE B 288 19.43 13.62 0.33
C ILE B 288 18.82 14.50 1.42
N ASN B 289 18.50 15.74 1.03
CA ASN B 289 17.73 16.62 1.91
C ASN B 289 16.32 16.05 2.13
N SER B 290 15.75 16.36 3.30
CA SER B 290 14.46 15.81 3.71
C SER B 290 13.38 16.87 3.85
N SER B 291 13.67 18.13 3.47
CA SER B 291 12.67 19.17 3.59
C SER B 291 11.54 19.02 2.57
N LEU B 292 11.85 18.56 1.35
CA LEU B 292 10.83 18.57 0.32
C LEU B 292 10.02 17.29 0.35
N PRO B 293 8.78 17.32 -0.17
CA PRO B 293 7.91 16.15 -0.02
C PRO B 293 8.23 14.96 -0.92
N PHE B 294 8.95 15.15 -2.03
CA PHE B 294 9.15 14.11 -3.03
C PHE B 294 10.62 14.04 -3.41
N GLN B 295 11.04 12.84 -3.83
CA GLN B 295 12.40 12.60 -4.30
C GLN B 295 12.37 11.54 -5.39
N ASN B 296 13.23 11.69 -6.39
CA ASN B 296 13.30 10.72 -7.48
C ASN B 296 14.68 10.05 -7.53
N ILE B 297 15.37 10.00 -6.38
CA ILE B 297 16.71 9.43 -6.36
C ILE B 297 16.66 7.90 -6.32
N HIS B 298 15.88 7.35 -5.39
CA HIS B 298 15.93 5.89 -5.20
C HIS B 298 14.75 5.44 -4.35
N PRO B 299 14.11 4.31 -4.67
CA PRO B 299 13.03 3.82 -3.81
C PRO B 299 13.49 3.28 -2.47
N PHE B 300 14.73 2.79 -2.35
CA PHE B 300 15.11 2.01 -1.17
C PHE B 300 15.90 2.88 -0.20
N THR B 301 15.18 3.77 0.48
CA THR B 301 15.80 4.70 1.39
C THR B 301 15.68 4.22 2.83
N ILE B 302 16.49 4.81 3.69
CA ILE B 302 16.40 4.61 5.12
C ILE B 302 16.36 5.97 5.80
N GLY B 303 15.35 6.18 6.64
CA GLY B 303 15.27 7.38 7.45
C GLY B 303 13.89 8.01 7.41
N GLU B 304 13.81 9.32 7.63
CA GLU B 304 12.57 10.07 7.50
C GLU B 304 12.63 10.78 6.15
N CYS B 305 12.07 10.16 5.14
CA CYS B 305 12.43 10.44 3.77
C CYS B 305 11.28 11.07 2.99
N PRO B 306 11.60 11.92 2.00
CA PRO B 306 10.59 12.29 1.00
C PRO B 306 10.05 11.05 0.33
N LYS B 307 8.84 11.15 -0.20
CA LYS B 307 8.22 10.02 -0.89
C LYS B 307 8.84 9.86 -2.26
N TYR B 308 9.13 8.61 -2.64
CA TYR B 308 9.76 8.35 -3.92
C TYR B 308 8.73 8.47 -5.05
N VAL B 309 9.13 9.16 -6.14
CA VAL B 309 8.29 9.38 -7.31
C VAL B 309 9.12 9.16 -8.58
N ARG B 310 8.45 8.88 -9.69
CA ARG B 310 9.12 8.80 -10.98
C ARG B 310 9.22 10.16 -11.70
N SER B 311 8.71 11.22 -11.11
CA SER B 311 8.80 12.55 -11.76
C SER B 311 10.25 12.98 -11.98
N THR B 312 10.46 13.72 -13.06
CA THR B 312 11.73 14.39 -13.27
C THR B 312 11.70 15.88 -12.94
N LYS B 313 10.50 16.47 -12.82
CA LYS B 313 10.33 17.91 -12.58
C LYS B 313 9.02 18.14 -11.86
N LEU B 314 9.08 18.79 -10.69
CA LEU B 314 7.88 19.17 -9.93
C LEU B 314 8.08 20.61 -9.44
N ARG B 315 7.78 21.57 -10.30
CA ARG B 315 8.06 22.98 -10.00
C ARG B 315 6.75 23.74 -9.84
N MET B 316 6.61 24.46 -8.73
CA MET B 316 5.45 25.30 -8.49
C MET B 316 5.78 26.73 -8.89
N VAL B 317 4.90 27.35 -9.69
CA VAL B 317 5.06 28.78 -9.94
C VAL B 317 4.72 29.53 -8.65
N THR B 318 5.55 30.50 -8.31
CA THR B 318 5.17 31.49 -7.29
C THR B 318 4.91 32.86 -7.89
N GLY B 319 5.71 33.26 -8.87
CA GLY B 319 5.52 34.53 -9.53
C GLY B 319 4.45 34.47 -10.59
N LEU B 320 4.61 35.30 -11.61
CA LEU B 320 3.61 35.52 -12.65
C LEU B 320 4.06 34.92 -13.98
N ARG B 321 3.11 34.70 -14.89
CA ARG B 321 3.44 34.57 -16.30
C ARG B 321 4.39 35.67 -16.69
N ASN B 322 5.53 35.32 -17.27
CA ASN B 322 6.55 36.32 -17.61
C ASN B 322 6.35 36.77 -19.05
N ILE B 323 5.95 38.03 -19.22
CA ILE B 323 5.67 38.62 -20.53
C ILE B 323 6.42 39.94 -20.67
N PRO B 324 7.74 39.93 -20.94
CA PRO B 324 8.52 41.18 -21.03
C PRO B 324 8.27 41.97 -22.31
N GLY B 330 -5.67 34.11 -18.83
CA GLY B 330 -6.20 33.41 -17.68
C GLY B 330 -7.71 33.57 -17.55
N LEU B 331 -8.24 33.13 -16.41
CA LEU B 331 -9.68 33.12 -16.20
C LEU B 331 -10.27 34.51 -16.18
N PHE B 332 -9.50 35.51 -15.76
CA PHE B 332 -10.05 36.84 -15.52
C PHE B 332 -9.73 37.85 -16.62
N GLY B 333 -8.96 37.45 -17.63
CA GLY B 333 -8.86 38.21 -18.87
C GLY B 333 -8.01 39.45 -18.80
N ALA B 334 -7.31 39.66 -17.69
CA ALA B 334 -6.43 40.81 -17.54
C ALA B 334 -5.01 40.48 -18.00
N ILE B 335 -4.35 39.56 -17.31
CA ILE B 335 -2.97 39.19 -17.65
C ILE B 335 -2.94 38.46 -18.98
N ALA B 336 -2.06 38.90 -19.87
CA ALA B 336 -2.01 38.42 -21.26
C ALA B 336 -3.40 38.45 -21.88
N GLY B 337 -4.20 39.41 -21.43
CA GLY B 337 -5.54 39.63 -21.94
C GLY B 337 -5.62 41.10 -22.29
N PHE B 338 -6.51 41.86 -21.67
CA PHE B 338 -6.58 43.26 -22.06
C PHE B 338 -5.39 44.08 -21.55
N ILE B 339 -4.57 43.54 -20.65
CA ILE B 339 -3.27 44.10 -20.34
C ILE B 339 -2.23 43.17 -20.96
N GLU B 340 -1.72 43.54 -22.13
CA GLU B 340 -1.11 42.56 -23.02
C GLU B 340 0.22 42.03 -22.49
N GLY B 341 1.02 42.87 -21.80
CA GLY B 341 2.32 42.44 -21.33
C GLY B 341 2.65 43.00 -19.96
N GLY B 342 3.75 42.46 -19.38
CA GLY B 342 4.22 42.89 -18.09
C GLY B 342 5.26 44.01 -18.18
N TRP B 343 5.63 44.53 -17.00
CA TRP B 343 6.54 45.66 -16.90
C TRP B 343 7.85 45.21 -16.27
N ALA B 344 8.91 45.11 -17.09
CA ALA B 344 10.21 44.88 -16.51
C ALA B 344 10.67 46.07 -15.66
N GLY B 345 10.12 47.26 -15.91
CA GLY B 345 10.49 48.46 -15.18
C GLY B 345 9.86 48.59 -13.81
N MET B 346 8.82 47.82 -13.51
CA MET B 346 8.24 47.81 -12.17
C MET B 346 8.98 46.74 -11.37
N ILE B 347 9.95 47.18 -10.59
CA ILE B 347 10.87 46.26 -9.94
C ILE B 347 10.52 45.97 -8.49
N ASP B 348 9.55 46.67 -7.91
CA ASP B 348 9.31 46.64 -6.47
C ASP B 348 8.08 45.82 -6.07
N GLY B 349 7.48 45.07 -6.97
CA GLY B 349 6.28 44.33 -6.60
C GLY B 349 5.70 43.57 -7.78
N TRP B 350 4.57 42.92 -7.53
CA TRP B 350 3.93 42.08 -8.54
C TRP B 350 2.89 42.84 -9.37
N TYR B 351 2.03 43.62 -8.72
CA TYR B 351 1.00 44.41 -9.37
C TYR B 351 1.15 45.86 -8.96
N GLY B 352 0.80 46.77 -9.86
CA GLY B 352 0.97 48.17 -9.54
C GLY B 352 0.61 49.08 -10.68
N TYR B 353 1.20 50.27 -10.61
CA TYR B 353 0.78 51.41 -11.43
C TYR B 353 1.95 51.99 -12.19
N HIS B 354 1.62 52.60 -13.32
CA HIS B 354 2.48 53.55 -14.00
C HIS B 354 1.67 54.81 -14.25
N HIS B 355 2.27 55.96 -14.02
CA HIS B 355 1.57 57.22 -14.23
C HIS B 355 2.45 58.18 -15.01
N GLN B 356 1.81 59.21 -15.55
CA GLN B 356 2.51 60.32 -16.16
C GLN B 356 1.72 61.59 -15.91
N ASN B 357 2.38 62.62 -15.38
CA ASN B 357 1.76 63.94 -15.28
C ASN B 357 2.83 64.98 -15.59
N GLU B 358 2.51 66.25 -15.36
CA GLU B 358 3.48 67.30 -15.65
C GLU B 358 4.68 67.24 -14.71
N GLN B 359 4.54 66.58 -13.57
CA GLN B 359 5.63 66.46 -12.60
C GLN B 359 6.55 65.26 -12.83
N GLY B 360 6.17 64.31 -13.68
CA GLY B 360 7.04 63.20 -14.00
C GLY B 360 6.24 61.94 -14.26
N SER B 361 6.98 60.83 -14.40
CA SER B 361 6.43 59.52 -14.71
C SER B 361 7.11 58.48 -13.83
N GLY B 362 6.47 57.33 -13.69
CA GLY B 362 7.19 56.24 -13.03
C GLY B 362 6.28 55.10 -12.64
N TYR B 363 6.93 54.00 -12.28
CA TYR B 363 6.26 52.79 -11.83
C TYR B 363 6.19 52.81 -10.31
N ALA B 364 5.15 52.18 -9.77
CA ALA B 364 5.03 52.02 -8.34
C ALA B 364 4.17 50.79 -8.08
N ALA B 365 4.68 49.85 -7.28
CA ALA B 365 3.87 48.68 -6.98
C ALA B 365 2.76 49.05 -5.99
N ASP B 366 1.61 48.40 -6.16
CA ASP B 366 0.56 48.41 -5.13
C ASP B 366 1.01 47.43 -4.05
N GLN B 367 1.43 47.97 -2.91
CA GLN B 367 2.03 47.11 -1.89
C GLN B 367 0.98 46.26 -1.19
N LYS B 368 -0.23 46.78 -1.01
CA LYS B 368 -1.25 46.01 -0.31
C LYS B 368 -1.59 44.72 -1.05
N SER B 369 -1.95 44.81 -2.33
CA SER B 369 -2.27 43.58 -3.07
C SER B 369 -1.04 42.71 -3.25
N THR B 370 0.12 43.33 -3.47
CA THR B 370 1.34 42.53 -3.62
C THR B 370 1.61 41.73 -2.35
N GLN B 371 1.57 42.38 -1.20
CA GLN B 371 1.95 41.70 0.04
C GLN B 371 0.90 40.66 0.43
N ASN B 372 -0.38 40.95 0.19
CA ASN B 372 -1.40 39.93 0.41
C ASN B 372 -1.17 38.71 -0.47
N ALA B 373 -0.79 38.93 -1.72
CA ALA B 373 -0.56 37.82 -2.64
C ALA B 373 0.69 37.03 -2.24
N ILE B 374 1.75 37.72 -1.82
CA ILE B 374 2.96 37.03 -1.37
C ILE B 374 2.63 36.14 -0.17
N ASN B 375 1.90 36.69 0.81
CA ASN B 375 1.50 35.89 1.96
C ASN B 375 0.70 34.66 1.54
N GLY B 376 -0.22 34.81 0.59
CA GLY B 376 -1.02 33.68 0.17
C GLY B 376 -0.24 32.62 -0.59
N ILE B 377 0.63 33.06 -1.51
CA ILE B 377 1.47 32.11 -2.24
C ILE B 377 2.44 31.40 -1.29
N THR B 378 2.97 32.12 -0.29
CA THR B 378 3.86 31.46 0.66
C THR B 378 3.10 30.43 1.48
N ASN B 379 1.87 30.74 1.89
CA ASN B 379 1.07 29.75 2.61
C ASN B 379 0.73 28.55 1.73
N LYS B 380 0.52 28.78 0.43
CA LYS B 380 0.24 27.67 -0.48
C LYS B 380 1.44 26.74 -0.56
N VAL B 381 2.62 27.29 -0.81
CA VAL B 381 3.82 26.46 -0.93
C VAL B 381 4.12 25.75 0.39
N ASN B 382 4.01 26.48 1.51
CA ASN B 382 4.27 25.85 2.80
C ASN B 382 3.33 24.68 3.05
N SER B 383 2.07 24.79 2.62
CA SER B 383 1.12 23.69 2.87
C SER B 383 1.49 22.45 2.08
N VAL B 384 1.83 22.62 0.81
CA VAL B 384 2.21 21.47 -0.01
C VAL B 384 3.41 20.76 0.60
N ILE B 385 4.29 21.51 1.25
CA ILE B 385 5.52 20.94 1.79
C ILE B 385 5.30 20.35 3.18
N GLU B 386 4.65 21.12 4.06
CA GLU B 386 4.57 20.77 5.48
C GLU B 386 3.46 19.79 5.82
N LYS B 387 2.46 19.61 4.94
CA LYS B 387 1.45 18.60 5.25
C LYS B 387 1.98 17.18 5.08
N MET B 388 3.17 16.99 4.51
CA MET B 388 3.71 15.65 4.34
C MET B 388 4.19 15.11 5.69
N ASN B 389 3.50 14.07 6.17
CA ASN B 389 3.83 13.36 7.41
C ASN B 389 4.82 12.25 7.09
N THR B 390 5.88 12.12 7.88
CA THR B 390 6.89 11.10 7.63
C THR B 390 7.30 10.42 8.94
N GLN B 391 7.81 9.20 8.81
CA GLN B 391 8.33 8.48 9.95
C GLN B 391 9.60 7.76 9.52
N PHE B 392 10.38 7.32 10.49
CA PHE B 392 11.63 6.63 10.18
C PHE B 392 11.30 5.24 9.64
N THR B 393 11.66 5.01 8.37
CA THR B 393 11.33 3.77 7.67
C THR B 393 12.55 3.30 6.91
N ALA B 394 12.80 2.00 6.96
CA ALA B 394 13.79 1.35 6.08
C ALA B 394 13.02 0.61 5.00
N VAL B 395 13.03 1.13 3.78
CA VAL B 395 12.15 0.60 2.74
C VAL B 395 12.62 -0.78 2.28
N GLY B 396 13.93 -0.97 2.14
CA GLY B 396 14.44 -2.17 1.49
C GLY B 396 14.15 -3.41 2.31
N LYS B 397 13.95 -4.53 1.59
CA LYS B 397 13.70 -5.83 2.20
C LYS B 397 14.43 -6.90 1.42
N GLU B 398 14.87 -7.96 2.12
CA GLU B 398 15.62 -9.07 1.54
C GLU B 398 14.86 -10.37 1.73
N PHE B 399 14.74 -11.18 0.68
CA PHE B 399 14.02 -12.44 0.76
C PHE B 399 14.83 -13.57 0.11
N ASN B 400 14.74 -14.76 0.68
CA ASN B 400 15.54 -15.84 0.10
C ASN B 400 14.80 -16.46 -1.07
N LYS B 401 15.46 -17.44 -1.71
CA LYS B 401 14.96 -18.04 -2.94
C LYS B 401 13.64 -18.79 -2.75
N LEU B 402 13.22 -19.06 -1.52
CA LEU B 402 11.93 -19.68 -1.28
C LEU B 402 10.89 -18.72 -0.73
N GLU B 403 11.10 -17.41 -0.91
CA GLU B 403 10.15 -16.40 -0.46
C GLU B 403 9.78 -15.46 -1.59
N LYS B 404 9.64 -16.01 -2.79
CA LYS B 404 9.37 -15.19 -3.97
C LYS B 404 8.02 -14.49 -3.85
N ARG B 405 7.05 -15.16 -3.24
CA ARG B 405 5.72 -14.54 -3.08
C ARG B 405 5.80 -13.32 -2.18
N MET B 406 6.52 -13.41 -1.06
CA MET B 406 6.72 -12.25 -0.19
CA MET B 406 6.70 -12.25 -0.20
C MET B 406 7.54 -11.17 -0.88
N GLU B 407 8.55 -11.56 -1.65
CA GLU B 407 9.29 -10.55 -2.40
C GLU B 407 8.38 -9.81 -3.38
N ASN B 408 7.48 -10.53 -4.04
CA ASN B 408 6.59 -9.87 -4.99
C ASN B 408 5.51 -9.06 -4.28
N LEU B 409 5.07 -9.47 -3.10
CA LEU B 409 4.14 -8.64 -2.34
C LEU B 409 4.81 -7.35 -1.91
N ASN B 410 6.04 -7.43 -1.42
CA ASN B 410 6.80 -6.24 -1.06
C ASN B 410 6.93 -5.30 -2.25
N LYS B 411 7.24 -5.84 -3.42
CA LYS B 411 7.34 -5.01 -4.61
C LYS B 411 6.00 -4.37 -4.97
N LYS B 412 4.91 -5.13 -4.86
CA LYS B 412 3.59 -4.55 -5.09
C LYS B 412 3.33 -3.37 -4.17
N VAL B 413 3.78 -3.45 -2.92
CA VAL B 413 3.60 -2.34 -1.98
C VAL B 413 4.43 -1.13 -2.42
N ASP B 414 5.72 -1.35 -2.67
CA ASP B 414 6.58 -0.24 -3.10
C ASP B 414 6.10 0.39 -4.41
N ASP B 415 5.72 -0.44 -5.38
CA ASP B 415 5.31 0.09 -6.68
C ASP B 415 3.97 0.79 -6.60
N GLY B 416 3.07 0.31 -5.75
CA GLY B 416 1.77 0.96 -5.61
C GLY B 416 1.91 2.33 -5.00
N PHE B 417 2.71 2.45 -3.94
CA PHE B 417 3.00 3.75 -3.36
C PHE B 417 3.66 4.68 -4.39
N LEU B 418 4.64 4.17 -5.14
CA LEU B 418 5.26 4.94 -6.20
C LEU B 418 4.22 5.46 -7.20
N ASP B 419 3.29 4.61 -7.60
CA ASP B 419 2.28 5.05 -8.57
C ASP B 419 1.36 6.10 -7.97
N ILE B 420 0.94 5.91 -6.71
CA ILE B 420 0.03 6.86 -6.08
C ILE B 420 0.69 8.23 -5.91
N TRP B 421 1.92 8.23 -5.40
CA TRP B 421 2.58 9.50 -5.12
C TRP B 421 2.96 10.21 -6.41
N THR B 422 3.34 9.47 -7.44
CA THR B 422 3.71 10.10 -8.69
C THR B 422 2.51 10.80 -9.32
N TYR B 423 1.37 10.12 -9.37
CA TYR B 423 0.15 10.70 -9.94
C TYR B 423 -0.31 11.91 -9.14
N ASN B 424 -0.43 11.76 -7.82
CA ASN B 424 -0.96 12.86 -7.03
C ASN B 424 -0.01 14.06 -7.06
N ALA B 425 1.31 13.81 -7.01
CA ALA B 425 2.27 14.92 -7.02
C ALA B 425 2.22 15.69 -8.32
N GLU B 426 2.21 14.98 -9.45
CA GLU B 426 2.12 15.64 -10.75
C GLU B 426 0.83 16.44 -10.86
N LEU B 427 -0.30 15.83 -10.53
CA LEU B 427 -1.57 16.50 -10.74
C LEU B 427 -1.76 17.64 -9.75
N LEU B 428 -1.23 17.51 -8.54
CA LEU B 428 -1.30 18.60 -7.58
C LEU B 428 -0.56 19.82 -8.08
N VAL B 429 0.65 19.61 -8.60
CA VAL B 429 1.45 20.73 -9.09
C VAL B 429 0.79 21.39 -10.29
N LEU B 430 0.28 20.61 -11.23
CA LEU B 430 -0.46 21.20 -12.36
C LEU B 430 -1.63 22.03 -11.86
N LEU B 431 -2.39 21.50 -10.91
CA LEU B 431 -3.60 22.19 -10.44
C LEU B 431 -3.26 23.45 -9.67
N GLU B 432 -2.26 23.38 -8.80
CA GLU B 432 -1.85 24.55 -8.03
C GLU B 432 -1.27 25.62 -8.94
N ASN B 433 -0.50 25.21 -9.94
CA ASN B 433 0.07 26.18 -10.86
C ASN B 433 -1.02 26.89 -11.66
N GLU B 434 -2.06 26.15 -12.05
CA GLU B 434 -3.19 26.77 -12.73
C GLU B 434 -3.87 27.80 -11.83
N ARG B 435 -4.16 27.40 -10.57
CA ARG B 435 -4.77 28.31 -9.61
C ARG B 435 -3.89 29.54 -9.34
N THR B 436 -2.57 29.35 -9.25
CA THR B 436 -1.69 30.47 -8.95
C THR B 436 -1.74 31.53 -10.05
N LEU B 437 -1.75 31.10 -11.31
CA LEU B 437 -1.82 32.09 -12.39
C LEU B 437 -3.19 32.76 -12.43
N ASP B 438 -4.26 32.03 -12.14
CA ASP B 438 -5.57 32.67 -12.08
C ASP B 438 -5.65 33.66 -10.93
N PHE B 439 -4.98 33.35 -9.81
CA PHE B 439 -4.93 34.25 -8.67
C PHE B 439 -4.26 35.57 -9.03
N HIS B 440 -3.09 35.51 -9.68
CA HIS B 440 -2.44 36.73 -10.15
C HIS B 440 -3.33 37.51 -11.13
N ASP B 441 -3.97 36.79 -12.06
CA ASP B 441 -4.88 37.40 -13.02
C ASP B 441 -6.02 38.13 -12.31
N SER B 442 -6.62 37.47 -11.32
CA SER B 442 -7.69 38.08 -10.53
C SER B 442 -7.20 39.34 -9.81
N ASN B 443 -6.00 39.29 -9.20
CA ASN B 443 -5.51 40.44 -8.44
C ASN B 443 -5.28 41.65 -9.33
N VAL B 444 -4.77 41.43 -10.55
CA VAL B 444 -4.61 42.52 -11.49
C VAL B 444 -5.98 43.04 -11.95
N LYS B 445 -6.93 42.12 -12.21
CA LYS B 445 -8.27 42.52 -12.62
C LYS B 445 -8.94 43.36 -11.55
N ASN B 446 -8.84 42.93 -10.29
CA ASN B 446 -9.48 43.67 -9.20
C ASN B 446 -8.81 45.01 -8.96
N LEU B 447 -7.50 45.09 -9.15
CA LEU B 447 -6.82 46.38 -9.07
C LEU B 447 -7.31 47.33 -10.16
N TYR B 448 -7.46 46.83 -11.39
CA TYR B 448 -7.97 47.66 -12.48
C TYR B 448 -9.35 48.22 -12.15
N GLU B 449 -10.24 47.37 -11.62
CA GLU B 449 -11.60 47.80 -11.33
C GLU B 449 -11.65 48.79 -10.17
N LYS B 450 -10.77 48.64 -9.18
CA LYS B 450 -10.72 49.62 -8.08
C LYS B 450 -10.43 51.02 -8.61
N VAL B 451 -9.49 51.12 -9.58
CA VAL B 451 -9.15 52.42 -10.16
C VAL B 451 -10.30 52.93 -11.02
N LYS B 452 -10.82 52.08 -11.90
CA LYS B 452 -11.90 52.48 -12.80
C LYS B 452 -13.10 52.98 -12.02
N ASN B 453 -13.41 52.33 -10.90
CA ASN B 453 -14.57 52.72 -10.12
C ASN B 453 -14.35 54.03 -9.37
N GLN B 454 -13.10 54.37 -9.05
CA GLN B 454 -12.83 55.70 -8.47
C GLN B 454 -12.87 56.78 -9.53
N LEU B 455 -12.21 56.55 -10.66
CA LEU B 455 -12.11 57.58 -11.69
C LEU B 455 -13.47 57.88 -12.32
N ARG B 456 -14.29 56.85 -12.54
CA ARG B 456 -15.59 57.02 -13.17
C ARG B 456 -15.45 57.80 -14.48
N ASN B 457 -16.17 58.91 -14.61
CA ASN B 457 -16.21 59.67 -15.86
C ASN B 457 -15.23 60.86 -15.87
N ASN B 458 -14.31 60.93 -14.91
CA ASN B 458 -13.20 61.88 -14.95
C ASN B 458 -12.04 61.41 -15.82
N ALA B 459 -12.12 60.22 -16.40
CA ALA B 459 -11.04 59.71 -17.23
C ALA B 459 -11.62 58.81 -18.31
N LYS B 460 -10.92 58.73 -19.44
CA LYS B 460 -11.29 57.84 -20.52
C LYS B 460 -10.54 56.53 -20.37
N GLU B 461 -11.26 55.41 -20.43
CA GLU B 461 -10.63 54.10 -20.49
C GLU B 461 -9.99 53.93 -21.86
N ILE B 462 -8.69 53.66 -21.89
CA ILE B 462 -8.04 53.36 -23.17
C ILE B 462 -8.31 51.92 -23.60
N GLY B 463 -8.26 50.97 -22.68
CA GLY B 463 -8.55 49.58 -23.01
C GLY B 463 -7.38 48.64 -22.87
N ASN B 464 -6.19 49.15 -22.55
CA ASN B 464 -4.98 48.38 -22.37
C ASN B 464 -4.48 48.44 -20.93
N GLY B 465 -5.39 48.68 -19.99
CA GLY B 465 -5.03 48.93 -18.61
C GLY B 465 -4.88 50.38 -18.21
N CYS B 466 -4.99 51.33 -19.15
CA CYS B 466 -4.67 52.73 -18.88
C CYS B 466 -5.91 53.63 -18.89
N PHE B 467 -5.85 54.69 -18.10
CA PHE B 467 -6.88 55.71 -18.04
C PHE B 467 -6.28 57.07 -18.38
N GLU B 468 -6.99 57.85 -19.20
CA GLU B 468 -6.56 59.18 -19.59
C GLU B 468 -7.44 60.20 -18.88
N PHE B 469 -6.83 60.97 -17.97
CA PHE B 469 -7.58 61.94 -17.19
C PHE B 469 -8.08 63.09 -18.07
N TYR B 470 -9.27 63.60 -17.76
CA TYR B 470 -9.81 64.79 -18.41
C TYR B 470 -9.40 66.09 -17.71
N HIS B 471 -8.87 66.00 -16.50
CA HIS B 471 -8.35 67.11 -15.71
C HIS B 471 -6.89 66.85 -15.37
N LYS B 472 -6.25 67.85 -14.76
CA LYS B 472 -4.87 67.70 -14.29
C LYS B 472 -4.85 66.88 -12.99
N CYS B 473 -4.06 65.81 -12.98
CA CYS B 473 -3.92 64.94 -11.82
C CYS B 473 -2.46 64.97 -11.37
N ASN B 474 -2.16 65.86 -10.43
CA ASN B 474 -0.81 66.03 -9.92
C ASN B 474 -0.44 64.85 -9.00
N ASN B 475 0.74 64.95 -8.39
CA ASN B 475 1.28 63.82 -7.62
C ASN B 475 0.40 63.51 -6.42
N GLU B 476 -0.14 64.54 -5.75
CA GLU B 476 -1.07 64.28 -4.66
C GLU B 476 -2.34 63.60 -5.19
N CYS B 477 -2.79 63.99 -6.38
CA CYS B 477 -3.94 63.34 -6.98
C CYS B 477 -3.63 61.87 -7.32
N MET B 478 -2.45 61.61 -7.90
CA MET B 478 -2.04 60.25 -8.21
C MET B 478 -1.98 59.39 -6.96
N GLU B 479 -1.38 59.93 -5.89
CA GLU B 479 -1.30 59.17 -4.64
C GLU B 479 -2.68 58.85 -4.11
N SER B 480 -3.65 59.75 -4.30
CA SER B 480 -5.01 59.48 -3.85
C SER B 480 -5.62 58.30 -4.61
N VAL B 481 -5.23 58.10 -5.87
CA VAL B 481 -5.76 56.97 -6.63
C VAL B 481 -5.17 55.66 -6.15
N LYS B 482 -3.84 55.60 -5.93
CA LYS B 482 -3.26 54.39 -5.35
C LYS B 482 -3.83 54.15 -3.95
N ASN B 483 -4.10 55.22 -3.21
CA ASN B 483 -4.84 55.11 -1.97
C ASN B 483 -6.31 54.90 -2.31
N GLY B 484 -7.13 54.66 -1.29
CA GLY B 484 -8.53 54.48 -1.64
C GLY B 484 -9.27 55.78 -1.88
N THR B 485 -8.64 56.90 -1.53
CA THR B 485 -9.28 58.20 -1.35
C THR B 485 -9.18 59.16 -2.54
N TYR B 486 -9.56 58.74 -3.74
CA TYR B 486 -9.62 59.71 -4.83
C TYR B 486 -10.84 60.62 -4.64
N ASP B 487 -10.65 61.92 -4.85
CA ASP B 487 -11.69 62.90 -4.57
C ASP B 487 -12.40 63.23 -5.88
N TYR B 488 -13.28 62.31 -6.27
CA TYR B 488 -14.01 62.45 -7.54
C TYR B 488 -14.71 63.79 -7.69
N PRO B 489 -15.56 64.24 -6.75
CA PRO B 489 -16.27 65.51 -7.00
C PRO B 489 -15.36 66.72 -7.06
N LYS B 490 -14.31 66.75 -6.22
CA LYS B 490 -13.36 67.87 -6.21
C LYS B 490 -12.77 68.16 -7.58
N TYR B 491 -12.81 67.20 -8.50
CA TYR B 491 -12.41 67.44 -9.88
C TYR B 491 -13.64 67.36 -10.78
N SER C 2 -32.95 60.41 -1.29
CA SER C 2 -32.49 59.54 -2.38
C SER C 2 -32.77 58.07 -2.03
N ASP C 3 -33.37 57.34 -2.96
CA ASP C 3 -33.72 55.93 -2.74
C ASP C 3 -32.55 55.08 -3.19
N THR C 4 -32.35 53.95 -2.51
CA THR C 4 -31.14 53.16 -2.68
C THR C 4 -31.47 51.67 -2.62
N ILE C 5 -30.63 50.87 -3.28
CA ILE C 5 -30.63 49.42 -3.10
C ILE C 5 -29.18 48.96 -3.05
N CYS C 6 -28.89 48.01 -2.16
CA CYS C 6 -27.54 47.52 -1.94
C CYS C 6 -27.55 46.00 -2.06
N ILE C 7 -26.45 45.45 -2.58
CA ILE C 7 -26.19 44.01 -2.59
C ILE C 7 -25.30 43.68 -1.41
N GLY C 8 -25.56 42.56 -0.76
CA GLY C 8 -24.79 42.19 0.40
C GLY C 8 -24.86 40.72 0.71
N TYR C 9 -24.27 40.34 1.83
CA TYR C 9 -24.16 38.94 2.20
C TYR C 9 -24.30 38.79 3.70
N HIS C 10 -24.52 37.54 4.12
CA HIS C 10 -24.84 37.18 5.49
C HIS C 10 -23.61 37.21 6.40
N ALA C 11 -23.81 37.63 7.64
CA ALA C 11 -22.84 37.51 8.72
C ALA C 11 -23.57 37.08 9.98
N ASN C 12 -22.85 36.42 10.90
CA ASN C 12 -23.46 35.96 12.15
C ASN C 12 -22.40 36.05 13.26
N ASN C 13 -22.68 35.41 14.40
CA ASN C 13 -21.79 35.46 15.55
C ASN C 13 -20.91 34.22 15.65
N SER C 14 -20.75 33.48 14.56
CA SER C 14 -19.95 32.25 14.59
C SER C 14 -18.47 32.58 14.71
N THR C 15 -17.77 31.78 15.50
CA THR C 15 -16.32 31.87 15.59
C THR C 15 -15.63 30.63 15.03
N ASP C 16 -16.33 29.87 14.19
CA ASP C 16 -15.70 28.77 13.48
C ASP C 16 -14.58 29.30 12.59
N THR C 17 -13.47 28.57 12.55
CA THR C 17 -12.39 28.86 11.63
C THR C 17 -12.08 27.61 10.82
N VAL C 18 -11.61 27.82 9.58
CA VAL C 18 -11.10 26.79 8.70
C VAL C 18 -9.79 27.31 8.11
N ASP C 19 -9.02 26.40 7.51
CA ASP C 19 -7.84 26.80 6.75
C ASP C 19 -8.14 26.71 5.27
N THR C 20 -7.51 27.58 4.48
CA THR C 20 -7.60 27.50 3.03
C THR C 20 -6.19 27.42 2.47
N VAL C 21 -6.11 27.27 1.14
CA VAL C 21 -4.81 27.27 0.46
C VAL C 21 -4.03 28.54 0.74
N LEU C 22 -4.70 29.71 0.66
CA LEU C 22 -4.00 30.98 0.72
C LEU C 22 -3.94 31.58 2.12
N GLU C 23 -4.80 31.15 3.04
CA GLU C 23 -4.85 31.79 4.35
C GLU C 23 -5.23 30.79 5.43
N LYS C 24 -4.59 30.92 6.59
CA LYS C 24 -4.94 30.08 7.73
C LYS C 24 -5.97 30.77 8.61
N ASN C 25 -6.75 29.95 9.29
CA ASN C 25 -7.58 30.42 10.40
C ASN C 25 -8.54 31.52 9.96
N VAL C 26 -9.31 31.23 8.92
CA VAL C 26 -10.34 32.14 8.41
C VAL C 26 -11.63 31.91 9.19
N THR C 27 -12.15 32.96 9.86
CA THR C 27 -13.43 32.83 10.55
C THR C 27 -14.58 32.76 9.55
N VAL C 28 -15.50 31.82 9.76
CA VAL C 28 -16.59 31.58 8.81
C VAL C 28 -17.93 31.41 9.54
N THR C 29 -19.02 31.59 8.78
CA THR C 29 -20.35 31.56 9.40
C THR C 29 -20.82 30.15 9.72
N HIS C 30 -20.35 29.14 9.00
CA HIS C 30 -20.70 27.77 9.32
C HIS C 30 -19.70 26.82 8.66
N SER C 31 -19.43 25.70 9.34
CA SER C 31 -18.51 24.69 8.85
C SER C 31 -18.95 23.31 9.32
N VAL C 32 -18.34 22.26 8.73
CA VAL C 32 -18.65 20.88 9.08
C VAL C 32 -17.36 20.12 9.29
N ASN C 33 -17.41 19.17 10.21
CA ASN C 33 -16.26 18.37 10.62
C ASN C 33 -16.19 17.09 9.79
N LEU C 34 -15.00 16.77 9.28
CA LEU C 34 -14.77 15.54 8.53
C LEU C 34 -13.98 14.49 9.31
N LEU C 35 -13.67 14.74 10.58
CA LEU C 35 -12.71 13.94 11.33
C LEU C 35 -13.36 13.39 12.59
N GLU C 36 -13.42 12.06 12.71
CA GLU C 36 -13.80 11.42 13.97
C GLU C 36 -12.63 11.54 14.95
N ASP C 37 -12.84 12.26 16.05
CA ASP C 37 -11.74 12.55 16.97
C ASP C 37 -12.03 12.14 18.41
N SER C 38 -13.09 11.39 18.65
CA SER C 38 -13.42 10.94 19.99
C SER C 38 -13.84 9.47 19.92
N HIS C 39 -13.75 8.79 21.07
CA HIS C 39 -14.20 7.42 21.19
C HIS C 39 -14.96 7.30 22.51
N ASN C 40 -15.70 6.20 22.66
CA ASN C 40 -16.57 6.04 23.82
C ASN C 40 -15.92 5.26 24.95
N GLY C 41 -14.65 4.86 24.81
CA GLY C 41 -13.93 4.20 25.89
C GLY C 41 -14.43 2.84 26.25
N LYS C 42 -15.13 2.16 25.35
CA LYS C 42 -15.76 0.90 25.67
C LYS C 42 -15.46 -0.11 24.58
N LEU C 43 -15.55 -1.39 24.94
CA LEU C 43 -15.56 -2.46 23.96
C LEU C 43 -17.01 -2.69 23.53
N CYS C 44 -17.28 -2.59 22.24
CA CYS C 44 -18.66 -2.67 21.76
C CYS C 44 -18.84 -3.87 20.84
N ARG C 45 -20.10 -4.21 20.61
CA ARG C 45 -20.42 -5.32 19.71
C ARG C 45 -20.12 -4.92 18.27
N LEU C 46 -19.62 -5.88 17.49
CA LEU C 46 -19.37 -5.70 16.07
C LEU C 46 -20.23 -6.70 15.32
N LYS C 47 -20.92 -6.24 14.28
CA LYS C 47 -21.90 -7.05 13.54
C LYS C 47 -22.98 -7.63 14.47
N GLY C 48 -23.27 -6.92 15.57
CA GLY C 48 -24.29 -7.36 16.51
C GLY C 48 -23.86 -8.41 17.50
N ILE C 49 -22.56 -8.76 17.52
CA ILE C 49 -22.02 -9.85 18.33
C ILE C 49 -20.92 -9.31 19.25
N ALA C 50 -20.94 -9.70 20.51
CA ALA C 50 -19.92 -9.24 21.45
C ALA C 50 -18.57 -9.90 21.15
N PRO C 51 -17.47 -9.27 21.57
CA PRO C 51 -16.16 -9.92 21.44
C PRO C 51 -15.97 -11.01 22.49
N LEU C 52 -14.96 -11.84 22.25
CA LEU C 52 -14.47 -12.77 23.26
C LEU C 52 -13.49 -12.02 24.15
N GLN C 53 -13.83 -11.85 25.43
CA GLN C 53 -12.95 -11.18 26.39
C GLN C 53 -12.16 -12.25 27.13
N LEU C 54 -10.82 -12.17 27.06
CA LEU C 54 -9.97 -13.17 27.67
C LEU C 54 -9.36 -12.76 29.01
N GLY C 55 -9.26 -11.47 29.30
CA GLY C 55 -8.88 -11.07 30.64
C GLY C 55 -7.48 -11.50 31.01
N LYS C 56 -7.35 -12.32 32.06
CA LYS C 56 -6.06 -12.75 32.58
C LYS C 56 -5.37 -13.78 31.70
N CYS C 57 -6.06 -14.39 30.76
CA CYS C 57 -5.47 -15.42 29.92
C CYS C 57 -5.21 -14.87 28.52
N ASN C 58 -4.28 -15.51 27.83
CA ASN C 58 -4.15 -15.26 26.41
C ASN C 58 -4.78 -16.44 25.67
N ILE C 59 -4.73 -16.37 24.33
CA ILE C 59 -5.43 -17.35 23.52
C ILE C 59 -4.88 -18.75 23.77
N ALA C 60 -3.56 -18.89 23.98
CA ALA C 60 -2.99 -20.21 24.26
C ALA C 60 -3.56 -20.78 25.55
N GLY C 61 -3.57 -19.97 26.61
CA GLY C 61 -4.10 -20.44 27.88
C GLY C 61 -5.57 -20.80 27.79
N TRP C 62 -6.34 -20.02 27.04
CA TRP C 62 -7.78 -20.28 26.95
C TRP C 62 -8.05 -21.52 26.10
N ILE C 63 -7.39 -21.64 24.95
CA ILE C 63 -7.76 -22.71 24.04
C ILE C 63 -7.24 -24.06 24.54
N LEU C 64 -6.09 -24.08 25.21
CA LEU C 64 -5.60 -25.33 25.79
C LEU C 64 -6.32 -25.68 27.09
N GLY C 65 -6.89 -24.70 27.78
CA GLY C 65 -7.55 -24.96 29.04
C GLY C 65 -6.65 -24.86 30.24
N ASN C 66 -5.71 -23.91 30.21
CA ASN C 66 -4.94 -23.52 31.39
C ASN C 66 -5.89 -23.42 32.56
N PRO C 67 -5.59 -24.07 33.69
CA PRO C 67 -6.54 -24.11 34.81
C PRO C 67 -6.87 -22.74 35.41
N GLU C 68 -6.06 -21.71 35.16
CA GLU C 68 -6.42 -20.38 35.64
C GLU C 68 -7.43 -19.70 34.73
N CYS C 69 -7.69 -20.26 33.56
CA CYS C 69 -8.61 -19.72 32.57
C CYS C 69 -9.96 -20.41 32.70
N GLU C 70 -11.04 -19.62 32.75
CA GLU C 70 -12.37 -20.19 32.76
C GLU C 70 -12.71 -20.74 31.37
N SER C 71 -13.53 -21.79 31.33
CA SER C 71 -13.89 -22.38 30.06
C SER C 71 -14.76 -21.45 29.22
N LEU C 72 -15.59 -20.64 29.87
CA LEU C 72 -16.51 -19.71 29.18
C LEU C 72 -17.32 -20.46 28.12
N LEU C 73 -17.94 -21.56 28.55
CA LEU C 73 -18.62 -22.47 27.65
C LEU C 73 -19.90 -21.89 27.06
N SER C 74 -20.41 -20.78 27.60
CA SER C 74 -21.68 -20.26 27.11
C SER C 74 -21.53 -19.34 25.92
N LYS C 75 -20.32 -18.87 25.60
CA LYS C 75 -20.14 -18.01 24.43
C LYS C 75 -20.07 -18.88 23.19
N ARG C 76 -21.10 -18.78 22.36
CA ARG C 76 -21.20 -19.56 21.14
C ARG C 76 -20.60 -18.86 19.93
N SER C 77 -20.42 -17.54 19.98
CA SER C 77 -19.91 -16.80 18.84
C SER C 77 -19.23 -15.53 19.33
N TRP C 78 -18.36 -14.97 18.48
CA TRP C 78 -17.76 -13.65 18.74
C TRP C 78 -17.26 -13.05 17.43
N SER C 79 -17.19 -11.71 17.40
CA SER C 79 -16.81 -10.97 16.21
C SER C 79 -15.37 -10.49 16.24
N TYR C 80 -14.74 -10.49 17.42
CA TYR C 80 -13.31 -10.23 17.55
C TYR C 80 -12.89 -10.70 18.94
N ILE C 81 -11.58 -10.70 19.19
CA ILE C 81 -11.05 -11.11 20.48
C ILE C 81 -10.39 -9.91 21.15
N ALA C 82 -10.63 -9.75 22.45
CA ALA C 82 -10.03 -8.70 23.25
C ALA C 82 -9.19 -9.31 24.36
N GLU C 83 -7.89 -9.01 24.37
CA GLU C 83 -6.99 -9.41 25.44
C GLU C 83 -6.59 -8.16 26.22
N THR C 84 -6.26 -8.35 27.47
CA THR C 84 -5.75 -7.20 28.20
C THR C 84 -4.23 -7.24 28.23
N PRO C 85 -3.58 -6.13 28.52
CA PRO C 85 -2.12 -6.18 28.76
C PRO C 85 -1.72 -7.08 29.92
N ASN C 86 -2.66 -7.54 30.74
CA ASN C 86 -2.38 -8.51 31.80
C ASN C 86 -2.78 -9.94 31.40
N SER C 87 -2.80 -10.25 30.11
CA SER C 87 -3.13 -11.60 29.61
C SER C 87 -1.86 -12.44 29.66
N GLU C 88 -1.59 -12.99 30.85
CA GLU C 88 -0.30 -13.62 31.13
C GLU C 88 -0.34 -15.12 31.33
N ASN C 89 -1.52 -15.73 31.47
CA ASN C 89 -1.65 -17.18 31.63
C ASN C 89 -1.77 -17.85 30.28
N GLY C 90 -0.74 -18.61 29.90
CA GLY C 90 -0.69 -19.23 28.60
C GLY C 90 -0.35 -20.71 28.68
N THR C 91 0.81 -21.10 28.15
CA THR C 91 1.26 -22.49 28.27
C THR C 91 1.97 -22.65 29.61
N CYS C 92 1.24 -23.18 30.60
CA CYS C 92 1.82 -23.32 31.92
C CYS C 92 2.95 -24.36 31.95
N TYR C 93 2.92 -25.36 31.07
CA TYR C 93 4.08 -26.25 30.93
C TYR C 93 4.88 -25.81 29.72
N PRO C 94 6.17 -25.48 29.87
CA PRO C 94 6.88 -24.78 28.80
C PRO C 94 7.09 -25.63 27.55
N GLY C 95 7.16 -24.95 26.42
CA GLY C 95 7.38 -25.59 25.14
C GLY C 95 6.96 -24.65 24.03
N ASP C 96 7.06 -25.17 22.80
CA ASP C 96 6.74 -24.41 21.60
C ASP C 96 5.30 -24.69 21.18
N PHE C 97 4.58 -23.63 20.81
CA PHE C 97 3.22 -23.74 20.30
C PHE C 97 3.31 -23.54 18.79
N ALA C 98 3.12 -24.62 18.03
CA ALA C 98 3.26 -24.55 16.57
C ALA C 98 2.26 -23.57 15.96
N ASP C 99 2.74 -22.75 15.03
CA ASP C 99 1.91 -21.81 14.26
C ASP C 99 0.89 -21.10 15.14
N TYR C 100 1.39 -20.58 16.26
CA TYR C 100 0.51 -19.94 17.25
C TYR C 100 -0.16 -18.69 16.68
N GLU C 101 0.60 -17.83 15.99
CA GLU C 101 0.02 -16.62 15.42
C GLU C 101 -1.03 -16.94 14.37
N GLU C 102 -0.80 -18.00 13.59
CA GLU C 102 -1.81 -18.44 12.64
C GLU C 102 -3.09 -18.88 13.35
N LEU C 103 -2.96 -19.62 14.45
CA LEU C 103 -4.13 -20.05 15.20
C LEU C 103 -4.90 -18.86 15.76
N ARG C 104 -4.19 -17.90 16.36
CA ARG C 104 -4.85 -16.70 16.86
C ARG C 104 -5.64 -16.02 15.76
N GLU C 105 -5.04 -15.88 14.58
CA GLU C 105 -5.73 -15.23 13.48
C GLU C 105 -6.96 -16.02 13.06
N GLN C 106 -6.87 -17.35 13.06
CA GLN C 106 -7.98 -18.16 12.60
C GLN C 106 -9.11 -18.25 13.63
N LEU C 107 -8.82 -18.04 14.90
CA LEU C 107 -9.85 -18.02 15.93
C LEU C 107 -10.45 -16.66 16.18
N SER C 108 -10.07 -15.64 15.40
CA SER C 108 -10.38 -14.27 15.78
C SER C 108 -11.88 -13.95 15.62
N SER C 109 -12.59 -14.64 14.73
CA SER C 109 -14.05 -14.55 14.72
C SER C 109 -14.65 -15.91 14.34
N VAL C 110 -15.71 -16.27 15.05
CA VAL C 110 -16.40 -17.55 14.82
C VAL C 110 -17.90 -17.32 14.84
N SER C 111 -18.61 -17.98 13.90
CA SER C 111 -20.07 -17.92 13.80
C SER C 111 -20.74 -18.84 14.80
N SER C 112 -20.08 -19.94 15.15
CA SER C 112 -20.57 -20.89 16.13
C SER C 112 -19.35 -21.56 16.72
N PHE C 113 -19.46 -22.00 17.97
CA PHE C 113 -18.30 -22.51 18.69
C PHE C 113 -18.79 -23.47 19.77
N GLU C 114 -18.25 -24.68 19.77
CA GLU C 114 -18.79 -25.73 20.64
C GLU C 114 -17.62 -26.60 21.10
N ARG C 115 -17.31 -26.52 22.39
CA ARG C 115 -16.34 -27.41 22.99
C ARG C 115 -17.02 -28.71 23.33
N PHE C 116 -16.43 -29.82 22.91
CA PHE C 116 -16.99 -31.14 23.12
C PHE C 116 -15.87 -32.13 23.39
N GLU C 117 -16.22 -33.25 24.00
CA GLU C 117 -15.28 -34.27 24.44
C GLU C 117 -15.00 -35.21 23.26
N ILE C 118 -13.90 -34.94 22.55
CA ILE C 118 -13.58 -35.75 21.38
C ILE C 118 -13.15 -37.16 21.78
N PHE C 119 -12.34 -37.28 22.84
CA PHE C 119 -11.87 -38.57 23.33
C PHE C 119 -12.21 -38.71 24.80
N PRO C 120 -13.38 -39.27 25.13
CA PRO C 120 -13.79 -39.37 26.53
C PRO C 120 -12.73 -40.03 27.40
N LYS C 121 -12.33 -39.30 28.43
CA LYS C 121 -11.22 -39.69 29.30
C LYS C 121 -11.39 -41.11 29.83
N GLU C 122 -12.61 -41.46 30.24
CA GLU C 122 -12.79 -42.69 31.00
C GLU C 122 -12.84 -43.94 30.12
N ARG C 123 -13.12 -43.80 28.83
CA ARG C 123 -13.29 -44.98 27.98
C ARG C 123 -12.33 -45.06 26.80
N SER C 124 -11.57 -44.00 26.51
CA SER C 124 -10.74 -43.99 25.30
C SER C 124 -9.38 -44.66 25.52
N TRP C 125 -8.91 -44.78 26.75
CA TRP C 125 -7.53 -45.18 27.02
C TRP C 125 -7.51 -46.28 28.07
N PRO C 126 -8.10 -47.45 27.78
CA PRO C 126 -8.29 -48.47 28.82
C PRO C 126 -7.00 -49.02 29.37
N ASN C 127 -5.91 -48.96 28.60
CA ASN C 127 -4.67 -49.60 28.99
C ASN C 127 -3.57 -48.58 29.27
N HIS C 128 -3.95 -47.34 29.57
CA HIS C 128 -3.00 -46.30 29.96
C HIS C 128 -3.53 -45.62 31.22
N ASN C 129 -2.63 -44.95 31.92
CA ASN C 129 -2.99 -44.24 33.15
C ASN C 129 -3.50 -42.85 32.80
N ILE C 130 -4.76 -42.58 33.16
CA ILE C 130 -5.42 -41.32 32.83
C ILE C 130 -5.48 -40.38 34.01
N ASN C 131 -4.86 -40.75 35.15
CA ASN C 131 -5.09 -40.03 36.40
C ASN C 131 -3.86 -39.43 37.06
N ILE C 132 -2.68 -39.54 36.47
CA ILE C 132 -1.48 -39.06 37.14
C ILE C 132 -0.77 -37.97 36.35
N GLY C 133 -1.35 -37.52 35.25
CA GLY C 133 -0.70 -36.53 34.43
C GLY C 133 -0.91 -35.10 34.88
N VAL C 134 -0.38 -34.72 36.04
CA VAL C 134 -0.48 -33.36 36.55
C VAL C 134 0.91 -32.84 36.88
N THR C 135 0.99 -31.53 37.07
CA THR C 135 2.27 -30.85 37.26
C THR C 135 2.10 -29.62 38.13
N ALA C 136 3.11 -29.33 38.93
CA ALA C 136 3.12 -28.10 39.72
C ALA C 136 3.25 -26.87 38.83
N ALA C 137 3.78 -27.04 37.61
CA ALA C 137 3.84 -25.93 36.66
C ALA C 137 2.46 -25.47 36.24
N CYS C 138 1.47 -26.36 36.31
CA CYS C 138 0.09 -26.01 35.97
C CYS C 138 -0.80 -26.13 37.19
N SER C 139 -0.45 -25.44 38.27
CA SER C 139 -1.18 -25.61 39.52
C SER C 139 -2.46 -24.78 39.52
N HIS C 140 -3.43 -25.24 40.31
CA HIS C 140 -4.65 -24.48 40.54
C HIS C 140 -5.09 -24.74 41.97
N ALA C 141 -5.37 -23.65 42.69
CA ALA C 141 -5.83 -23.71 44.08
C ALA C 141 -4.81 -24.41 44.98
N GLY C 142 -3.52 -24.25 44.68
CA GLY C 142 -2.47 -24.83 45.49
C GLY C 142 -2.15 -26.27 45.23
N LYS C 143 -2.85 -26.93 44.31
CA LYS C 143 -2.61 -28.32 43.97
C LYS C 143 -2.20 -28.42 42.50
N SER C 144 -1.41 -29.44 42.20
CA SER C 144 -0.98 -29.67 40.83
C SER C 144 -2.18 -30.02 39.95
N SER C 145 -2.18 -29.50 38.73
CA SER C 145 -3.27 -29.79 37.79
C SER C 145 -2.67 -29.85 36.39
N PHE C 146 -3.53 -29.75 35.39
CA PHE C 146 -3.10 -29.80 33.99
C PHE C 146 -4.15 -29.09 33.16
N TYR C 147 -3.82 -28.87 31.89
CA TYR C 147 -4.78 -28.34 30.93
C TYR C 147 -6.09 -29.10 30.97
N LYS C 148 -7.19 -28.35 30.91
CA LYS C 148 -8.50 -28.95 30.96
C LYS C 148 -8.94 -29.56 29.64
N ASN C 149 -8.27 -29.24 28.54
CA ASN C 149 -8.65 -29.78 27.24
C ASN C 149 -7.70 -30.87 26.74
N LEU C 150 -6.64 -31.18 27.48
CA LEU C 150 -5.67 -32.20 27.09
C LEU C 150 -5.57 -33.25 28.18
N LEU C 151 -4.95 -34.38 27.86
CA LEU C 151 -4.84 -35.50 28.80
C LEU C 151 -3.44 -36.11 28.72
N TRP C 152 -2.71 -36.04 29.83
CA TRP C 152 -1.32 -36.51 29.88
C TRP C 152 -1.34 -37.99 30.26
N LEU C 153 -1.36 -38.85 29.24
CA LEU C 153 -1.36 -40.29 29.46
C LEU C 153 0.02 -40.79 29.90
N THR C 154 0.04 -41.79 30.79
CA THR C 154 1.27 -42.41 31.25
C THR C 154 1.08 -43.92 31.29
N GLU C 155 2.17 -44.62 31.59
CA GLU C 155 2.13 -46.07 31.62
C GLU C 155 1.15 -46.58 32.68
N LYS C 156 0.59 -47.75 32.43
CA LYS C 156 -0.29 -48.42 33.37
C LYS C 156 0.21 -49.84 33.56
N ASP C 157 0.38 -50.24 34.82
CA ASP C 157 0.75 -51.61 35.20
C ASP C 157 2.10 -52.01 34.59
N GLY C 158 3.01 -51.05 34.49
CA GLY C 158 4.35 -51.32 34.01
C GLY C 158 4.51 -51.31 32.51
N SER C 159 3.51 -50.86 31.76
CA SER C 159 3.61 -50.86 30.31
C SER C 159 2.85 -49.67 29.73
N TYR C 160 3.28 -49.22 28.56
CA TYR C 160 2.59 -48.16 27.81
C TYR C 160 2.38 -48.77 26.42
N PRO C 161 1.26 -49.48 26.22
CA PRO C 161 1.05 -50.16 24.94
C PRO C 161 0.89 -49.17 23.81
N ASN C 162 1.12 -49.66 22.60
CA ASN C 162 0.86 -48.81 21.44
C ASN C 162 -0.62 -48.49 21.40
N LEU C 163 -0.96 -47.24 21.13
CA LEU C 163 -2.34 -46.81 21.06
C LEU C 163 -2.69 -46.40 19.64
N ASN C 164 -3.97 -46.53 19.31
CA ASN C 164 -4.46 -46.36 17.94
C ASN C 164 -5.89 -45.85 18.07
N LYS C 165 -6.08 -44.52 17.99
CA LYS C 165 -7.36 -43.88 18.26
C LYS C 165 -7.73 -42.93 17.14
N SER C 166 -8.93 -43.07 16.60
CA SER C 166 -9.38 -42.21 15.51
C SER C 166 -10.65 -41.46 15.90
N TYR C 167 -10.88 -40.34 15.21
CA TYR C 167 -12.10 -39.56 15.39
C TYR C 167 -12.61 -39.16 14.01
N VAL C 168 -13.89 -39.46 13.75
CA VAL C 168 -14.53 -39.07 12.50
C VAL C 168 -15.36 -37.83 12.78
N ASN C 169 -15.09 -36.76 12.04
CA ASN C 169 -15.80 -35.49 12.22
C ASN C 169 -17.20 -35.58 11.58
N LYS C 170 -18.21 -35.85 12.42
CA LYS C 170 -19.59 -35.83 11.99
C LYS C 170 -20.35 -34.60 12.50
N LYS C 171 -19.64 -33.50 12.81
CA LYS C 171 -20.26 -32.26 13.26
C LYS C 171 -20.67 -31.33 12.13
N GLU C 172 -20.36 -31.67 10.88
CA GLU C 172 -20.72 -30.87 9.71
C GLU C 172 -20.10 -29.47 9.76
N LYS C 173 -19.09 -29.30 10.63
CA LYS C 173 -18.32 -28.07 10.78
C LYS C 173 -16.86 -28.49 10.85
N GLU C 174 -15.97 -27.51 10.76
CA GLU C 174 -14.57 -27.79 11.08
C GLU C 174 -14.44 -28.11 12.56
N VAL C 175 -13.54 -29.03 12.88
CA VAL C 175 -13.21 -29.35 14.26
C VAL C 175 -11.74 -29.00 14.47
N LEU C 176 -11.49 -28.11 15.42
CA LEU C 176 -10.13 -27.78 15.84
C LEU C 176 -9.66 -28.79 16.88
N VAL C 177 -8.62 -29.57 16.54
CA VAL C 177 -8.05 -30.58 17.44
C VAL C 177 -6.66 -30.11 17.87
N LEU C 178 -6.40 -30.12 19.17
CA LEU C 178 -5.10 -29.79 19.75
C LEU C 178 -4.51 -30.99 20.48
N TRP C 179 -3.18 -31.08 20.46
CA TRP C 179 -2.47 -32.11 21.20
C TRP C 179 -1.07 -31.60 21.52
N GLY C 180 -0.34 -32.40 22.30
CA GLY C 180 1.02 -32.06 22.62
C GLY C 180 1.92 -33.29 22.57
N VAL C 181 3.22 -33.03 22.56
CA VAL C 181 4.23 -34.08 22.66
C VAL C 181 5.14 -33.73 23.81
N HIS C 182 5.32 -34.65 24.75
CA HIS C 182 6.19 -34.40 25.89
C HIS C 182 7.63 -34.79 25.55
N HIS C 183 8.57 -33.90 25.89
CA HIS C 183 10.00 -34.10 25.70
C HIS C 183 10.66 -34.08 27.08
N PRO C 184 10.93 -35.23 27.67
CA PRO C 184 11.44 -35.25 29.05
C PRO C 184 12.84 -34.70 29.18
N SER C 185 13.20 -34.35 30.41
CA SER C 185 14.52 -33.82 30.70
C SER C 185 15.61 -34.89 30.69
N ASN C 186 15.30 -36.14 31.04
CA ASN C 186 16.33 -37.18 31.09
C ASN C 186 15.74 -38.54 30.70
N ILE C 187 16.63 -39.52 30.49
CA ILE C 187 16.18 -40.85 30.07
C ILE C 187 15.46 -41.58 31.19
N GLU C 188 15.79 -41.28 32.45
CA GLU C 188 15.11 -41.96 33.56
C GLU C 188 13.63 -41.59 33.61
N ASN C 189 13.31 -40.32 33.37
CA ASN C 189 11.92 -39.90 33.34
C ASN C 189 11.18 -40.46 32.13
N GLN C 190 11.85 -40.50 30.98
CA GLN C 190 11.25 -41.10 29.79
C GLN C 190 10.83 -42.54 30.06
N LYS C 191 11.71 -43.32 30.69
CA LYS C 191 11.40 -44.73 30.97
C LYS C 191 10.35 -44.86 32.07
N THR C 192 10.42 -43.99 33.08
CA THR C 192 9.41 -43.99 34.14
C THR C 192 8.01 -43.77 33.57
N LEU C 193 7.86 -42.78 32.69
CA LEU C 193 6.55 -42.39 32.19
C LEU C 193 6.04 -43.31 31.09
N TYR C 194 6.92 -43.72 30.16
CA TYR C 194 6.47 -44.38 28.96
C TYR C 194 7.13 -45.75 28.74
N ARG C 195 8.05 -46.16 29.62
CA ARG C 195 8.56 -47.53 29.68
C ARG C 195 9.33 -47.94 28.43
N LYS C 196 9.94 -46.96 27.74
CA LYS C 196 10.79 -47.22 26.59
C LYS C 196 11.54 -45.94 26.22
N GLU C 197 12.76 -46.12 25.73
CA GLU C 197 13.64 -45.00 25.42
C GLU C 197 13.25 -44.31 24.11
N ASN C 198 12.89 -45.09 23.09
CA ASN C 198 12.59 -44.57 21.76
C ASN C 198 11.08 -44.67 21.54
N ALA C 199 10.39 -43.53 21.57
CA ALA C 199 8.96 -43.54 21.35
C ALA C 199 8.64 -42.67 20.14
N TYR C 200 7.38 -42.75 19.69
CA TYR C 200 6.94 -41.94 18.56
C TYR C 200 5.50 -41.52 18.77
N VAL C 201 5.13 -40.41 18.13
CA VAL C 201 3.73 -39.99 18.03
C VAL C 201 3.46 -39.72 16.56
N SER C 202 2.34 -40.21 16.07
CA SER C 202 1.94 -40.04 14.68
C SER C 202 0.51 -39.53 14.66
N VAL C 203 0.27 -38.46 13.90
CA VAL C 203 -1.04 -37.82 13.78
C VAL C 203 -1.32 -37.60 12.30
N VAL C 204 -2.39 -38.23 11.78
CA VAL C 204 -2.67 -38.21 10.35
C VAL C 204 -4.15 -37.96 10.09
N SER C 205 -4.44 -37.22 9.02
CA SER C 205 -5.80 -37.08 8.51
C SER C 205 -5.73 -37.21 6.99
N SER C 206 -6.77 -36.76 6.31
CA SER C 206 -6.70 -36.74 4.85
C SER C 206 -5.70 -35.71 4.33
N ASN C 207 -5.49 -34.61 5.07
CA ASN C 207 -4.54 -33.58 4.67
C ASN C 207 -3.33 -33.45 5.60
N TYR C 208 -3.48 -33.76 6.88
CA TYR C 208 -2.40 -33.62 7.85
C TYR C 208 -1.66 -34.93 8.02
N ASN C 209 -0.33 -34.86 8.13
CA ASN C 209 0.48 -36.06 8.25
C ASN C 209 1.80 -35.66 8.91
N ARG C 210 1.94 -35.97 10.20
CA ARG C 210 3.17 -35.58 10.90
C ARG C 210 3.57 -36.65 11.91
N ARG C 211 4.88 -36.82 12.08
CA ARG C 211 5.43 -37.78 13.02
C ARG C 211 6.37 -37.03 13.98
N PHE C 212 6.20 -37.29 15.27
CA PHE C 212 6.94 -36.59 16.31
C PHE C 212 7.76 -37.60 17.08
N THR C 213 8.99 -37.22 17.41
CA THR C 213 9.83 -38.08 18.22
C THR C 213 10.32 -37.28 19.41
N PRO C 214 10.15 -37.78 20.64
CA PRO C 214 10.67 -37.06 21.80
C PRO C 214 12.16 -36.77 21.67
N GLU C 215 12.55 -35.57 22.06
CA GLU C 215 13.94 -35.14 22.11
C GLU C 215 14.27 -34.99 23.59
N ILE C 216 15.06 -35.93 24.11
CA ILE C 216 15.43 -35.96 25.52
C ILE C 216 16.69 -35.10 25.72
N ALA C 217 16.60 -34.14 26.64
CA ALA C 217 17.74 -33.28 26.98
C ALA C 217 17.41 -32.49 28.23
N GLU C 218 18.43 -32.17 29.02
CA GLU C 218 18.25 -31.25 30.15
C GLU C 218 18.23 -29.79 29.65
N ARG C 219 17.15 -29.09 29.96
CA ARG C 219 17.02 -27.68 29.59
C ARG C 219 17.04 -26.82 30.84
N PRO C 220 17.39 -25.54 30.71
CA PRO C 220 17.23 -24.61 31.83
C PRO C 220 15.77 -24.66 32.29
N LYS C 221 15.57 -24.64 33.60
CA LYS C 221 14.23 -24.75 34.14
C LYS C 221 13.39 -23.52 33.77
N VAL C 222 12.20 -23.75 33.22
CA VAL C 222 11.19 -22.71 33.05
C VAL C 222 9.95 -23.17 33.80
N ARG C 223 9.45 -22.31 34.69
CA ARG C 223 8.39 -22.69 35.63
C ARG C 223 8.74 -23.99 36.35
N GLY C 224 10.02 -24.14 36.69
CA GLY C 224 10.50 -25.30 37.40
C GLY C 224 10.74 -26.55 36.58
N GLN C 225 10.49 -26.50 35.27
CA GLN C 225 10.52 -27.69 34.42
C GLN C 225 11.69 -27.64 33.46
N ALA C 226 12.55 -28.66 33.52
CA ALA C 226 13.58 -28.87 32.51
C ALA C 226 13.08 -29.68 31.32
N GLY C 227 11.93 -30.34 31.43
CA GLY C 227 11.31 -30.95 30.29
C GLY C 227 10.51 -29.93 29.50
N ARG C 228 9.99 -30.37 28.35
CA ARG C 228 9.25 -29.49 27.46
C ARG C 228 8.03 -30.24 26.91
N MET C 229 7.06 -29.45 26.49
CA MET C 229 5.84 -29.94 25.87
C MET C 229 5.58 -29.04 24.67
N ASN C 230 5.65 -29.60 23.46
CA ASN C 230 5.28 -28.84 22.26
C ASN C 230 3.82 -29.08 21.94
N TYR C 231 3.13 -28.02 21.50
CA TYR C 231 1.70 -28.06 21.27
C TYR C 231 1.41 -27.94 19.78
N TYR C 232 0.41 -28.68 19.30
CA TYR C 232 0.14 -28.79 17.88
C TYR C 232 -1.36 -28.72 17.68
N TRP C 233 -1.77 -28.34 16.47
CA TRP C 233 -3.20 -28.26 16.19
C TRP C 233 -3.46 -28.52 14.71
N THR C 234 -4.71 -28.83 14.40
CA THR C 234 -5.12 -28.86 13.00
C THR C 234 -6.63 -28.66 12.93
N LEU C 235 -7.09 -28.26 11.76
CA LEU C 235 -8.52 -28.10 11.49
C LEU C 235 -8.95 -29.32 10.70
N LEU C 236 -9.80 -30.14 11.30
CA LEU C 236 -10.32 -31.34 10.65
C LEU C 236 -11.61 -30.98 9.91
N GLU C 237 -11.62 -31.21 8.60
CA GLU C 237 -12.76 -30.84 7.77
C GLU C 237 -13.93 -31.79 8.01
N PRO C 238 -15.17 -31.30 7.82
CA PRO C 238 -16.34 -32.17 8.04
C PRO C 238 -16.23 -33.45 7.25
N GLY C 239 -16.56 -34.56 7.90
CA GLY C 239 -16.46 -35.86 7.30
C GLY C 239 -15.08 -36.48 7.30
N ASP C 240 -14.03 -35.73 7.64
CA ASP C 240 -12.69 -36.31 7.64
C ASP C 240 -12.41 -37.01 8.98
N THR C 241 -11.37 -37.85 8.97
CA THR C 241 -10.98 -38.65 10.13
C THR C 241 -9.56 -38.30 10.54
N ILE C 242 -9.34 -38.17 11.85
CA ILE C 242 -8.01 -37.96 12.42
C ILE C 242 -7.64 -39.19 13.23
N ILE C 243 -6.40 -39.65 13.05
CA ILE C 243 -5.94 -40.87 13.71
C ILE C 243 -4.66 -40.54 14.48
N PHE C 244 -4.67 -40.84 15.77
CA PHE C 244 -3.50 -40.70 16.63
C PHE C 244 -2.91 -42.10 16.86
N GLU C 245 -1.59 -42.24 16.72
CA GLU C 245 -0.87 -43.48 17.04
C GLU C 245 0.38 -43.15 17.85
N ALA C 246 0.60 -43.84 18.95
CA ALA C 246 1.76 -43.53 19.77
C ALA C 246 2.10 -44.71 20.66
N ASN C 247 3.37 -44.80 21.06
CA ASN C 247 3.81 -45.74 22.09
C ASN C 247 4.50 -45.02 23.25
N GLY C 248 4.30 -43.70 23.35
CA GLY C 248 4.79 -42.84 24.42
C GLY C 248 4.57 -41.37 24.09
N ASN C 249 4.66 -40.50 25.10
CA ASN C 249 4.86 -39.06 24.99
C ASN C 249 3.69 -38.30 24.37
N LEU C 250 2.54 -38.93 24.16
CA LEU C 250 1.41 -38.21 23.61
C LEU C 250 0.68 -37.47 24.72
N ILE C 251 0.49 -36.17 24.54
CA ILE C 251 -0.44 -35.38 25.33
C ILE C 251 -1.72 -35.35 24.51
N ALA C 252 -2.63 -36.22 24.84
CA ALA C 252 -3.74 -36.56 23.95
C ALA C 252 -4.82 -35.50 24.00
N PRO C 253 -5.55 -35.30 22.90
CA PRO C 253 -6.75 -34.46 22.97
C PRO C 253 -7.74 -35.07 23.94
N TRP C 254 -8.33 -34.21 24.77
CA TRP C 254 -9.48 -34.57 25.58
C TRP C 254 -10.73 -33.87 25.10
N TYR C 255 -10.69 -32.55 25.00
CA TYR C 255 -11.78 -31.78 24.41
C TYR C 255 -11.27 -31.15 23.12
N ALA C 256 -12.16 -31.04 22.14
CA ALA C 256 -11.90 -30.32 20.90
C ALA C 256 -13.02 -29.31 20.68
N PHE C 257 -12.99 -28.62 19.54
CA PHE C 257 -13.91 -27.50 19.30
C PHE C 257 -14.49 -27.61 17.91
N ALA C 258 -15.81 -27.76 17.82
CA ALA C 258 -16.53 -27.60 16.55
C ALA C 258 -16.83 -26.13 16.33
N LEU C 259 -16.54 -25.64 15.13
CA LEU C 259 -16.56 -24.20 14.93
C LEU C 259 -16.78 -23.86 13.47
N SER C 260 -17.38 -22.68 13.24
CA SER C 260 -17.47 -22.10 11.91
C SER C 260 -16.75 -20.77 11.98
N ARG C 261 -15.67 -20.64 11.22
CA ARG C 261 -14.86 -19.44 11.31
C ARG C 261 -15.49 -18.29 10.55
N GLY C 262 -15.42 -17.09 11.11
CA GLY C 262 -15.80 -15.90 10.39
C GLY C 262 -14.65 -15.38 9.55
N LEU C 263 -14.98 -14.55 8.58
CA LEU C 263 -14.00 -14.02 7.65
C LEU C 263 -13.34 -12.79 8.26
N GLY C 264 -12.01 -12.84 8.36
CA GLY C 264 -11.16 -11.68 8.56
C GLY C 264 -11.47 -10.70 9.68
N SER C 265 -11.36 -11.15 10.93
CA SER C 265 -11.34 -10.25 12.06
C SER C 265 -9.95 -10.25 12.71
N GLY C 266 -9.89 -9.91 13.99
CA GLY C 266 -8.60 -9.77 14.59
C GLY C 266 -8.73 -9.68 16.09
N ILE C 267 -7.62 -9.32 16.71
CA ILE C 267 -7.47 -9.31 18.16
C ILE C 267 -7.06 -7.90 18.59
N ILE C 268 -7.68 -7.42 19.65
CA ILE C 268 -7.41 -6.10 20.22
C ILE C 268 -6.82 -6.29 21.61
N THR C 269 -5.82 -5.46 21.95
CA THR C 269 -5.29 -5.39 23.31
C THR C 269 -5.76 -4.09 23.94
N SER C 270 -6.48 -4.20 25.05
CA SER C 270 -7.21 -3.04 25.56
C SER C 270 -7.43 -3.15 27.05
N ASN C 271 -7.43 -1.98 27.71
CA ASN C 271 -7.89 -1.83 29.09
C ASN C 271 -9.40 -1.62 29.18
N ALA C 272 -10.05 -1.33 28.06
CA ALA C 272 -11.45 -0.94 28.09
C ALA C 272 -12.32 -2.15 28.42
N SER C 273 -13.51 -1.88 28.96
CA SER C 273 -14.45 -2.89 29.35
C SER C 273 -15.62 -2.97 28.38
N MET C 274 -16.28 -4.13 28.38
CA MET C 274 -17.47 -4.34 27.58
C MET C 274 -18.63 -3.48 28.09
N ASP C 275 -19.45 -3.01 27.16
CA ASP C 275 -20.67 -2.32 27.52
C ASP C 275 -21.77 -2.78 26.56
N GLU C 276 -23.01 -2.41 26.88
CA GLU C 276 -24.16 -2.68 26.02
C GLU C 276 -24.18 -1.60 24.94
N CYS C 277 -23.29 -1.75 23.95
CA CYS C 277 -23.17 -0.80 22.86
C CYS C 277 -22.81 -1.55 21.59
N ASP C 278 -23.21 -0.99 20.46
CA ASP C 278 -22.87 -1.52 19.15
C ASP C 278 -22.12 -0.45 18.35
N THR C 279 -21.18 -0.90 17.53
CA THR C 279 -20.39 -0.01 16.69
C THR C 279 -20.17 -0.67 15.34
N LYS C 280 -19.79 0.13 14.35
CA LYS C 280 -19.25 -0.43 13.12
C LYS C 280 -17.73 -0.51 13.12
N CYS C 281 -17.07 0.20 14.05
CA CYS C 281 -15.62 0.31 14.08
C CYS C 281 -15.14 0.33 15.51
N GLN C 282 -14.31 -0.64 15.87
CA GLN C 282 -13.73 -0.75 17.21
C GLN C 282 -12.24 -0.39 17.16
N THR C 283 -11.78 0.43 18.10
CA THR C 283 -10.37 0.70 18.34
C THR C 283 -9.96 0.15 19.71
N PRO C 284 -8.65 0.02 19.99
CA PRO C 284 -8.23 -0.48 21.31
C PRO C 284 -8.63 0.40 22.48
N GLN C 285 -8.74 1.72 22.31
CA GLN C 285 -9.25 2.56 23.41
C GLN C 285 -10.77 2.53 23.52
N GLY C 286 -11.48 2.27 22.43
CA GLY C 286 -12.92 2.37 22.44
C GLY C 286 -13.47 2.48 21.04
N ALA C 287 -14.81 2.44 20.97
CA ALA C 287 -15.51 2.44 19.71
C ALA C 287 -15.63 3.87 19.17
N ILE C 288 -15.65 3.99 17.84
CA ILE C 288 -15.79 5.29 17.21
C ILE C 288 -16.92 5.21 16.19
N ASN C 289 -17.55 6.36 15.93
CA ASN C 289 -18.51 6.45 14.84
C ASN C 289 -17.80 6.33 13.49
N SER C 290 -18.54 5.86 12.49
CA SER C 290 -17.99 5.57 11.18
C SER C 290 -18.66 6.32 10.04
N SER C 291 -19.48 7.34 10.34
CA SER C 291 -20.12 8.12 9.30
C SER C 291 -19.12 8.98 8.53
N LEU C 292 -18.05 9.46 9.19
CA LEU C 292 -17.10 10.39 8.57
C LEU C 292 -15.94 9.65 7.93
N PRO C 293 -15.27 10.27 6.95
CA PRO C 293 -14.27 9.54 6.19
C PRO C 293 -12.93 9.32 6.90
N PHE C 294 -12.62 10.12 7.93
CA PHE C 294 -11.31 10.09 8.58
C PHE C 294 -11.49 10.00 10.09
N GLN C 295 -10.47 9.44 10.75
CA GLN C 295 -10.41 9.33 12.20
C GLN C 295 -8.94 9.39 12.62
N ASN C 296 -8.68 9.96 13.80
CA ASN C 296 -7.33 10.08 14.32
C ASN C 296 -7.20 9.40 15.68
N ILE C 297 -8.06 8.42 15.97
CA ILE C 297 -8.05 7.77 17.27
C ILE C 297 -6.93 6.74 17.36
N HIS C 298 -6.84 5.84 16.38
CA HIS C 298 -5.90 4.72 16.47
C HIS C 298 -5.72 4.05 15.13
N PRO C 299 -4.51 3.64 14.76
CA PRO C 299 -4.33 2.93 13.48
C PRO C 299 -4.88 1.51 13.46
N PHE C 300 -4.98 0.83 14.60
CA PHE C 300 -5.27 -0.61 14.61
C PHE C 300 -6.75 -0.85 14.93
N THR C 301 -7.60 -0.55 13.95
CA THR C 301 -9.03 -0.64 14.11
C THR C 301 -9.55 -1.98 13.59
N ILE C 302 -10.75 -2.33 14.00
CA ILE C 302 -11.46 -3.48 13.44
C ILE C 302 -12.88 -3.07 13.09
N GLY C 303 -13.28 -3.31 11.85
CA GLY C 303 -14.63 -3.11 11.40
C GLY C 303 -14.62 -2.39 10.08
N GLU C 304 -15.69 -1.64 9.79
CA GLU C 304 -15.78 -0.78 8.61
C GLU C 304 -15.47 0.64 9.07
N CYS C 305 -14.22 1.05 8.88
CA CYS C 305 -13.65 2.15 9.63
C CYS C 305 -13.32 3.34 8.76
N PRO C 306 -13.43 4.54 9.32
CA PRO C 306 -12.79 5.70 8.69
C PRO C 306 -11.30 5.47 8.56
N LYS C 307 -10.68 6.15 7.60
CA LYS C 307 -9.25 5.99 7.37
C LYS C 307 -8.46 6.74 8.43
N TYR C 308 -7.38 6.12 8.93
CA TYR C 308 -6.58 6.72 9.99
C TYR C 308 -5.69 7.81 9.43
N VAL C 309 -5.71 8.98 10.08
CA VAL C 309 -4.91 10.12 9.68
C VAL C 309 -4.26 10.70 10.93
N ARG C 310 -3.14 11.38 10.75
CA ARG C 310 -2.54 12.11 11.86
C ARG C 310 -3.13 13.51 12.07
N SER C 311 -4.09 13.94 11.24
CA SER C 311 -4.68 15.28 11.37
C SER C 311 -5.35 15.49 12.72
N THR C 312 -5.30 16.73 13.22
CA THR C 312 -6.09 17.11 14.38
C THR C 312 -7.32 17.95 14.02
N LYS C 313 -7.39 18.48 12.80
CA LYS C 313 -8.51 19.33 12.41
C LYS C 313 -8.69 19.19 10.91
N LEU C 314 -9.90 18.79 10.48
CA LEU C 314 -10.30 18.69 9.08
C LEU C 314 -11.71 19.26 8.99
N ARG C 315 -11.78 20.59 8.85
CA ARG C 315 -13.07 21.29 8.83
C ARG C 315 -13.26 21.97 7.48
N MET C 316 -14.39 21.67 6.84
CA MET C 316 -14.78 22.29 5.57
C MET C 316 -15.73 23.44 5.88
N VAL C 317 -15.44 24.61 5.32
CA VAL C 317 -16.40 25.70 5.41
C VAL C 317 -17.58 25.36 4.52
N THR C 318 -18.79 25.59 5.04
CA THR C 318 -19.98 25.55 4.19
C THR C 318 -20.56 26.94 3.97
N GLY C 319 -20.55 27.79 4.99
CA GLY C 319 -21.03 29.16 4.89
C GLY C 319 -19.98 30.09 4.32
N LEU C 320 -20.05 31.36 4.74
CA LEU C 320 -19.26 32.44 4.19
C LEU C 320 -18.17 32.90 5.14
N ARG C 321 -17.17 33.59 4.59
CA ARG C 321 -16.32 34.45 5.39
C ARG C 321 -17.18 35.30 6.31
N ASN C 322 -16.91 35.22 7.61
CA ASN C 322 -17.71 35.93 8.59
C ASN C 322 -17.05 37.28 8.86
N ILE C 323 -17.72 38.34 8.43
CA ILE C 323 -17.26 39.72 8.55
C ILE C 323 -18.41 40.52 9.14
N PRO C 324 -18.68 40.44 10.45
CA PRO C 324 -19.85 41.13 11.02
C PRO C 324 -19.67 42.65 11.12
N GLY C 330 -12.17 35.52 -2.61
CA GLY C 330 -11.46 36.76 -2.92
C GLY C 330 -11.25 36.97 -4.41
N LEU C 331 -11.35 35.88 -5.18
CA LEU C 331 -11.04 35.95 -6.61
C LEU C 331 -11.95 36.94 -7.34
N PHE C 332 -13.18 37.11 -6.87
CA PHE C 332 -14.14 37.94 -7.61
C PHE C 332 -14.29 39.33 -7.00
N GLY C 333 -13.59 39.62 -5.90
CA GLY C 333 -13.41 40.97 -5.45
C GLY C 333 -14.61 41.59 -4.77
N ALA C 334 -15.66 40.82 -4.51
CA ALA C 334 -16.86 41.36 -3.88
C ALA C 334 -16.80 41.25 -2.36
N ILE C 335 -16.77 40.01 -1.85
CA ILE C 335 -16.74 39.79 -0.41
C ILE C 335 -15.37 40.20 0.14
N ALA C 336 -15.38 40.98 1.22
CA ALA C 336 -14.17 41.59 1.78
C ALA C 336 -13.42 42.31 0.68
N GLY C 337 -14.16 42.85 -0.28
CA GLY C 337 -13.62 43.64 -1.37
C GLY C 337 -14.41 44.92 -1.47
N PHE C 338 -15.05 45.16 -2.62
CA PHE C 338 -15.81 46.39 -2.73
C PHE C 338 -17.11 46.34 -1.91
N ILE C 339 -17.53 45.18 -1.45
CA ILE C 339 -18.55 45.08 -0.41
C ILE C 339 -17.83 44.68 0.86
N GLU C 340 -17.54 45.66 1.71
CA GLU C 340 -16.50 45.53 2.71
C GLU C 340 -16.91 44.56 3.82
N GLY C 341 -18.18 44.56 4.21
CA GLY C 341 -18.60 43.72 5.32
C GLY C 341 -19.93 43.04 5.06
N GLY C 342 -20.23 42.10 5.95
CA GLY C 342 -21.47 41.37 5.90
C GLY C 342 -22.59 42.00 6.73
N TRP C 343 -23.78 41.43 6.60
CA TRP C 343 -24.98 41.93 7.24
C TRP C 343 -25.45 40.92 8.27
N ALA C 344 -25.18 41.20 9.55
CA ALA C 344 -25.79 40.39 10.59
C ALA C 344 -27.31 40.57 10.63
N GLY C 345 -27.83 41.65 10.03
CA GLY C 345 -29.26 41.88 9.98
C GLY C 345 -30.02 41.10 8.92
N MET C 346 -29.32 40.58 7.91
CA MET C 346 -29.96 39.72 6.91
C MET C 346 -29.90 38.29 7.41
N ILE C 347 -31.03 37.83 7.95
CA ILE C 347 -31.15 36.57 8.68
C ILE C 347 -31.67 35.43 7.82
N ASP C 348 -32.18 35.71 6.63
CA ASP C 348 -32.96 34.72 5.88
C ASP C 348 -32.20 34.08 4.72
N GLY C 349 -30.89 34.27 4.63
CA GLY C 349 -30.18 33.71 3.50
C GLY C 349 -28.72 34.11 3.52
N TRP C 350 -28.02 33.72 2.46
CA TRP C 350 -26.59 33.97 2.29
C TRP C 350 -26.31 35.28 1.53
N TYR C 351 -27.01 35.51 0.44
CA TYR C 351 -26.87 36.72 -0.36
C TYR C 351 -28.22 37.40 -0.50
N GLY C 352 -28.21 38.73 -0.60
CA GLY C 352 -29.47 39.44 -0.71
C GLY C 352 -29.31 40.94 -0.79
N TYR C 353 -30.38 41.63 -0.46
CA TYR C 353 -30.52 43.05 -0.73
C TYR C 353 -30.89 43.82 0.53
N HIS C 354 -30.52 45.10 0.55
CA HIS C 354 -31.09 46.08 1.46
C HIS C 354 -31.53 47.26 0.60
N HIS C 355 -32.68 47.83 0.93
CA HIS C 355 -33.21 48.97 0.19
C HIS C 355 -33.67 50.05 1.17
N GLN C 356 -33.82 51.25 0.63
CA GLN C 356 -34.44 52.34 1.35
C GLN C 356 -35.17 53.20 0.33
N ASN C 357 -36.46 53.42 0.58
CA ASN C 357 -37.26 54.37 -0.19
C ASN C 357 -38.19 55.06 0.78
N GLU C 358 -39.10 55.88 0.26
CA GLU C 358 -39.98 56.61 1.15
C GLU C 358 -40.94 55.67 1.87
N GLN C 359 -41.14 54.45 1.37
CA GLN C 359 -42.03 53.52 2.05
C GLN C 359 -41.35 52.74 3.18
N GLY C 360 -40.03 52.78 3.28
CA GLY C 360 -39.33 52.12 4.37
C GLY C 360 -37.97 51.61 3.93
N SER C 361 -37.34 50.86 4.84
CA SER C 361 -36.05 50.22 4.60
C SER C 361 -36.08 48.81 5.16
N GLY C 362 -35.21 47.94 4.65
CA GLY C 362 -35.09 46.60 5.21
C GLY C 362 -34.25 45.69 4.34
N TYR C 363 -33.94 44.53 4.92
CA TYR C 363 -33.15 43.47 4.28
C TYR C 363 -34.05 42.42 3.63
N ALA C 364 -33.52 41.76 2.60
CA ALA C 364 -34.22 40.63 2.01
C ALA C 364 -33.20 39.75 1.30
N ALA C 365 -33.18 38.46 1.65
CA ALA C 365 -32.30 37.51 0.99
C ALA C 365 -32.82 37.19 -0.40
N ASP C 366 -31.89 37.00 -1.33
CA ASP C 366 -32.23 36.44 -2.64
C ASP C 366 -32.33 34.92 -2.49
N GLN C 367 -33.55 34.39 -2.54
CA GLN C 367 -33.71 32.96 -2.24
C GLN C 367 -33.19 32.07 -3.34
N LYS C 368 -33.31 32.47 -4.61
CA LYS C 368 -32.85 31.61 -5.70
C LYS C 368 -31.33 31.39 -5.62
N SER C 369 -30.56 32.48 -5.52
CA SER C 369 -29.11 32.29 -5.45
C SER C 369 -28.72 31.61 -4.15
N THR C 370 -29.40 31.92 -3.05
CA THR C 370 -29.11 31.24 -1.80
C THR C 370 -29.38 29.74 -1.91
N GLN C 371 -30.56 29.36 -2.43
CA GLN C 371 -30.92 27.94 -2.47
C GLN C 371 -30.04 27.17 -3.44
N ASN C 372 -29.69 27.78 -4.58
CA ASN C 372 -28.75 27.15 -5.49
C ASN C 372 -27.40 26.92 -4.83
N ALA C 373 -26.94 27.90 -4.04
CA ALA C 373 -25.66 27.77 -3.37
C ALA C 373 -25.74 26.71 -2.26
N ILE C 374 -26.85 26.66 -1.52
CA ILE C 374 -26.98 25.63 -0.50
C ILE C 374 -26.93 24.24 -1.13
N ASN C 375 -27.66 24.07 -2.24
CA ASN C 375 -27.67 22.78 -2.94
C ASN C 375 -26.28 22.37 -3.43
N GLY C 376 -25.51 23.32 -3.96
CA GLY C 376 -24.18 22.98 -4.44
C GLY C 376 -23.23 22.63 -3.31
N ILE C 377 -23.26 23.42 -2.22
CA ILE C 377 -22.41 23.14 -1.07
C ILE C 377 -22.77 21.79 -0.44
N THR C 378 -24.07 21.47 -0.43
CA THR C 378 -24.49 20.18 0.09
C THR C 378 -23.96 19.04 -0.75
N ASN C 379 -24.02 19.19 -2.08
CA ASN C 379 -23.48 18.16 -2.94
C ASN C 379 -21.97 18.03 -2.79
N LYS C 380 -21.29 19.15 -2.54
CA LYS C 380 -19.85 19.13 -2.33
C LYS C 380 -19.49 18.36 -1.07
N VAL C 381 -20.16 18.68 0.04
CA VAL C 381 -19.84 18.03 1.30
C VAL C 381 -20.15 16.53 1.23
N ASN C 382 -21.30 16.19 0.65
CA ASN C 382 -21.69 14.79 0.52
C ASN C 382 -20.71 13.99 -0.32
N SER C 383 -20.12 14.60 -1.35
CA SER C 383 -19.17 13.86 -2.17
C SER C 383 -17.91 13.53 -1.38
N VAL C 384 -17.42 14.47 -0.59
CA VAL C 384 -16.22 14.22 0.22
C VAL C 384 -16.46 13.08 1.19
N ILE C 385 -17.67 12.93 1.68
CA ILE C 385 -18.00 11.90 2.65
C ILE C 385 -18.39 10.58 1.99
N GLU C 386 -19.27 10.65 1.00
CA GLU C 386 -19.88 9.44 0.46
C GLU C 386 -19.00 8.70 -0.53
N LYS C 387 -18.01 9.37 -1.12
CA LYS C 387 -17.11 8.66 -2.04
C LYS C 387 -16.12 7.75 -1.30
N MET C 388 -16.05 7.81 0.01
CA MET C 388 -15.10 6.96 0.73
C MET C 388 -15.63 5.52 0.73
N ASN C 389 -14.90 4.63 0.07
CA ASN C 389 -15.22 3.21 0.03
C ASN C 389 -14.56 2.50 1.21
N THR C 390 -15.31 1.65 1.90
CA THR C 390 -14.72 0.96 3.04
C THR C 390 -15.16 -0.51 3.03
N GLN C 391 -14.36 -1.34 3.68
CA GLN C 391 -14.67 -2.76 3.82
C GLN C 391 -14.32 -3.18 5.23
N PHE C 392 -14.86 -4.32 5.66
CA PHE C 392 -14.56 -4.82 7.00
C PHE C 392 -13.13 -5.32 7.02
N THR C 393 -12.27 -4.64 7.79
CA THR C 393 -10.85 -4.93 7.85
C THR C 393 -10.41 -4.93 9.30
N ALA C 394 -9.56 -5.89 9.65
CA ALA C 394 -8.83 -5.89 10.92
C ALA C 394 -7.40 -5.47 10.63
N VAL C 395 -7.02 -4.26 11.04
CA VAL C 395 -5.72 -3.73 10.62
C VAL C 395 -4.57 -4.47 11.31
N GLY C 396 -4.69 -4.74 12.60
CA GLY C 396 -3.55 -5.21 13.36
C GLY C 396 -3.11 -6.60 12.92
N LYS C 397 -1.81 -6.85 13.04
CA LYS C 397 -1.21 -8.15 12.72
C LYS C 397 -0.16 -8.49 13.77
N GLU C 398 -0.01 -9.79 14.04
CA GLU C 398 0.93 -10.31 15.04
C GLU C 398 1.95 -11.20 14.38
N PHE C 399 3.23 -11.01 14.71
CA PHE C 399 4.34 -11.79 14.15
C PHE C 399 5.28 -12.26 15.25
N ASN C 400 5.86 -13.44 15.08
CA ASN C 400 6.76 -13.98 16.10
C ASN C 400 8.17 -13.43 15.89
N LYS C 401 9.09 -13.80 16.81
CA LYS C 401 10.43 -13.20 16.83
C LYS C 401 11.26 -13.53 15.59
N LEU C 402 10.87 -14.52 14.79
CA LEU C 402 11.57 -14.82 13.56
C LEU C 402 10.80 -14.37 12.31
N GLU C 403 9.90 -13.41 12.46
CA GLU C 403 9.16 -12.82 11.34
C GLU C 403 9.29 -11.30 11.36
N LYS C 404 10.46 -10.79 11.74
CA LYS C 404 10.68 -9.35 11.84
C LYS C 404 10.54 -8.68 10.49
N ARG C 405 11.00 -9.36 9.42
CA ARG C 405 10.88 -8.77 8.11
C ARG C 405 9.41 -8.60 7.72
N MET C 406 8.57 -9.58 8.07
CA MET C 406 7.13 -9.46 7.83
C MET C 406 6.52 -8.38 8.70
N GLU C 407 6.91 -8.33 9.96
CA GLU C 407 6.42 -7.28 10.84
C GLU C 407 6.72 -5.88 10.28
N ASN C 408 7.92 -5.70 9.74
CA ASN C 408 8.31 -4.39 9.21
C ASN C 408 7.65 -4.09 7.87
N LEU C 409 7.38 -5.12 7.06
CA LEU C 409 6.60 -4.90 5.85
C LEU C 409 5.18 -4.46 6.19
N ASN C 410 4.58 -5.11 7.19
CA ASN C 410 3.25 -4.70 7.65
C ASN C 410 3.26 -3.26 8.16
N LYS C 411 4.31 -2.88 8.90
CA LYS C 411 4.41 -1.50 9.37
C LYS C 411 4.57 -0.53 8.20
N LYS C 412 5.39 -0.89 7.21
CA LYS C 412 5.52 -0.08 6.01
C LYS C 412 4.18 0.13 5.32
N VAL C 413 3.31 -0.88 5.29
CA VAL C 413 1.98 -0.72 4.66
C VAL C 413 1.14 0.26 5.47
N ASP C 414 1.03 0.02 6.78
CA ASP C 414 0.22 0.87 7.64
C ASP C 414 0.72 2.32 7.62
N ASP C 415 2.03 2.52 7.69
CA ASP C 415 2.58 3.87 7.72
C ASP C 415 2.44 4.57 6.37
N GLY C 416 2.54 3.81 5.29
CA GLY C 416 2.36 4.38 3.96
C GLY C 416 0.92 4.84 3.73
N PHE C 417 -0.06 4.04 4.14
CA PHE C 417 -1.45 4.47 4.07
C PHE C 417 -1.69 5.71 4.92
N LEU C 418 -1.14 5.72 6.15
CA LEU C 418 -1.27 6.89 7.03
C LEU C 418 -0.75 8.15 6.36
N ASP C 419 0.39 8.07 5.68
CA ASP C 419 0.95 9.25 5.04
C ASP C 419 0.08 9.68 3.86
N ILE C 420 -0.42 8.73 3.08
CA ILE C 420 -1.21 9.05 1.90
C ILE C 420 -2.50 9.73 2.32
N TRP C 421 -3.20 9.16 3.30
CA TRP C 421 -4.50 9.71 3.67
C TRP C 421 -4.35 11.03 4.40
N THR C 422 -3.30 11.21 5.21
CA THR C 422 -3.15 12.49 5.92
C THR C 422 -2.92 13.62 4.93
N TYR C 423 -1.97 13.44 4.02
CA TYR C 423 -1.68 14.46 3.02
C TYR C 423 -2.92 14.77 2.16
N ASN C 424 -3.54 13.72 1.63
CA ASN C 424 -4.66 13.93 0.71
C ASN C 424 -5.85 14.57 1.44
N ALA C 425 -6.10 14.18 2.69
CA ALA C 425 -7.20 14.78 3.44
C ALA C 425 -6.95 16.27 3.71
N GLU C 426 -5.75 16.60 4.18
CA GLU C 426 -5.39 17.98 4.46
C GLU C 426 -5.51 18.84 3.22
N LEU C 427 -4.90 18.39 2.12
CA LEU C 427 -4.90 19.21 0.91
C LEU C 427 -6.27 19.27 0.26
N LEU C 428 -7.06 18.19 0.38
CA LEU C 428 -8.42 18.22 -0.16
C LEU C 428 -9.28 19.25 0.55
N VAL C 429 -9.18 19.32 1.87
CA VAL C 429 -9.95 20.29 2.65
C VAL C 429 -9.50 21.71 2.32
N LEU C 430 -8.19 21.92 2.22
CA LEU C 430 -7.69 23.26 1.86
C LEU C 430 -8.26 23.70 0.52
N LEU C 431 -8.21 22.82 -0.48
CA LEU C 431 -8.65 23.16 -1.84
C LEU C 431 -10.15 23.38 -1.90
N GLU C 432 -10.92 22.53 -1.22
CA GLU C 432 -12.37 22.68 -1.18
C GLU C 432 -12.75 23.99 -0.49
N ASN C 433 -12.05 24.32 0.59
CA ASN C 433 -12.34 25.55 1.34
C ASN C 433 -12.06 26.80 0.50
N GLU C 434 -10.96 26.81 -0.25
CA GLU C 434 -10.68 27.92 -1.13
C GLU C 434 -11.77 28.06 -2.20
N ARG C 435 -12.11 26.95 -2.84
CA ARG C 435 -13.18 26.99 -3.85
C ARG C 435 -14.50 27.43 -3.25
N THR C 436 -14.82 26.98 -2.03
CA THR C 436 -16.11 27.35 -1.45
C THR C 436 -16.21 28.85 -1.24
N LEU C 437 -15.12 29.47 -0.75
CA LEU C 437 -15.14 30.91 -0.55
C LEU C 437 -15.16 31.66 -1.87
N ASP C 438 -14.50 31.12 -2.90
CA ASP C 438 -14.55 31.75 -4.23
C ASP C 438 -15.97 31.67 -4.79
N PHE C 439 -16.65 30.56 -4.54
CA PHE C 439 -18.01 30.34 -5.02
C PHE C 439 -18.97 31.37 -4.41
N HIS C 440 -18.90 31.57 -3.10
CA HIS C 440 -19.70 32.62 -2.46
C HIS C 440 -19.35 33.99 -3.03
N ASP C 441 -18.07 34.27 -3.21
CA ASP C 441 -17.64 35.55 -3.77
C ASP C 441 -18.26 35.76 -5.16
N SER C 442 -18.22 34.71 -5.99
CA SER C 442 -18.82 34.78 -7.32
C SER C 442 -20.32 35.04 -7.26
N ASN C 443 -21.03 34.36 -6.37
CA ASN C 443 -22.48 34.54 -6.31
C ASN C 443 -22.85 35.97 -5.92
N VAL C 444 -22.10 36.58 -5.00
CA VAL C 444 -22.36 37.96 -4.64
C VAL C 444 -22.06 38.89 -5.80
N LYS C 445 -20.92 38.67 -6.47
CA LYS C 445 -20.56 39.50 -7.62
C LYS C 445 -21.62 39.40 -8.72
N ASN C 446 -22.10 38.19 -9.01
CA ASN C 446 -23.08 38.03 -10.08
C ASN C 446 -24.43 38.63 -9.72
N LEU C 447 -24.82 38.56 -8.45
CA LEU C 447 -26.02 39.25 -7.99
C LEU C 447 -25.88 40.75 -8.19
N TYR C 448 -24.72 41.31 -7.83
CA TYR C 448 -24.47 42.73 -8.01
C TYR C 448 -24.59 43.13 -9.48
N GLU C 449 -23.99 42.35 -10.38
CA GLU C 449 -23.99 42.70 -11.80
C GLU C 449 -25.39 42.57 -12.40
N LYS C 450 -26.19 41.62 -11.92
CA LYS C 450 -27.56 41.52 -12.40
C LYS C 450 -28.34 42.80 -12.11
N VAL C 451 -28.13 43.39 -10.94
CA VAL C 451 -28.79 44.65 -10.60
C VAL C 451 -28.22 45.80 -11.42
N LYS C 452 -26.91 45.89 -11.49
CA LYS C 452 -26.26 47.00 -12.19
C LYS C 452 -26.67 47.03 -13.66
N ASN C 453 -26.78 45.87 -14.29
CA ASN C 453 -27.11 45.84 -15.71
C ASN C 453 -28.57 46.20 -15.98
N GLN C 454 -29.46 45.97 -15.01
CA GLN C 454 -30.84 46.42 -15.19
C GLN C 454 -30.98 47.91 -14.94
N LEU C 455 -30.34 48.42 -13.88
CA LEU C 455 -30.49 49.84 -13.55
C LEU C 455 -29.87 50.71 -14.64
N ARG C 456 -28.73 50.27 -15.19
CA ARG C 456 -28.03 51.06 -16.21
C ARG C 456 -27.79 52.46 -15.66
N ASN C 457 -28.24 53.50 -16.38
CA ASN C 457 -27.98 54.87 -15.98
C ASN C 457 -29.15 55.52 -15.24
N ASN C 458 -30.16 54.74 -14.83
CA ASN C 458 -31.19 55.28 -13.96
C ASN C 458 -30.76 55.34 -12.50
N ALA C 459 -29.53 54.91 -12.20
CA ALA C 459 -29.03 54.92 -10.83
C ALA C 459 -27.53 55.18 -10.84
N LYS C 460 -27.05 55.78 -9.76
CA LYS C 460 -25.63 56.05 -9.56
C LYS C 460 -25.01 54.94 -8.72
N GLU C 461 -23.92 54.37 -9.21
CA GLU C 461 -23.15 53.42 -8.42
C GLU C 461 -22.39 54.16 -7.34
N ILE C 462 -22.62 53.78 -6.08
CA ILE C 462 -21.84 54.34 -4.97
C ILE C 462 -20.46 53.68 -4.87
N GLY C 463 -20.37 52.36 -5.05
CA GLY C 463 -19.10 51.65 -5.01
C GLY C 463 -18.94 50.66 -3.86
N ASN C 464 -19.91 50.58 -2.96
CA ASN C 464 -19.90 49.68 -1.81
C ASN C 464 -21.00 48.62 -1.92
N GLY C 465 -21.39 48.29 -3.14
CA GLY C 465 -22.51 47.40 -3.36
C GLY C 465 -23.85 48.09 -3.57
N CYS C 466 -23.90 49.42 -3.45
CA CYS C 466 -25.17 50.15 -3.43
C CYS C 466 -25.36 50.98 -4.69
N PHE C 467 -26.62 51.14 -5.07
CA PHE C 467 -27.03 51.97 -6.20
C PHE C 467 -27.98 53.04 -5.68
N GLU C 468 -27.79 54.28 -6.15
CA GLU C 468 -28.63 55.42 -5.79
C GLU C 468 -29.48 55.79 -6.99
N PHE C 469 -30.80 55.61 -6.86
CA PHE C 469 -31.69 55.87 -7.98
C PHE C 469 -31.78 57.38 -8.26
N TYR C 470 -31.88 57.72 -9.53
CA TYR C 470 -32.13 59.09 -9.94
C TYR C 470 -33.61 59.43 -9.94
N HIS C 471 -34.46 58.41 -9.81
CA HIS C 471 -35.89 58.53 -9.74
C HIS C 471 -36.39 57.92 -8.43
N LYS C 472 -37.68 58.09 -8.16
CA LYS C 472 -38.30 57.44 -7.02
C LYS C 472 -38.51 55.97 -7.35
N CYS C 473 -38.03 55.11 -6.47
CA CYS C 473 -38.15 53.67 -6.67
C CYS C 473 -39.01 53.13 -5.51
N ASN C 474 -40.30 53.04 -5.75
CA ASN C 474 -41.25 52.56 -4.75
C ASN C 474 -41.10 51.04 -4.60
N ASN C 475 -41.97 50.47 -3.76
CA ASN C 475 -41.83 49.06 -3.40
C ASN C 475 -42.01 48.14 -4.60
N GLU C 476 -42.95 48.48 -5.49
CA GLU C 476 -43.10 47.71 -6.73
C GLU C 476 -41.86 47.82 -7.61
N CYS C 477 -41.24 49.01 -7.64
CA CYS C 477 -39.99 49.19 -8.38
C CYS C 477 -38.88 48.36 -7.76
N MET C 478 -38.78 48.37 -6.44
CA MET C 478 -37.78 47.56 -5.74
C MET C 478 -37.97 46.08 -6.06
N GLU C 479 -39.21 45.59 -5.95
CA GLU C 479 -39.47 44.18 -6.22
C GLU C 479 -39.11 43.80 -7.65
N SER C 480 -39.36 44.69 -8.61
CA SER C 480 -39.04 44.38 -10.00
C SER C 480 -37.53 44.21 -10.19
N VAL C 481 -36.72 44.93 -9.40
CA VAL C 481 -35.27 44.79 -9.53
C VAL C 481 -34.81 43.44 -9.00
N LYS C 482 -35.28 43.06 -7.80
CA LYS C 482 -34.98 41.74 -7.25
C LYS C 482 -35.59 40.60 -8.07
N ASN C 483 -36.73 40.85 -8.70
CA ASN C 483 -37.43 39.90 -9.55
C ASN C 483 -36.77 39.75 -10.91
N GLY C 484 -35.83 40.61 -11.27
CA GLY C 484 -35.27 40.61 -12.59
C GLY C 484 -36.11 41.37 -13.61
N THR C 485 -37.35 41.68 -13.30
CA THR C 485 -38.28 42.27 -14.26
C THR C 485 -38.38 43.78 -14.09
N TYR C 486 -37.22 44.45 -14.02
CA TYR C 486 -37.21 45.90 -13.90
C TYR C 486 -37.53 46.53 -15.25
N ASP C 487 -38.42 47.53 -15.24
CA ASP C 487 -38.92 48.14 -16.47
C ASP C 487 -38.16 49.43 -16.72
N TYR C 488 -36.93 49.27 -17.21
CA TYR C 488 -36.06 50.41 -17.48
C TYR C 488 -36.68 51.51 -18.33
N PRO C 489 -37.39 51.22 -19.45
CA PRO C 489 -37.93 52.32 -20.26
C PRO C 489 -38.85 53.25 -19.49
N LYS C 490 -39.59 52.73 -18.50
CA LYS C 490 -40.51 53.57 -17.74
C LYS C 490 -39.78 54.77 -17.12
N TYR C 491 -38.61 54.53 -16.55
CA TYR C 491 -37.86 55.59 -15.88
C TYR C 491 -36.81 56.19 -16.80
#